data_5XMR
#
_entry.id   5XMR
#
_cell.length_a   101.425
_cell.length_b   58.537
_cell.length_c   234.912
_cell.angle_alpha   90.000
_cell.angle_beta   90.080
_cell.angle_gamma   90.000
#
_symmetry.space_group_name_H-M   'C 1 2 1'
#
loop_
_entity.id
_entity.type
_entity.pdbx_description
1 polymer 'Serine hydroxymethyltransferase'
2 non-polymer N-GLYCINE-[3-HYDROXY-2-METHYL-5-PHOSPHONOOXYMETHYL-PYRIDIN-4-YL-METHANE]
3 non-polymer '(4~{S})-6-azanyl-3-methyl-4-[3-[4-(phenylmethyl)sulfonylphenyl]-5-(trifluoromethyl)phenyl]-4-propan-2-yl-2~{H}-pyrano[2 ,3-c]pyrazole-5-carbonitrile'
4 non-polymer 'CHLORIDE ION'
5 water water
#
_entity_poly.entity_id   1
_entity_poly.type   'polypeptide(L)'
_entity_poly.pdbx_seq_one_letter_code
;MFNNEPLEQIDKELHDILADEEKRQRETINLIASENLTNGAVRECLGNRVSNKYSEGYPKKRYYGGNDFIDKIEELCQKR
ALEAFNVSDEEWGVNVQPLSGSAANVQALYALVGVKGKIMGMHLCSGGHLTHGFFDEKKKVSITSDMFESKLYKCNSQGY
VDLDAVREMALSFKPKVIICGYTSYPRDIDYQQFRQICDEVNAYLFADISHISSFVACNILNNPFLHADVVTTTTHKILR
GPRSALIFFNKKRNPGIEQKINSAVFPSFQGGPHNNKIAAVACQLKEVHSPAFKEYTQQVLLNSKALAKALISKQIDLVT
NGTDNHLIVVDLRKFSITGSKLQETCNAINVSLNKNTIPSDVDAVSPSGVRIGTPAMTTRGAKEKDMEFIADVLARAIKI
TVDLQEQYGKKLVDFKKGLPGNAQLQQLKQEVVTWAGALPFP
;
_entity_poly.pdbx_strand_id   A,B,C
#
loop_
_chem_comp.id
_chem_comp.type
_chem_comp.name
_chem_comp.formula
8AO non-polymer '(4~{S})-6-azanyl-3-methyl-4-[3-[4-(phenylmethyl)sulfonylphenyl]-5-(trifluoromethyl)phenyl]-4-propan-2-yl-2~{H}-pyrano[2 ,3-c]pyrazole-5-carbonitrile' 'C31 H27 F3 N4 O3 S'
CL non-polymer 'CHLORIDE ION' 'Cl -1'
PLG non-polymer N-GLYCINE-[3-HYDROXY-2-METHYL-5-PHOSPHONOOXYMETHYL-PYRIDIN-4-YL-METHANE] 'C10 H15 N2 O7 P'
#
# COMPACT_ATOMS: atom_id res chain seq x y z
N MET A 1 -19.80 -9.40 -6.01
CA MET A 1 -19.79 -10.89 -5.98
C MET A 1 -19.81 -11.42 -4.52
N PHE A 2 -20.83 -11.01 -3.77
CA PHE A 2 -20.98 -11.35 -2.33
C PHE A 2 -22.45 -11.56 -1.95
N ASN A 3 -22.65 -12.26 -0.83
CA ASN A 3 -23.99 -12.45 -0.23
C ASN A 3 -24.28 -11.39 0.84
N ASN A 4 -25.38 -10.65 0.66
CA ASN A 4 -25.79 -9.60 1.60
C ASN A 4 -27.10 -9.87 2.36
N GLU A 5 -27.57 -11.12 2.34
CA GLU A 5 -28.69 -11.53 3.21
C GLU A 5 -28.33 -11.29 4.70
N PRO A 6 -29.32 -10.92 5.54
CA PRO A 6 -29.06 -10.75 6.98
C PRO A 6 -28.72 -12.06 7.69
N LEU A 7 -28.14 -11.91 8.89
CA LEU A 7 -27.58 -13.04 9.68
C LEU A 7 -28.59 -14.17 9.89
N GLU A 8 -29.83 -13.79 10.19
CA GLU A 8 -30.95 -14.72 10.38
C GLU A 8 -31.17 -15.65 9.18
N GLN A 9 -31.20 -15.08 7.99
CA GLN A 9 -31.47 -15.83 6.77
C GLN A 9 -30.23 -16.60 6.34
N ILE A 10 -29.10 -15.91 6.21
CA ILE A 10 -27.81 -16.51 5.82
C ILE A 10 -27.39 -17.68 6.71
N ASP A 11 -27.48 -17.50 8.01
CA ASP A 11 -27.05 -18.53 8.96
C ASP A 11 -28.04 -18.56 10.10
N LYS A 12 -29.11 -19.31 9.89
CA LYS A 12 -30.16 -19.49 10.91
C LYS A 12 -29.65 -20.32 12.09
N GLU A 13 -28.79 -21.30 11.83
CA GLU A 13 -28.26 -22.14 12.92
C GLU A 13 -27.59 -21.27 14.00
N LEU A 14 -26.67 -20.40 13.55
CA LEU A 14 -25.90 -19.50 14.43
C LEU A 14 -26.78 -18.49 15.10
N HIS A 15 -27.69 -17.89 14.33
CA HIS A 15 -28.56 -16.81 14.81
C HIS A 15 -29.45 -17.22 15.99
N ASP A 16 -29.87 -18.48 16.02
CA ASP A 16 -30.70 -19.00 17.12
C ASP A 16 -29.91 -19.04 18.43
N ILE A 17 -28.67 -19.51 18.36
CA ILE A 17 -27.80 -19.62 19.54
C ILE A 17 -27.51 -18.22 20.09
N LEU A 18 -27.30 -17.25 19.20
CA LEU A 18 -27.08 -15.87 19.61
C LEU A 18 -28.32 -15.32 20.29
N ALA A 19 -29.49 -15.63 19.74
CA ALA A 19 -30.74 -15.24 20.39
C ALA A 19 -30.86 -15.93 21.76
N ASP A 20 -30.49 -17.21 21.81
CA ASP A 20 -30.43 -17.95 23.08
C ASP A 20 -29.44 -17.31 24.09
N GLU A 21 -28.24 -16.95 23.61
CA GLU A 21 -27.23 -16.22 24.40
C GLU A 21 -27.78 -14.90 24.89
N GLU A 22 -28.43 -14.16 23.99
CA GLU A 22 -29.07 -12.89 24.31
C GLU A 22 -30.11 -13.09 25.43
N LYS A 23 -30.85 -14.19 25.35
CA LYS A 23 -31.89 -14.49 26.32
C LYS A 23 -31.25 -14.84 27.69
N ARG A 24 -30.23 -15.67 27.69
CA ARG A 24 -29.56 -16.10 28.91
C ARG A 24 -28.98 -14.92 29.71
N GLN A 25 -28.29 -14.01 29.03
CA GLN A 25 -27.72 -12.79 29.62
C GLN A 25 -28.76 -11.85 30.22
N ARG A 26 -29.86 -11.67 29.48
CA ARG A 26 -31.02 -10.88 29.93
C ARG A 26 -31.70 -11.51 31.14
N GLU A 27 -31.55 -12.83 31.33
CA GLU A 27 -32.20 -13.55 32.40
C GLU A 27 -31.24 -14.09 33.46
N THR A 28 -30.05 -13.50 33.55
CA THR A 28 -29.04 -13.98 34.47
C THR A 28 -28.71 -12.84 35.44
N ILE A 29 -28.59 -13.17 36.73
CA ILE A 29 -27.97 -12.27 37.70
C ILE A 29 -26.43 -12.46 37.58
N ASN A 30 -25.81 -11.57 36.80
CA ASN A 30 -24.40 -11.68 36.43
C ASN A 30 -23.50 -11.03 37.49
N LEU A 31 -22.88 -11.84 38.33
CA LEU A 31 -21.94 -11.35 39.32
C LEU A 31 -20.49 -11.58 38.92
N ILE A 32 -20.21 -11.86 37.65
CA ILE A 32 -18.79 -12.03 37.25
C ILE A 32 -18.12 -10.66 37.33
N ALA A 33 -17.13 -10.53 38.18
CA ALA A 33 -16.55 -9.24 38.51
C ALA A 33 -15.93 -8.53 37.32
N SER A 34 -15.45 -9.32 36.36
CA SER A 34 -14.82 -8.83 35.13
C SER A 34 -15.76 -8.57 33.96
N GLU A 35 -17.04 -8.89 34.10
CA GLU A 35 -18.00 -8.74 33.01
C GLU A 35 -18.74 -7.44 33.12
N ASN A 36 -19.33 -7.04 32.00
CA ASN A 36 -20.17 -5.85 31.88
C ASN A 36 -21.06 -5.99 30.67
N LEU A 37 -21.87 -4.98 30.40
CA LEU A 37 -22.75 -4.97 29.24
C LEU A 37 -22.49 -3.70 28.46
N THR A 38 -22.11 -3.85 27.20
CA THR A 38 -21.79 -2.71 26.33
C THR A 38 -23.06 -2.14 25.73
N ASN A 39 -23.05 -0.83 25.48
CA ASN A 39 -24.18 -0.15 24.84
C ASN A 39 -24.22 -0.36 23.33
N GLY A 40 -25.31 0.05 22.71
CA GLY A 40 -25.46 -0.06 21.25
C GLY A 40 -24.40 0.71 20.45
N ALA A 41 -23.93 1.82 20.99
CA ALA A 41 -22.94 2.65 20.32
C ALA A 41 -21.60 1.96 20.20
N VAL A 42 -21.16 1.38 21.30
CA VAL A 42 -19.93 0.58 21.33
C VAL A 42 -19.99 -0.63 20.40
N ARG A 43 -21.15 -1.26 20.31
CA ARG A 43 -21.32 -2.40 19.40
C ARG A 43 -21.48 -2.02 17.92
N GLU A 44 -21.94 -0.81 17.63
CA GLU A 44 -22.03 -0.28 16.24
C GLU A 44 -20.65 -0.02 15.65
N CYS A 45 -19.69 0.31 16.52
CA CYS A 45 -18.29 0.47 16.15
C CYS A 45 -17.67 -0.87 15.85
N LEU A 46 -17.93 -1.83 16.73
CA LEU A 46 -17.40 -3.18 16.57
C LEU A 46 -17.88 -3.82 15.25
N GLY A 47 -19.09 -3.48 14.80
CA GLY A 47 -19.61 -3.94 13.51
C GLY A 47 -19.31 -3.03 12.31
N ASN A 48 -18.46 -2.03 12.53
CA ASN A 48 -18.17 -1.04 11.53
C ASN A 48 -17.21 -1.58 10.48
N ARG A 49 -17.29 -1.03 9.27
CA ARG A 49 -16.39 -1.39 8.16
C ARG A 49 -14.95 -0.90 8.32
N VAL A 50 -14.68 -0.14 9.37
CA VAL A 50 -13.32 0.28 9.67
C VAL A 50 -12.33 -0.90 9.86
N SER A 51 -12.85 -2.06 10.27
CA SER A 51 -12.07 -3.30 10.44
C SER A 51 -11.55 -3.89 9.13
N ASN A 52 -12.12 -3.46 8.00
CA ASN A 52 -11.58 -3.77 6.69
C ASN A 52 -10.13 -3.31 6.38
N LYS A 53 -9.59 -2.41 7.19
CA LYS A 53 -8.38 -1.70 6.81
C LYS A 53 -7.16 -2.27 7.50
N TYR A 54 -6.13 -2.51 6.69
CA TYR A 54 -4.80 -2.85 7.20
C TYR A 54 -4.00 -1.56 7.42
N SER A 55 -3.70 -1.27 8.67
CA SER A 55 -3.03 -0.04 9.03
C SER A 55 -1.93 -0.31 10.02
N GLU A 56 -1.00 -1.16 9.62
CA GLU A 56 0.19 -1.47 10.43
C GLU A 56 1.07 -0.26 10.63
N GLY A 57 1.44 -0.03 11.87
CA GLY A 57 2.37 1.03 12.24
C GLY A 57 1.68 1.94 13.23
N TYR A 58 1.97 3.22 13.14
CA TYR A 58 1.33 4.22 14.00
C TYR A 58 0.79 5.34 13.16
N PRO A 59 -0.02 6.23 13.77
CA PRO A 59 -0.58 7.32 12.99
C PRO A 59 0.52 8.23 12.43
N LYS A 60 0.40 8.58 11.15
CA LYS A 60 1.40 9.39 10.41
C LYS A 60 2.71 8.64 10.11
N LYS A 61 2.81 7.39 10.58
CA LYS A 61 3.97 6.53 10.37
C LYS A 61 3.47 5.14 9.97
N ARG A 62 2.46 5.18 9.11
CA ARG A 62 1.76 3.99 8.68
C ARG A 62 2.60 3.42 7.55
N TYR A 63 2.57 2.10 7.40
CA TYR A 63 3.25 1.43 6.29
C TYR A 63 2.56 1.75 4.99
N TYR A 64 1.23 1.73 5.00
CA TYR A 64 0.45 2.07 3.81
C TYR A 64 -0.27 3.38 3.99
N GLY A 65 -0.70 3.94 2.88
CA GLY A 65 -1.56 5.14 2.88
C GLY A 65 -3.00 4.72 2.87
N GLY A 66 -3.87 5.68 2.63
CA GLY A 66 -5.31 5.46 2.70
C GLY A 66 -5.76 5.30 4.15
N ASN A 67 -4.93 5.78 5.08
CA ASN A 67 -5.12 5.66 6.51
C ASN A 67 -5.38 7.00 7.20
N ASP A 68 -6.01 7.92 6.46
CA ASP A 68 -6.19 9.29 6.95
C ASP A 68 -7.31 9.32 7.97
N PHE A 69 -8.39 8.63 7.64
CA PHE A 69 -9.50 8.46 8.56
C PHE A 69 -9.18 7.49 9.71
N ILE A 70 -8.43 6.42 9.42
CA ILE A 70 -7.93 5.51 10.48
C ILE A 70 -7.00 6.26 11.45
N ASP A 71 -6.12 7.12 10.93
CA ASP A 71 -5.24 7.95 11.76
C ASP A 71 -5.99 8.91 12.69
N LYS A 72 -7.06 9.51 12.20
CA LYS A 72 -7.91 10.39 13.03
C LYS A 72 -8.55 9.63 14.18
N ILE A 73 -8.99 8.40 13.91
CA ILE A 73 -9.60 7.56 14.94
C ILE A 73 -8.60 7.11 15.97
N GLU A 74 -7.42 6.66 15.54
CA GLU A 74 -6.42 6.20 16.51
C GLU A 74 -5.91 7.34 17.36
N GLU A 75 -5.88 8.56 16.80
CA GLU A 75 -5.42 9.76 17.57
C GLU A 75 -6.50 10.26 18.52
N LEU A 76 -7.74 10.26 18.08
CA LEU A 76 -8.89 10.59 18.94
C LEU A 76 -9.04 9.61 20.13
N CYS A 77 -8.62 8.36 19.92
CA CYS A 77 -8.66 7.35 20.96
C CYS A 77 -7.57 7.62 21.98
N GLN A 78 -6.34 7.86 21.51
CA GLN A 78 -5.19 8.09 22.41
C GLN A 78 -5.42 9.31 23.29
N LYS A 79 -5.95 10.37 22.69
CA LYS A 79 -6.23 11.62 23.38
C LYS A 79 -7.23 11.33 24.49
N ARG A 80 -8.39 10.80 24.10
CA ARG A 80 -9.46 10.49 25.03
C ARG A 80 -9.04 9.56 26.19
N ALA A 81 -8.05 8.71 25.97
CA ALA A 81 -7.49 7.85 27.05
C ALA A 81 -6.78 8.64 28.13
N LEU A 82 -5.99 9.61 27.69
CA LEU A 82 -5.16 10.40 28.58
C LEU A 82 -6.02 11.41 29.38
N GLU A 83 -7.00 11.98 28.69
CA GLU A 83 -8.07 12.79 29.29
C GLU A 83 -8.85 12.01 30.34
N ALA A 84 -9.25 10.78 29.98
CA ALA A 84 -10.04 9.93 30.88
C ALA A 84 -9.28 9.57 32.15
N PHE A 85 -8.00 9.25 32.03
CA PHE A 85 -7.14 9.01 33.20
C PHE A 85 -6.37 10.24 33.74
N ASN A 86 -6.81 11.44 33.34
CA ASN A 86 -6.33 12.71 33.91
C ASN A 86 -4.79 12.80 33.96
N VAL A 87 -4.20 12.65 32.78
CA VAL A 87 -2.75 12.74 32.60
C VAL A 87 -2.51 13.69 31.43
N SER A 88 -1.34 14.33 31.48
CA SER A 88 -0.97 15.30 30.45
C SER A 88 -0.27 14.56 29.31
N ASP A 89 -0.69 14.80 28.07
CA ASP A 89 -0.08 14.13 26.91
C ASP A 89 1.42 14.46 26.76
N GLU A 90 1.84 15.49 27.49
CA GLU A 90 3.24 15.87 27.57
C GLU A 90 4.04 14.92 28.46
N GLU A 91 3.43 14.41 29.54
CA GLU A 91 4.08 13.49 30.51
C GLU A 91 3.80 11.97 30.29
N TRP A 92 2.65 11.66 29.70
CA TRP A 92 2.20 10.26 29.56
C TRP A 92 1.91 9.97 28.10
N GLY A 93 2.29 8.78 27.68
CA GLY A 93 1.88 8.26 26.38
C GLY A 93 0.98 7.03 26.54
N VAL A 94 0.19 6.78 25.51
CA VAL A 94 -0.68 5.63 25.46
C VAL A 94 -0.66 4.88 24.12
N ASN A 95 -0.52 3.55 24.21
CA ASN A 95 -0.68 2.63 23.04
C ASN A 95 -2.09 1.98 23.05
N VAL A 96 -2.83 2.16 21.96
CA VAL A 96 -4.22 1.70 21.85
C VAL A 96 -4.40 0.49 20.95
N GLN A 97 -3.29 -0.16 20.58
CA GLN A 97 -3.34 -1.30 19.70
C GLN A 97 -3.44 -2.71 20.32
N PRO A 98 -3.07 -2.89 21.62
CA PRO A 98 -3.15 -4.26 22.17
C PRO A 98 -4.54 -4.86 22.11
N LEU A 99 -4.62 -6.09 21.62
CA LEU A 99 -5.90 -6.70 21.32
C LEU A 99 -6.66 -7.13 22.55
N SER A 100 -5.96 -7.41 23.64
CA SER A 100 -6.61 -7.82 24.88
C SER A 100 -5.64 -7.63 26.03
N GLY A 101 -6.14 -7.75 27.26
CA GLY A 101 -5.29 -7.49 28.40
C GLY A 101 -4.02 -8.32 28.52
N SER A 102 -4.09 -9.58 28.13
CA SER A 102 -2.94 -10.49 28.28
C SER A 102 -1.88 -10.20 27.22
N ALA A 103 -2.32 -9.90 26.01
CA ALA A 103 -1.42 -9.37 25.01
C ALA A 103 -0.69 -8.10 25.50
N ALA A 104 -1.45 -7.12 25.99
CA ALA A 104 -0.92 -5.86 26.51
C ALA A 104 0.11 -6.06 27.59
N ASN A 105 -0.20 -6.85 28.62
CA ASN A 105 0.77 -7.10 29.69
C ASN A 105 2.09 -7.75 29.23
N VAL A 106 2.06 -8.73 28.32
CA VAL A 106 3.30 -9.37 27.79
C VAL A 106 4.12 -8.37 26.98
N GLN A 107 3.43 -7.64 26.11
CA GLN A 107 4.00 -6.58 25.30
C GLN A 107 4.70 -5.54 26.15
N ALA A 108 4.03 -5.06 27.19
CA ALA A 108 4.66 -4.10 28.11
C ALA A 108 5.84 -4.73 28.86
N LEU A 109 5.68 -5.94 29.34
CA LEU A 109 6.76 -6.57 30.09
C LEU A 109 8.00 -6.76 29.21
N TYR A 110 7.80 -7.17 27.97
CA TYR A 110 8.92 -7.40 27.07
C TYR A 110 9.66 -6.08 26.76
N ALA A 111 8.89 -5.02 26.46
CA ALA A 111 9.43 -3.65 26.34
C ALA A 111 10.41 -3.27 27.45
N LEU A 112 9.98 -3.42 28.70
CA LEU A 112 10.75 -3.00 29.87
C LEU A 112 11.97 -3.86 30.17
N VAL A 113 11.85 -5.19 30.03
CA VAL A 113 12.90 -6.11 30.47
C VAL A 113 13.49 -7.07 29.43
N GLY A 114 12.71 -7.42 28.40
CA GLY A 114 13.16 -8.34 27.36
C GLY A 114 13.21 -9.79 27.79
N VAL A 115 13.63 -10.65 26.87
CA VAL A 115 13.69 -12.08 27.12
C VAL A 115 14.76 -12.34 28.18
N LYS A 116 14.47 -13.33 29.02
CA LYS A 116 15.23 -13.65 30.22
C LYS A 116 15.09 -12.63 31.37
N GLY A 117 14.35 -11.53 31.16
CA GLY A 117 14.21 -10.47 32.14
C GLY A 117 13.56 -10.92 33.45
N LYS A 118 13.92 -10.26 34.55
CA LYS A 118 13.42 -10.60 35.89
C LYS A 118 12.18 -9.77 36.18
N ILE A 119 11.08 -10.44 36.55
CA ILE A 119 9.85 -9.76 36.98
C ILE A 119 9.28 -10.31 38.29
N MET A 120 8.50 -9.49 38.97
CA MET A 120 7.83 -9.87 40.21
C MET A 120 6.35 -9.55 40.07
N GLY A 121 5.52 -10.44 40.60
CA GLY A 121 4.09 -10.20 40.63
C GLY A 121 3.41 -10.96 41.74
N MET A 122 2.14 -10.63 41.95
CA MET A 122 1.34 -11.36 42.91
C MET A 122 0.91 -12.66 42.27
N HIS A 123 0.96 -13.70 43.11
CA HIS A 123 0.62 -15.07 42.78
C HIS A 123 -0.85 -15.13 42.43
N LEU A 124 -1.18 -15.98 41.46
CA LEU A 124 -2.57 -16.17 41.03
C LEU A 124 -3.49 -16.55 42.18
N CYS A 125 -3.10 -17.56 42.95
CA CYS A 125 -3.80 -17.99 44.19
C CYS A 125 -4.16 -16.82 45.13
N SER A 126 -3.26 -15.86 45.25
CA SER A 126 -3.42 -14.70 46.11
C SER A 126 -4.15 -13.52 45.48
N GLY A 127 -4.57 -13.65 44.22
CA GLY A 127 -5.34 -12.61 43.53
C GLY A 127 -4.69 -11.97 42.31
N GLY A 128 -3.48 -12.41 41.96
CA GLY A 128 -2.84 -11.95 40.75
C GLY A 128 -3.36 -12.59 39.47
N HIS A 129 -2.97 -12.01 38.32
CA HIS A 129 -3.27 -12.56 37.03
C HIS A 129 -2.20 -13.52 36.55
N LEU A 130 -2.56 -14.29 35.53
CA LEU A 130 -1.66 -15.24 34.87
C LEU A 130 -0.46 -14.53 34.28
N THR A 131 -0.73 -13.41 33.58
CA THR A 131 0.29 -12.55 32.96
C THR A 131 1.26 -11.83 33.90
N HIS A 132 1.13 -12.03 35.22
CA HIS A 132 2.04 -11.43 36.21
C HIS A 132 3.10 -12.43 36.61
N GLY A 133 3.40 -13.36 35.72
CA GLY A 133 4.46 -14.33 35.92
C GLY A 133 4.03 -15.65 36.51
N PHE A 134 2.74 -15.98 36.41
CA PHE A 134 2.22 -17.15 37.08
C PHE A 134 2.77 -18.46 36.55
N PHE A 135 3.24 -19.31 37.48
CA PHE A 135 3.59 -20.68 37.18
C PHE A 135 3.28 -21.60 38.34
N ASP A 136 3.49 -22.89 38.06
CA ASP A 136 3.36 -24.00 39.00
C ASP A 136 4.73 -24.66 39.04
N GLU A 137 4.99 -25.48 40.05
CA GLU A 137 6.29 -26.20 40.07
C GLU A 137 6.35 -27.12 38.85
N LYS A 138 5.20 -27.73 38.55
CA LYS A 138 5.02 -28.64 37.39
C LYS A 138 5.28 -28.02 36.02
N LYS A 139 4.86 -26.77 35.82
CA LYS A 139 4.94 -26.14 34.50
C LYS A 139 4.94 -24.61 34.56
N LYS A 140 5.69 -24.00 33.65
CA LYS A 140 5.63 -22.57 33.39
C LYS A 140 4.34 -22.24 32.63
N VAL A 141 3.31 -21.98 33.41
CA VAL A 141 1.92 -21.95 32.95
C VAL A 141 1.68 -20.77 32.01
N SER A 142 2.26 -19.62 32.36
CA SER A 142 2.10 -18.42 31.56
C SER A 142 3.40 -18.13 30.83
N ILE A 143 3.31 -17.58 29.63
CA ILE A 143 4.51 -17.15 28.90
C ILE A 143 5.34 -16.18 29.75
N THR A 144 4.65 -15.39 30.59
CA THR A 144 5.31 -14.47 31.52
C THR A 144 6.21 -15.15 32.56
N SER A 145 6.02 -16.43 32.82
CA SER A 145 6.94 -17.19 33.67
C SER A 145 8.10 -17.82 32.89
N ASP A 146 7.95 -17.93 31.57
CA ASP A 146 8.87 -18.69 30.71
C ASP A 146 9.76 -17.81 29.86
N MET A 147 9.18 -16.79 29.25
CA MET A 147 9.96 -15.84 28.45
C MET A 147 10.61 -14.78 29.34
N PHE A 148 10.18 -14.72 30.60
CA PHE A 148 10.78 -13.92 31.64
C PHE A 148 11.13 -14.87 32.78
N GLU A 149 11.95 -14.40 33.72
CA GLU A 149 12.21 -15.12 34.97
C GLU A 149 11.32 -14.46 36.01
N SER A 150 10.34 -15.20 36.53
CA SER A 150 9.36 -14.60 37.43
C SER A 150 9.47 -15.09 38.86
N LYS A 151 9.18 -14.19 39.80
CA LYS A 151 9.02 -14.55 41.20
C LYS A 151 7.67 -14.05 41.69
N LEU A 152 7.02 -14.81 42.56
CA LEU A 152 5.67 -14.48 42.97
C LEU A 152 5.54 -14.25 44.47
N TYR A 153 5.00 -13.10 44.84
CA TYR A 153 4.76 -12.77 46.28
C TYR A 153 3.35 -13.15 46.71
N LYS A 154 3.20 -13.46 47.99
CA LYS A 154 1.93 -13.96 48.53
C LYS A 154 1.27 -12.90 49.39
N CYS A 155 -0.06 -12.89 49.39
CA CYS A 155 -0.83 -12.09 50.34
C CYS A 155 -0.83 -12.83 51.67
N ASN A 156 -1.07 -12.12 52.76
CA ASN A 156 -1.11 -12.72 54.11
C ASN A 156 -2.36 -13.56 54.38
N SER A 157 -2.44 -14.22 55.54
CA SER A 157 -3.60 -15.08 55.85
C SER A 157 -4.97 -14.36 55.86
N GLN A 158 -4.98 -13.03 56.01
CA GLN A 158 -6.20 -12.22 55.93
C GLN A 158 -6.57 -11.74 54.53
N GLY A 159 -5.73 -12.03 53.53
CA GLY A 159 -5.99 -11.62 52.13
C GLY A 159 -5.41 -10.29 51.68
N TYR A 160 -4.51 -9.73 52.47
CA TYR A 160 -3.95 -8.42 52.18
C TYR A 160 -2.55 -8.59 51.61
N VAL A 161 -2.14 -7.63 50.77
CA VAL A 161 -0.75 -7.53 50.30
C VAL A 161 0.10 -7.22 51.51
N ASP A 162 1.18 -7.99 51.66
CA ASP A 162 2.13 -7.83 52.74
C ASP A 162 3.41 -7.21 52.17
N LEU A 163 3.48 -5.88 52.22
CA LEU A 163 4.61 -5.12 51.65
C LEU A 163 5.97 -5.48 52.21
N ASP A 164 6.03 -5.93 53.45
CA ASP A 164 7.31 -6.41 54.00
C ASP A 164 7.84 -7.58 53.18
N ALA A 165 6.96 -8.51 52.84
CA ALA A 165 7.33 -9.66 52.01
C ALA A 165 7.76 -9.23 50.60
N VAL A 166 7.05 -8.26 50.04
CA VAL A 166 7.40 -7.67 48.72
C VAL A 166 8.84 -7.09 48.71
N ARG A 167 9.18 -6.34 49.75
CA ARG A 167 10.54 -5.80 49.94
C ARG A 167 11.57 -6.93 50.10
N GLU A 168 11.32 -7.83 51.04
CA GLU A 168 12.17 -9.02 51.30
C GLU A 168 12.52 -9.77 50.00
N MET A 169 11.51 -9.96 49.16
CA MET A 169 11.67 -10.64 47.87
C MET A 169 12.35 -9.70 46.85
N ALA A 170 11.92 -8.44 46.79
CA ALA A 170 12.53 -7.48 45.86
C ALA A 170 14.06 -7.28 46.03
N LEU A 171 14.52 -7.06 47.26
CA LEU A 171 15.94 -6.88 47.56
C LEU A 171 16.75 -8.15 47.30
N SER A 172 16.18 -9.30 47.59
CA SER A 172 16.82 -10.57 47.31
C SER A 172 16.81 -10.90 45.81
N PHE A 173 15.63 -10.84 45.19
CA PHE A 173 15.45 -11.21 43.79
C PHE A 173 15.99 -10.19 42.79
N LYS A 174 15.94 -8.91 43.15
CA LYS A 174 16.50 -7.83 42.32
C LYS A 174 15.85 -7.77 40.93
N PRO A 175 14.50 -7.68 40.87
CA PRO A 175 13.90 -7.66 39.55
C PRO A 175 14.04 -6.31 38.90
N LYS A 176 13.73 -6.24 37.62
CA LYS A 176 13.66 -4.98 36.87
C LYS A 176 12.25 -4.41 36.82
N VAL A 177 11.25 -5.26 37.08
CA VAL A 177 9.85 -4.83 37.11
C VAL A 177 9.12 -5.49 38.28
N ILE A 178 8.29 -4.70 38.97
CA ILE A 178 7.38 -5.24 39.97
C ILE A 178 5.99 -4.84 39.58
N ILE A 179 5.07 -5.79 39.59
CA ILE A 179 3.69 -5.54 39.13
C ILE A 179 2.69 -5.55 40.28
N CYS A 180 1.80 -4.57 40.29
CA CYS A 180 0.70 -4.57 41.23
C CYS A 180 -0.52 -4.22 40.42
N GLY A 181 -1.70 -4.38 41.05
CA GLY A 181 -2.99 -4.30 40.36
C GLY A 181 -3.31 -5.73 39.96
N TYR A 182 -4.53 -6.17 40.26
CA TYR A 182 -4.79 -7.59 40.38
C TYR A 182 -6.15 -8.02 39.84
N THR A 183 -6.40 -9.32 39.80
CA THR A 183 -7.63 -9.83 39.15
C THR A 183 -8.75 -10.05 40.15
N SER A 184 -8.41 -10.55 41.34
CA SER A 184 -9.39 -10.77 42.39
C SER A 184 -8.93 -10.27 43.75
N TYR A 185 -8.54 -9.01 43.79
CA TYR A 185 -8.10 -8.36 45.02
C TYR A 185 -9.19 -7.35 45.42
N PRO A 186 -9.86 -7.58 46.58
CA PRO A 186 -10.98 -6.74 47.02
C PRO A 186 -10.61 -5.41 47.72
N ARG A 187 -9.31 -5.10 47.84
CA ARG A 187 -8.86 -3.83 48.45
C ARG A 187 -8.02 -2.92 47.53
N ASP A 188 -8.00 -1.63 47.87
CA ASP A 188 -7.15 -0.66 47.17
C ASP A 188 -5.66 -0.98 47.42
N ILE A 189 -4.79 -0.36 46.63
CA ILE A 189 -3.35 -0.66 46.61
C ILE A 189 -2.53 0.53 47.13
N ASP A 190 -1.42 0.25 47.81
CA ASP A 190 -0.47 1.30 48.21
C ASP A 190 0.63 1.48 47.15
N TYR A 191 0.36 2.29 46.15
CA TYR A 191 1.26 2.48 45.02
C TYR A 191 2.49 3.22 45.45
N GLN A 192 2.31 4.14 46.41
CA GLN A 192 3.42 4.90 46.97
C GLN A 192 4.44 3.98 47.60
N GLN A 193 4.01 3.05 48.43
CA GLN A 193 4.91 2.07 49.01
C GLN A 193 5.48 1.07 48.01
N PHE A 194 4.77 0.82 46.90
CA PHE A 194 5.32 0.03 45.79
C PHE A 194 6.44 0.77 45.06
N ARG A 195 6.21 2.04 44.76
CA ARG A 195 7.23 2.95 44.19
C ARG A 195 8.52 3.01 45.01
N GLN A 196 8.36 3.15 46.31
CA GLN A 196 9.49 3.21 47.23
C GLN A 196 10.30 1.92 47.19
N ILE A 197 9.61 0.78 47.12
CA ILE A 197 10.31 -0.51 47.01
C ILE A 197 10.97 -0.63 45.64
N CYS A 198 10.25 -0.23 44.61
CA CYS A 198 10.78 -0.26 43.25
C CYS A 198 12.05 0.61 43.14
N ASP A 199 11.97 1.86 43.64
CA ASP A 199 13.11 2.80 43.70
C ASP A 199 14.33 2.25 44.46
N GLU A 200 14.06 1.47 45.50
CA GLU A 200 15.13 0.84 46.29
C GLU A 200 16.00 -0.13 45.51
N VAL A 201 15.39 -0.83 44.56
CA VAL A 201 16.06 -1.89 43.79
C VAL A 201 16.26 -1.51 42.32
N ASN A 202 15.90 -0.28 41.97
CA ASN A 202 16.02 0.21 40.59
C ASN A 202 15.14 -0.59 39.61
N ALA A 203 13.90 -0.84 40.06
CA ALA A 203 12.92 -1.59 39.28
C ALA A 203 11.85 -0.65 38.78
N TYR A 204 11.25 -1.03 37.65
CA TYR A 204 10.08 -0.35 37.11
C TYR A 204 8.82 -0.66 37.96
N LEU A 205 7.89 0.29 38.02
CA LEU A 205 6.59 0.07 38.66
C LEU A 205 5.52 -0.08 37.60
N PHE A 206 4.89 -1.25 37.61
CA PHE A 206 3.91 -1.67 36.62
C PHE A 206 2.58 -1.84 37.38
N ALA A 207 1.55 -1.14 36.92
CA ALA A 207 0.25 -1.20 37.54
C ALA A 207 -0.76 -1.70 36.54
N ASP A 208 -1.45 -2.79 36.89
CA ASP A 208 -2.49 -3.38 36.06
C ASP A 208 -3.82 -3.11 36.73
N ILE A 209 -4.51 -2.09 36.23
CA ILE A 209 -5.74 -1.56 36.85
C ILE A 209 -7.02 -1.95 36.09
N SER A 210 -6.93 -3.05 35.34
CA SER A 210 -8.04 -3.58 34.52
C SER A 210 -9.32 -3.75 35.31
N HIS A 211 -9.20 -4.30 36.52
CA HIS A 211 -10.38 -4.46 37.38
C HIS A 211 -10.93 -3.16 37.95
N ILE A 212 -10.04 -2.20 38.22
CA ILE A 212 -10.43 -0.98 38.94
C ILE A 212 -10.40 0.31 38.11
N SER A 213 -10.25 0.19 36.79
CA SER A 213 -9.90 1.34 35.93
C SER A 213 -10.83 2.54 36.07
N SER A 214 -12.13 2.28 36.15
CA SER A 214 -13.14 3.30 36.34
C SER A 214 -12.92 4.06 37.65
N PHE A 215 -12.55 3.36 38.70
CA PHE A 215 -12.30 3.99 39.99
C PHE A 215 -11.10 4.92 39.93
N VAL A 216 -10.06 4.50 39.19
CA VAL A 216 -8.85 5.29 39.05
C VAL A 216 -9.16 6.55 38.24
N ALA A 217 -9.90 6.37 37.15
CA ALA A 217 -10.25 7.48 36.28
C ALA A 217 -11.11 8.48 37.00
N CYS A 218 -12.11 7.99 37.72
CA CYS A 218 -13.10 8.84 38.40
C CYS A 218 -12.62 9.41 39.73
N ASN A 219 -11.41 9.08 40.16
CA ASN A 219 -10.81 9.64 41.39
C ASN A 219 -11.37 9.11 42.72
N ILE A 220 -12.02 7.94 42.66
CA ILE A 220 -12.61 7.29 43.83
C ILE A 220 -11.57 6.40 44.54
N LEU A 221 -10.59 5.89 43.81
CA LEU A 221 -9.53 5.08 44.39
C LEU A 221 -8.16 5.71 44.17
N ASN A 222 -7.15 5.18 44.85
CA ASN A 222 -5.77 5.61 44.68
C ASN A 222 -5.37 5.68 43.23
N ASN A 223 -4.65 6.74 42.87
CA ASN A 223 -4.16 6.96 41.50
C ASN A 223 -2.76 6.34 41.34
N PRO A 224 -2.64 5.32 40.48
CA PRO A 224 -1.30 4.77 40.31
C PRO A 224 -0.44 5.61 39.34
N PHE A 225 -1.06 6.51 38.58
CA PHE A 225 -0.33 7.38 37.66
C PHE A 225 0.68 8.30 38.35
N LEU A 226 0.44 8.62 39.61
CA LEU A 226 1.37 9.41 40.38
C LEU A 226 2.69 8.70 40.64
N HIS A 227 2.69 7.37 40.70
CA HIS A 227 3.92 6.62 41.00
C HIS A 227 4.36 5.57 40.00
N ALA A 228 3.59 5.28 38.95
CA ALA A 228 3.94 4.13 38.09
C ALA A 228 4.58 4.52 36.76
N ASP A 229 5.59 3.76 36.38
CA ASP A 229 6.22 3.89 35.04
C ASP A 229 5.29 3.38 33.96
N VAL A 230 4.66 2.23 34.20
CA VAL A 230 3.69 1.66 33.25
C VAL A 230 2.34 1.34 33.89
N VAL A 231 1.27 1.69 33.21
CA VAL A 231 -0.05 1.33 33.66
C VAL A 231 -0.78 0.63 32.52
N THR A 232 -1.20 -0.62 32.75
CA THR A 232 -2.04 -1.34 31.77
C THR A 232 -3.46 -1.46 32.28
N THR A 233 -4.40 -1.45 31.35
CA THR A 233 -5.80 -1.69 31.63
C THR A 233 -6.47 -2.33 30.43
N THR A 234 -7.38 -3.28 30.70
CA THR A 234 -8.36 -3.68 29.71
C THR A 234 -9.45 -2.63 29.66
N THR A 235 -10.23 -2.69 28.60
CA THR A 235 -11.33 -1.74 28.39
C THR A 235 -12.74 -2.36 28.59
N HIS A 236 -12.82 -3.67 28.86
CA HIS A 236 -14.11 -4.43 28.79
C HIS A 236 -14.74 -4.79 30.13
N LYS A 237 -14.05 -4.50 31.21
CA LYS A 237 -14.55 -4.79 32.52
C LYS A 237 -15.33 -3.58 33.02
N ILE A 238 -14.91 -3.01 34.15
CA ILE A 238 -15.62 -1.92 34.81
C ILE A 238 -15.69 -0.67 33.91
N LEU A 239 -14.68 -0.52 33.04
CA LEU A 239 -14.66 0.56 32.03
C LEU A 239 -15.82 0.50 31.02
N ARG A 240 -16.41 -0.68 30.83
CA ARG A 240 -17.64 -0.85 30.03
C ARG A 240 -17.42 -0.71 28.51
N GLY A 241 -16.18 -0.90 28.08
CA GLY A 241 -15.82 -0.79 26.68
C GLY A 241 -15.79 -2.12 25.96
N PRO A 242 -15.24 -2.11 24.74
CA PRO A 242 -15.04 -3.34 23.97
C PRO A 242 -13.92 -4.18 24.56
N ARG A 243 -13.68 -5.34 23.97
CA ARG A 243 -12.58 -6.20 24.40
C ARG A 243 -11.25 -5.71 23.80
N SER A 244 -10.50 -4.95 24.60
CA SER A 244 -9.23 -4.40 24.18
C SER A 244 -8.40 -4.04 25.38
N ALA A 245 -7.21 -3.52 25.13
CA ALA A 245 -6.37 -3.06 26.18
C ALA A 245 -5.64 -1.77 25.82
N LEU A 246 -5.19 -1.07 26.87
CA LEU A 246 -4.42 0.16 26.76
C LEU A 246 -3.11 -0.03 27.50
N ILE A 247 -2.05 0.56 26.96
CA ILE A 247 -0.75 0.64 27.67
C ILE A 247 -0.36 2.10 27.82
N PHE A 248 -0.24 2.53 29.08
CA PHE A 248 0.23 3.84 29.44
C PHE A 248 1.66 3.75 29.90
N PHE A 249 2.48 4.69 29.42
CA PHE A 249 3.90 4.77 29.80
C PHE A 249 4.19 6.20 30.25
N ASN A 250 5.04 6.31 31.26
CA ASN A 250 5.40 7.60 31.83
C ASN A 250 6.66 8.12 31.13
N LYS A 251 6.44 8.95 30.11
CA LYS A 251 7.53 9.58 29.34
C LYS A 251 8.51 10.41 30.17
N LYS A 252 7.99 11.12 31.18
CA LYS A 252 8.81 12.01 32.01
C LYS A 252 9.77 11.26 32.93
N ARG A 253 9.27 10.20 33.56
CA ARG A 253 10.09 9.38 34.46
C ARG A 253 11.14 8.57 33.68
N ASN A 254 10.81 8.16 32.44
CA ASN A 254 11.74 7.44 31.55
C ASN A 254 11.56 7.91 30.09
N PRO A 255 12.42 8.83 29.61
CA PRO A 255 12.34 9.14 28.19
C PRO A 255 12.94 8.02 27.34
N GLY A 256 12.47 7.92 26.10
CA GLY A 256 12.82 6.79 25.22
C GLY A 256 12.14 5.46 25.56
N ILE A 257 11.11 5.51 26.41
CA ILE A 257 10.23 4.37 26.71
C ILE A 257 9.04 4.34 25.73
N GLU A 258 8.67 5.48 25.17
CA GLU A 258 7.62 5.50 24.15
C GLU A 258 7.92 4.57 22.97
N GLN A 259 9.18 4.61 22.51
CA GLN A 259 9.61 3.79 21.39
C GLN A 259 9.66 2.31 21.82
N LYS A 260 10.26 2.01 22.97
CA LYS A 260 10.26 0.64 23.56
C LYS A 260 8.88 -0.06 23.62
N ILE A 261 7.89 0.65 24.09
CA ILE A 261 6.52 0.16 24.17
C ILE A 261 5.87 0.07 22.79
N ASN A 262 5.97 1.11 21.97
CA ASN A 262 5.33 1.09 20.66
C ASN A 262 5.92 0.02 19.76
N SER A 263 7.22 -0.19 19.85
CA SER A 263 7.92 -1.20 19.07
C SER A 263 7.51 -2.60 19.57
N ALA A 264 7.32 -2.76 20.89
CA ALA A 264 6.83 -3.98 21.53
C ALA A 264 5.47 -4.43 21.03
N VAL A 265 4.52 -3.53 21.00
CA VAL A 265 3.21 -3.85 20.45
C VAL A 265 3.34 -4.18 18.95
N PHE A 266 3.98 -3.31 18.17
CA PHE A 266 4.25 -3.58 16.74
C PHE A 266 5.60 -3.06 16.30
N PRO A 267 6.41 -3.85 15.61
CA PRO A 267 6.08 -5.18 15.09
C PRO A 267 6.60 -6.35 15.93
N SER A 268 6.98 -6.12 17.17
CA SER A 268 7.49 -7.20 17.98
C SER A 268 6.46 -8.33 18.14
N PHE A 269 5.22 -8.00 18.52
CA PHE A 269 4.22 -8.98 18.89
C PHE A 269 3.06 -9.01 17.91
N GLN A 270 2.48 -7.87 17.60
CA GLN A 270 1.28 -7.86 16.79
C GLN A 270 1.60 -7.48 15.35
N GLY A 271 0.62 -7.72 14.47
CA GLY A 271 0.60 -7.17 13.13
C GLY A 271 -0.43 -6.04 13.07
N GLY A 272 -1.33 -6.10 12.10
CA GLY A 272 -2.28 -5.00 11.86
C GLY A 272 -3.23 -4.77 13.03
N PRO A 273 -3.49 -3.50 13.40
CA PRO A 273 -4.48 -3.27 14.45
C PRO A 273 -5.87 -3.59 14.00
N HIS A 274 -6.74 -3.75 15.00
CA HIS A 274 -8.16 -4.01 14.79
C HIS A 274 -8.86 -2.70 15.00
N ASN A 275 -9.15 -2.03 13.90
CA ASN A 275 -9.64 -0.66 13.94
C ASN A 275 -11.05 -0.53 14.48
N ASN A 276 -11.85 -1.59 14.39
CA ASN A 276 -13.20 -1.60 15.04
C ASN A 276 -13.06 -1.52 16.56
N LYS A 277 -12.08 -2.25 17.10
CA LYS A 277 -11.75 -2.16 18.52
C LYS A 277 -11.37 -0.75 18.89
N ILE A 278 -10.51 -0.15 18.08
CA ILE A 278 -9.98 1.18 18.35
C ILE A 278 -11.10 2.20 18.35
N ALA A 279 -11.95 2.15 17.32
CA ALA A 279 -13.14 2.99 17.25
C ALA A 279 -14.09 2.75 18.43
N ALA A 280 -14.21 1.51 18.89
CA ALA A 280 -15.11 1.20 19.99
C ALA A 280 -14.57 1.74 21.30
N VAL A 281 -13.27 1.64 21.49
CA VAL A 281 -12.63 2.17 22.69
C VAL A 281 -12.82 3.70 22.76
N ALA A 282 -12.59 4.37 21.63
CA ALA A 282 -12.83 5.82 21.52
C ALA A 282 -14.22 6.19 21.99
N CYS A 283 -15.21 5.48 21.47
CA CYS A 283 -16.62 5.68 21.84
C CYS A 283 -16.94 5.53 23.33
N GLN A 284 -16.28 4.58 23.99
CA GLN A 284 -16.49 4.37 25.41
C GLN A 284 -15.70 5.38 26.20
N LEU A 285 -14.53 5.74 25.72
CA LEU A 285 -13.70 6.71 26.41
C LEU A 285 -14.35 8.10 26.50
N LYS A 286 -15.17 8.47 25.53
CA LYS A 286 -15.95 9.70 25.64
C LYS A 286 -16.88 9.55 26.81
N GLU A 287 -17.60 8.43 26.86
CA GLU A 287 -18.50 8.15 27.98
C GLU A 287 -17.77 8.11 29.34
N VAL A 288 -16.56 7.55 29.39
CA VAL A 288 -15.81 7.49 30.66
C VAL A 288 -15.65 8.88 31.27
N HIS A 289 -15.32 9.88 30.45
CA HIS A 289 -15.04 11.24 30.95
C HIS A 289 -16.27 12.05 31.40
N SER A 290 -17.47 11.63 31.00
CA SER A 290 -18.70 12.35 31.38
C SER A 290 -18.93 12.22 32.89
N PRO A 291 -19.79 13.10 33.46
CA PRO A 291 -20.06 12.98 34.89
C PRO A 291 -21.12 11.90 35.20
N ALA A 292 -21.98 11.57 34.23
CA ALA A 292 -22.93 10.44 34.34
C ALA A 292 -22.25 9.06 34.55
N PHE A 293 -21.06 8.89 33.98
CA PHE A 293 -20.29 7.67 34.16
C PHE A 293 -19.65 7.64 35.55
N LYS A 294 -19.30 8.81 36.06
CA LYS A 294 -18.85 8.95 37.47
C LYS A 294 -19.98 8.54 38.40
N GLU A 295 -21.21 8.93 38.05
CA GLU A 295 -22.39 8.55 38.83
C GLU A 295 -22.54 7.01 38.87
N TYR A 296 -22.45 6.38 37.70
CA TYR A 296 -22.48 4.90 37.57
C TYR A 296 -21.40 4.22 38.40
N THR A 297 -20.16 4.71 38.27
CA THR A 297 -19.00 4.14 38.99
C THR A 297 -19.15 4.22 40.50
N GLN A 298 -19.65 5.36 40.99
CA GLN A 298 -19.96 5.54 42.41
C GLN A 298 -20.95 4.49 42.81
N GLN A 299 -21.94 4.29 41.97
CA GLN A 299 -22.99 3.31 42.24
C GLN A 299 -22.45 1.87 42.35
N VAL A 300 -21.48 1.51 41.50
CA VAL A 300 -20.82 0.20 41.56
C VAL A 300 -20.21 -0.01 42.96
N LEU A 301 -19.60 1.03 43.50
CA LEU A 301 -19.03 0.95 44.84
C LEU A 301 -20.11 0.90 45.92
N LEU A 302 -21.15 1.74 45.81
CA LEU A 302 -22.26 1.74 46.78
C LEU A 302 -22.85 0.32 46.87
N ASN A 303 -23.13 -0.26 45.71
CA ASN A 303 -23.62 -1.63 45.62
C ASN A 303 -22.66 -2.66 46.21
N SER A 304 -21.38 -2.54 45.87
CA SER A 304 -20.37 -3.46 46.37
C SER A 304 -20.26 -3.44 47.91
N LYS A 305 -20.33 -2.24 48.49
CA LYS A 305 -20.32 -2.07 49.95
C LYS A 305 -21.56 -2.73 50.55
N ALA A 306 -22.72 -2.38 49.99
CA ALA A 306 -23.99 -2.86 50.51
C ALA A 306 -24.10 -4.37 50.45
N LEU A 307 -23.60 -4.96 49.35
CA LEU A 307 -23.59 -6.41 49.17
C LEU A 307 -22.78 -7.12 50.21
N ALA A 308 -21.60 -6.58 50.49
CA ALA A 308 -20.71 -7.11 51.53
C ALA A 308 -21.36 -7.08 52.92
N LYS A 309 -22.02 -5.96 53.21
CA LYS A 309 -22.67 -5.73 54.47
C LYS A 309 -23.85 -6.68 54.64
N ALA A 310 -24.64 -6.84 53.57
CA ALA A 310 -25.71 -7.81 53.57
C ALA A 310 -25.17 -9.26 53.72
N LEU A 311 -24.07 -9.58 53.04
CA LEU A 311 -23.50 -10.93 53.15
C LEU A 311 -22.98 -11.21 54.57
N ILE A 312 -22.36 -10.20 55.19
CA ILE A 312 -21.97 -10.27 56.59
C ILE A 312 -23.21 -10.37 57.52
N SER A 313 -24.26 -9.62 57.23
CA SER A 313 -25.52 -9.70 58.00
C SER A 313 -26.14 -11.11 58.03
N LYS A 314 -25.85 -11.92 57.00
CA LYS A 314 -26.25 -13.33 56.93
C LYS A 314 -25.12 -14.27 57.30
N GLN A 315 -24.20 -13.81 58.14
CA GLN A 315 -23.13 -14.66 58.68
C GLN A 315 -22.31 -15.35 57.58
N ILE A 316 -21.94 -14.59 56.55
CA ILE A 316 -21.06 -15.10 55.48
C ILE A 316 -19.74 -14.33 55.56
N ASP A 317 -18.64 -15.07 55.54
CA ASP A 317 -17.30 -14.49 55.65
C ASP A 317 -16.67 -14.03 54.31
N LEU A 318 -16.26 -12.78 54.27
CA LEU A 318 -15.60 -12.21 53.10
C LEU A 318 -14.07 -12.12 53.35
N VAL A 319 -13.26 -12.30 52.31
CA VAL A 319 -11.78 -12.21 52.43
C VAL A 319 -11.44 -10.75 52.63
N THR A 320 -10.52 -10.47 53.55
CA THR A 320 -10.28 -9.11 54.07
C THR A 320 -11.49 -8.51 54.82
N ASN A 321 -12.52 -9.31 55.14
CA ASN A 321 -13.75 -8.85 55.80
C ASN A 321 -14.47 -7.63 55.20
N GLY A 322 -14.45 -7.50 53.89
CA GLY A 322 -15.08 -6.37 53.21
C GLY A 322 -14.43 -6.05 51.87
N THR A 323 -14.83 -4.91 51.31
CA THR A 323 -14.33 -4.45 50.04
C THR A 323 -14.15 -2.93 50.00
N ASP A 324 -13.13 -2.47 49.27
CA ASP A 324 -12.93 -1.07 48.92
C ASP A 324 -13.38 -0.75 47.51
N ASN A 325 -13.68 -1.78 46.71
CA ASN A 325 -13.94 -1.60 45.29
C ASN A 325 -15.25 -2.28 44.90
N HIS A 326 -15.30 -2.78 43.68
CA HIS A 326 -16.42 -3.45 43.05
C HIS A 326 -16.52 -4.97 43.26
N LEU A 327 -15.60 -5.58 44.01
CA LEU A 327 -15.54 -7.02 44.10
C LEU A 327 -15.36 -7.54 45.51
N ILE A 328 -15.90 -8.74 45.71
CA ILE A 328 -15.88 -9.42 47.00
C ILE A 328 -15.41 -10.84 46.75
N VAL A 329 -14.68 -11.41 47.70
CA VAL A 329 -14.38 -12.84 47.65
C VAL A 329 -15.00 -13.49 48.88
N VAL A 330 -15.93 -14.42 48.65
CA VAL A 330 -16.59 -15.13 49.74
C VAL A 330 -15.77 -16.33 50.11
N ASP A 331 -15.42 -16.40 51.39
CA ASP A 331 -14.78 -17.55 52.04
C ASP A 331 -15.86 -18.51 52.51
N LEU A 332 -15.92 -19.69 51.87
CA LEU A 332 -16.96 -20.70 52.12
C LEU A 332 -16.57 -21.83 53.09
N ARG A 333 -15.37 -21.78 53.65
CA ARG A 333 -14.87 -22.87 54.50
C ARG A 333 -15.78 -23.21 55.67
N LYS A 334 -16.39 -22.23 56.33
CA LYS A 334 -17.30 -22.52 57.45
C LYS A 334 -18.53 -23.33 57.05
N PHE A 335 -18.85 -23.38 55.75
CA PHE A 335 -19.95 -24.19 55.22
C PHE A 335 -19.52 -25.57 54.68
N SER A 336 -18.23 -25.89 54.71
CA SER A 336 -17.71 -27.16 54.21
C SER A 336 -18.19 -27.48 52.79
N ILE A 337 -18.28 -26.45 51.96
CA ILE A 337 -18.56 -26.59 50.53
C ILE A 337 -17.49 -25.84 49.75
N THR A 338 -17.18 -26.34 48.56
CA THR A 338 -16.15 -25.73 47.71
C THR A 338 -16.79 -24.66 46.82
N GLY A 339 -15.93 -23.81 46.27
CA GLY A 339 -16.33 -22.84 45.26
C GLY A 339 -16.90 -23.49 44.01
N SER A 340 -16.25 -24.57 43.57
CA SER A 340 -16.70 -25.34 42.39
C SER A 340 -18.16 -25.76 42.52
N LYS A 341 -18.50 -26.36 43.65
CA LYS A 341 -19.88 -26.78 43.90
C LYS A 341 -20.87 -25.61 43.83
N LEU A 342 -20.52 -24.48 44.46
CA LEU A 342 -21.40 -23.29 44.48
C LEU A 342 -21.50 -22.60 43.10
N GLN A 343 -20.45 -22.72 42.29
CA GLN A 343 -20.49 -22.28 40.89
C GLN A 343 -21.53 -23.11 40.13
N GLU A 344 -21.44 -24.44 40.30
CA GLU A 344 -22.40 -25.37 39.69
C GLU A 344 -23.82 -25.08 40.18
N THR A 345 -23.99 -24.91 41.48
CA THR A 345 -25.32 -24.58 42.03
C THR A 345 -25.85 -23.25 41.51
N CYS A 346 -24.95 -22.29 41.30
CA CYS A 346 -25.35 -20.97 40.85
C CYS A 346 -25.64 -20.95 39.36
N ASN A 347 -24.91 -21.73 38.56
CA ASN A 347 -25.27 -21.82 37.14
C ASN A 347 -26.67 -22.40 36.96
N ALA A 348 -27.03 -23.36 37.82
CA ALA A 348 -28.37 -23.94 37.83
C ALA A 348 -29.51 -22.95 38.16
N ILE A 349 -29.19 -21.88 38.91
CA ILE A 349 -30.19 -20.84 39.23
C ILE A 349 -30.02 -19.55 38.43
N ASN A 350 -29.24 -19.62 37.34
CA ASN A 350 -28.89 -18.47 36.50
C ASN A 350 -28.19 -17.32 37.27
N VAL A 351 -27.22 -17.69 38.08
CA VAL A 351 -26.41 -16.72 38.82
C VAL A 351 -25.00 -16.98 38.34
N SER A 352 -24.42 -15.98 37.70
CA SER A 352 -23.08 -16.12 37.17
C SER A 352 -22.09 -15.58 38.18
N LEU A 353 -21.20 -16.47 38.60
CA LEU A 353 -20.08 -16.10 39.43
C LEU A 353 -18.99 -17.12 39.14
N ASN A 354 -17.81 -16.91 39.71
CA ASN A 354 -16.73 -17.84 39.50
C ASN A 354 -16.08 -18.24 40.80
N LYS A 355 -15.58 -19.46 40.81
CA LYS A 355 -14.82 -19.97 41.92
C LYS A 355 -13.50 -19.24 42.02
N ASN A 356 -12.97 -19.15 43.23
CA ASN A 356 -11.79 -18.38 43.50
C ASN A 356 -11.02 -18.89 44.72
N THR A 357 -9.71 -18.84 44.65
CA THR A 357 -8.87 -19.24 45.76
C THR A 357 -8.96 -18.28 46.95
N ILE A 358 -8.58 -18.78 48.13
CA ILE A 358 -8.46 -17.98 49.33
C ILE A 358 -7.10 -18.29 49.96
N PRO A 359 -6.66 -17.51 50.97
CA PRO A 359 -5.27 -17.65 51.40
C PRO A 359 -4.91 -19.02 51.99
N SER A 360 -5.87 -19.65 52.66
CA SER A 360 -5.72 -21.00 53.19
C SER A 360 -5.59 -22.06 52.08
N ASP A 361 -6.06 -21.76 50.86
CA ASP A 361 -5.92 -22.72 49.76
C ASP A 361 -4.47 -22.95 49.40
N VAL A 362 -4.11 -24.22 49.29
CA VAL A 362 -2.76 -24.66 48.96
C VAL A 362 -2.67 -24.92 47.45
N ASP A 363 -3.77 -25.38 46.84
CA ASP A 363 -3.80 -25.72 45.42
C ASP A 363 -4.93 -25.01 44.70
N ALA A 364 -4.68 -24.65 43.45
CA ALA A 364 -5.69 -24.01 42.58
C ALA A 364 -6.87 -24.92 42.16
N VAL A 365 -6.70 -26.23 42.26
CA VAL A 365 -7.70 -27.21 41.78
C VAL A 365 -8.99 -27.25 42.62
N SER A 366 -8.89 -27.03 43.92
CA SER A 366 -10.08 -27.00 44.77
C SER A 366 -10.16 -25.65 45.53
N PRO A 367 -10.59 -24.58 44.84
CA PRO A 367 -10.68 -23.27 45.49
C PRO A 367 -11.85 -23.17 46.47
N SER A 368 -11.61 -22.46 47.58
CA SER A 368 -12.54 -22.44 48.68
C SER A 368 -13.40 -21.18 48.70
N GLY A 369 -13.44 -20.46 47.57
CA GLY A 369 -14.19 -19.25 47.52
C GLY A 369 -14.88 -19.04 46.22
N VAL A 370 -15.72 -18.00 46.21
CA VAL A 370 -16.32 -17.49 45.02
C VAL A 370 -16.06 -15.99 44.96
N ARG A 371 -15.99 -15.45 43.76
CA ARG A 371 -15.77 -14.05 43.54
C ARG A 371 -16.99 -13.47 42.86
N ILE A 372 -17.41 -12.32 43.35
CA ILE A 372 -18.56 -11.63 42.83
C ILE A 372 -18.17 -10.15 42.63
N GLY A 373 -18.84 -9.51 41.69
CA GLY A 373 -18.62 -8.12 41.45
C GLY A 373 -19.92 -7.45 41.10
N THR A 374 -19.98 -6.15 41.31
CA THR A 374 -21.19 -5.39 41.02
C THR A 374 -21.30 -4.67 39.68
N PRO A 375 -20.19 -4.48 38.92
CA PRO A 375 -20.29 -3.61 37.74
C PRO A 375 -21.43 -3.91 36.79
N ALA A 376 -21.63 -5.21 36.47
CA ALA A 376 -22.65 -5.61 35.50
C ALA A 376 -24.08 -5.30 36.00
N MET A 377 -24.44 -5.78 37.19
CA MET A 377 -25.77 -5.50 37.74
C MET A 377 -26.06 -4.00 37.98
N THR A 378 -25.02 -3.24 38.30
CA THR A 378 -25.13 -1.79 38.37
C THR A 378 -25.46 -1.22 36.99
N THR A 379 -24.85 -1.78 35.95
CA THR A 379 -25.15 -1.39 34.57
C THR A 379 -26.61 -1.69 34.21
N ARG A 380 -27.13 -2.78 34.75
CA ARG A 380 -28.54 -3.17 34.59
C ARG A 380 -29.55 -2.47 35.53
N GLY A 381 -29.13 -1.45 36.27
CA GLY A 381 -30.04 -0.60 37.06
C GLY A 381 -30.26 -0.95 38.53
N ALA A 382 -29.58 -1.98 39.03
CA ALA A 382 -29.70 -2.39 40.42
C ALA A 382 -29.14 -1.33 41.38
N LYS A 383 -29.87 -1.08 42.47
CA LYS A 383 -29.49 -0.09 43.48
C LYS A 383 -29.07 -0.78 44.77
N GLU A 384 -28.69 0.01 45.77
CA GLU A 384 -28.24 -0.51 47.08
C GLU A 384 -29.20 -1.51 47.72
N LYS A 385 -30.49 -1.21 47.56
CA LYS A 385 -31.62 -1.98 48.13
C LYS A 385 -31.78 -3.36 47.48
N ASP A 386 -31.34 -3.46 46.23
CA ASP A 386 -31.40 -4.71 45.46
C ASP A 386 -30.30 -5.70 45.87
N MET A 387 -29.32 -5.24 46.64
CA MET A 387 -28.21 -6.07 47.04
C MET A 387 -28.58 -7.11 48.09
N GLU A 388 -29.54 -6.78 48.95
CA GLU A 388 -30.01 -7.72 49.98
C GLU A 388 -30.63 -8.95 49.34
N PHE A 389 -31.43 -8.72 48.31
CA PHE A 389 -32.02 -9.81 47.51
C PHE A 389 -30.95 -10.66 46.83
N ILE A 390 -29.92 -10.03 46.26
CA ILE A 390 -28.79 -10.80 45.69
C ILE A 390 -28.07 -11.61 46.78
N ALA A 391 -27.86 -11.00 47.94
CA ALA A 391 -27.23 -11.70 49.04
C ALA A 391 -28.13 -12.81 49.57
N ASP A 392 -29.43 -12.52 49.62
CA ASP A 392 -30.43 -13.54 49.95
C ASP A 392 -30.38 -14.73 48.98
N VAL A 393 -30.30 -14.44 47.68
CA VAL A 393 -30.19 -15.52 46.66
C VAL A 393 -28.92 -16.35 46.82
N LEU A 394 -27.79 -15.71 47.09
CA LEU A 394 -26.54 -16.46 47.30
C LEU A 394 -26.57 -17.29 48.57
N ALA A 395 -27.13 -16.73 49.63
CA ALA A 395 -27.34 -17.49 50.90
C ALA A 395 -28.19 -18.77 50.69
N ARG A 396 -29.26 -18.63 49.91
CA ARG A 396 -30.13 -19.76 49.59
C ARG A 396 -29.40 -20.79 48.74
N ALA A 397 -28.61 -20.33 47.79
CA ALA A 397 -27.73 -21.21 47.01
C ALA A 397 -26.74 -21.92 47.87
N ILE A 398 -26.22 -21.25 48.88
CA ILE A 398 -25.25 -21.89 49.78
C ILE A 398 -25.90 -23.00 50.59
N LYS A 399 -27.06 -22.69 51.17
CA LYS A 399 -27.84 -23.69 51.90
C LYS A 399 -28.28 -24.88 51.00
N ILE A 400 -28.74 -24.57 49.78
CA ILE A 400 -29.12 -25.63 48.82
C ILE A 400 -27.91 -26.51 48.51
N THR A 401 -26.76 -25.86 48.34
CA THR A 401 -25.51 -26.56 48.08
C THR A 401 -25.13 -27.47 49.26
N VAL A 402 -25.32 -27.00 50.49
CA VAL A 402 -25.00 -27.83 51.66
C VAL A 402 -25.93 -29.06 51.71
N ASP A 403 -27.24 -28.80 51.54
CA ASP A 403 -28.30 -29.84 51.42
C ASP A 403 -27.98 -30.91 50.37
N LEU A 404 -27.44 -30.49 49.21
CA LEU A 404 -27.13 -31.41 48.11
C LEU A 404 -25.85 -32.21 48.37
N GLN A 405 -24.87 -31.57 48.99
CA GLN A 405 -23.67 -32.27 49.43
C GLN A 405 -23.97 -33.30 50.54
N GLU A 406 -24.97 -33.01 51.37
CA GLU A 406 -25.47 -33.95 52.39
C GLU A 406 -26.03 -35.21 51.73
N GLN A 407 -26.91 -35.02 50.74
CA GLN A 407 -27.66 -36.09 50.10
C GLN A 407 -26.85 -36.97 49.12
N TYR A 408 -26.03 -36.34 48.27
CA TYR A 408 -25.26 -37.06 47.24
C TYR A 408 -23.77 -37.17 47.52
N GLY A 409 -23.26 -36.46 48.52
CA GLY A 409 -21.84 -36.54 48.88
C GLY A 409 -20.94 -35.48 48.27
N LYS A 410 -19.73 -35.39 48.80
CA LYS A 410 -18.75 -34.36 48.43
C LYS A 410 -18.10 -34.52 47.05
N LYS A 411 -18.05 -35.73 46.51
CA LYS A 411 -17.49 -35.92 45.16
C LYS A 411 -18.34 -35.21 44.11
N LEU A 412 -17.67 -34.51 43.20
CA LEU A 412 -18.33 -33.57 42.28
C LEU A 412 -19.24 -34.24 41.26
N VAL A 413 -18.83 -35.42 40.80
CA VAL A 413 -19.64 -36.25 39.87
C VAL A 413 -21.00 -36.59 40.50
N ASP A 414 -20.95 -36.98 41.76
CA ASP A 414 -22.14 -37.32 42.55
C ASP A 414 -23.00 -36.06 42.83
N PHE A 415 -22.36 -34.95 43.22
CA PHE A 415 -23.06 -33.69 43.58
C PHE A 415 -23.93 -33.17 42.45
N LYS A 416 -23.34 -33.06 41.25
CA LYS A 416 -24.08 -32.57 40.09
C LYS A 416 -25.29 -33.42 39.74
N LYS A 417 -25.23 -34.73 40.02
CA LYS A 417 -26.37 -35.63 39.77
C LYS A 417 -27.62 -35.15 40.53
N GLY A 418 -27.40 -34.62 41.74
CA GLY A 418 -28.49 -34.02 42.52
C GLY A 418 -29.10 -32.75 41.95
N LEU A 419 -28.38 -32.09 41.04
CA LEU A 419 -28.68 -30.72 40.61
C LEU A 419 -29.95 -30.57 39.76
N PRO A 420 -30.11 -31.38 38.70
CA PRO A 420 -31.29 -31.16 37.86
C PRO A 420 -32.55 -31.71 38.52
N GLY A 421 -33.65 -30.95 38.41
CA GLY A 421 -34.94 -31.35 38.95
C GLY A 421 -35.28 -30.88 40.36
N ASN A 422 -34.25 -30.60 41.18
CA ASN A 422 -34.44 -30.15 42.57
C ASN A 422 -35.46 -29.02 42.68
N ALA A 423 -36.51 -29.26 43.49
CA ALA A 423 -37.62 -28.32 43.65
C ALA A 423 -37.19 -26.90 44.02
N GLN A 424 -36.20 -26.76 44.90
CA GLN A 424 -35.77 -25.46 45.41
C GLN A 424 -34.99 -24.65 44.37
N LEU A 425 -34.16 -25.32 43.57
CA LEU A 425 -33.41 -24.68 42.49
C LEU A 425 -34.33 -24.16 41.39
N GLN A 426 -35.28 -25.01 40.99
CA GLN A 426 -36.28 -24.59 40.00
C GLN A 426 -37.04 -23.38 40.50
N GLN A 427 -37.40 -23.39 41.78
CA GLN A 427 -38.03 -22.23 42.46
C GLN A 427 -37.12 -20.99 42.46
N LEU A 428 -35.83 -21.21 42.77
CA LEU A 428 -34.88 -20.11 42.91
C LEU A 428 -34.51 -19.52 41.56
N LYS A 429 -34.27 -20.37 40.56
CA LYS A 429 -34.14 -19.92 39.17
C LYS A 429 -35.32 -19.09 38.67
N GLN A 430 -36.53 -19.50 39.05
CA GLN A 430 -37.74 -18.81 38.62
C GLN A 430 -37.70 -17.35 39.06
N GLU A 431 -37.35 -17.13 40.34
CA GLU A 431 -37.32 -15.77 40.92
C GLU A 431 -36.15 -14.99 40.33
N VAL A 432 -35.02 -15.68 40.16
CA VAL A 432 -33.85 -15.09 39.51
C VAL A 432 -34.22 -14.60 38.12
N VAL A 433 -34.81 -15.50 37.33
CA VAL A 433 -35.32 -15.18 36.00
C VAL A 433 -36.35 -14.05 36.00
N THR A 434 -37.26 -14.03 36.97
CA THR A 434 -38.32 -13.00 36.98
C THR A 434 -37.74 -11.63 37.21
N TRP A 435 -36.86 -11.52 38.21
CA TRP A 435 -36.25 -10.23 38.57
C TRP A 435 -35.23 -9.77 37.54
N ALA A 436 -34.35 -10.69 37.11
CA ALA A 436 -33.30 -10.41 36.11
C ALA A 436 -33.88 -9.91 34.80
N GLY A 437 -34.85 -10.66 34.29
CA GLY A 437 -35.50 -10.41 33.00
C GLY A 437 -36.16 -9.06 32.78
N ALA A 438 -36.55 -8.38 33.85
CA ALA A 438 -37.26 -7.10 33.78
C ALA A 438 -36.36 -5.87 34.01
N LEU A 439 -35.09 -6.09 34.29
CA LEU A 439 -34.14 -4.99 34.49
C LEU A 439 -33.75 -4.40 33.15
N PRO A 440 -33.41 -3.09 33.11
CA PRO A 440 -32.91 -2.51 31.87
C PRO A 440 -31.75 -3.31 31.27
N PHE A 441 -31.71 -3.37 29.95
CA PHE A 441 -30.78 -4.21 29.21
C PHE A 441 -30.31 -3.44 27.97
N PRO A 442 -29.03 -2.99 27.94
CA PRO A 442 -28.54 -2.39 26.69
C PRO A 442 -28.47 -3.46 25.61
N MET B 1 -28.61 1.59 34.20
CA MET B 1 -27.91 2.90 34.41
C MET B 1 -26.90 3.15 33.28
N PHE B 2 -27.41 3.14 32.04
CA PHE B 2 -26.60 3.26 30.83
C PHE B 2 -27.23 4.20 29.81
N ASN B 3 -26.45 4.55 28.79
CA ASN B 3 -26.88 5.41 27.68
C ASN B 3 -27.08 4.64 26.37
N ASN B 4 -28.32 4.57 25.88
CA ASN B 4 -28.63 3.82 24.66
C ASN B 4 -28.91 4.68 23.41
N GLU B 5 -28.61 5.99 23.48
CA GLU B 5 -28.65 6.87 22.31
C GLU B 5 -27.76 6.29 21.20
N PRO B 6 -28.24 6.29 19.93
CA PRO B 6 -27.41 5.75 18.83
C PRO B 6 -26.06 6.46 18.62
N LEU B 7 -25.16 5.81 17.89
CA LEU B 7 -23.77 6.30 17.72
C LEU B 7 -23.68 7.75 17.20
N GLU B 8 -24.50 8.05 16.18
CA GLU B 8 -24.60 9.41 15.61
C GLU B 8 -24.85 10.47 16.67
N GLN B 9 -25.81 10.22 17.56
CA GLN B 9 -26.08 11.14 18.66
C GLN B 9 -24.96 11.14 19.71
N ILE B 10 -24.70 9.98 20.32
CA ILE B 10 -23.71 9.85 21.42
C ILE B 10 -22.32 10.33 21.07
N ASP B 11 -21.84 10.02 19.87
CA ASP B 11 -20.50 10.46 19.45
C ASP B 11 -20.58 10.83 18.00
N LYS B 12 -20.95 12.10 17.77
CA LYS B 12 -21.06 12.66 16.43
C LYS B 12 -19.69 12.79 15.78
N GLU B 13 -18.68 13.17 16.58
CA GLU B 13 -17.32 13.33 16.08
C GLU B 13 -16.79 12.02 15.44
N LEU B 14 -16.81 10.94 16.22
CA LEU B 14 -16.41 9.63 15.74
C LEU B 14 -17.23 9.18 14.54
N HIS B 15 -18.55 9.34 14.64
CA HIS B 15 -19.48 8.86 13.61
C HIS B 15 -19.23 9.48 12.24
N ASP B 16 -18.80 10.75 12.22
CA ASP B 16 -18.52 11.44 10.97
C ASP B 16 -17.32 10.82 10.28
N ILE B 17 -16.23 10.70 11.05
CA ILE B 17 -15.01 10.05 10.55
C ILE B 17 -15.34 8.67 9.98
N LEU B 18 -16.15 7.90 10.69
CA LEU B 18 -16.52 6.55 10.25
C LEU B 18 -17.25 6.57 8.91
N ALA B 19 -18.16 7.53 8.74
CA ALA B 19 -18.86 7.72 7.47
C ALA B 19 -17.90 8.16 6.37
N ASP B 20 -16.95 9.02 6.73
CA ASP B 20 -15.88 9.41 5.80
C ASP B 20 -15.03 8.22 5.36
N GLU B 21 -14.71 7.36 6.34
CA GLU B 21 -13.95 6.11 6.12
C GLU B 21 -14.70 5.23 5.15
N GLU B 22 -16.00 5.05 5.40
CA GLU B 22 -16.89 4.30 4.52
C GLU B 22 -16.88 4.85 3.09
N LYS B 23 -16.96 6.18 2.98
CA LYS B 23 -16.95 6.87 1.70
C LYS B 23 -15.61 6.65 0.95
N ARG B 24 -14.50 6.68 1.65
CA ARG B 24 -13.21 6.41 1.04
C ARG B 24 -13.14 4.97 0.52
N GLN B 25 -13.61 4.00 1.31
CA GLN B 25 -13.64 2.58 0.90
C GLN B 25 -14.50 2.34 -0.32
N ARG B 26 -15.63 3.02 -0.35
CA ARG B 26 -16.58 2.91 -1.45
C ARG B 26 -16.00 3.50 -2.74
N GLU B 27 -15.10 4.46 -2.63
CA GLU B 27 -14.58 5.22 -3.77
C GLU B 27 -13.08 4.96 -4.00
N THR B 28 -12.59 3.81 -3.56
CA THR B 28 -11.17 3.49 -3.68
C THR B 28 -11.09 2.23 -4.51
N ILE B 29 -10.10 2.16 -5.40
CA ILE B 29 -9.72 0.87 -6.03
C ILE B 29 -8.67 0.20 -5.11
N ASN B 30 -9.17 -0.73 -4.31
CA ASN B 30 -8.37 -1.36 -3.27
C ASN B 30 -7.59 -2.57 -3.84
N LEU B 31 -6.27 -2.39 -4.03
CA LEU B 31 -5.39 -3.51 -4.42
C LEU B 31 -4.57 -4.08 -3.27
N ILE B 32 -4.90 -3.79 -2.01
CA ILE B 32 -4.10 -4.35 -0.90
C ILE B 32 -4.38 -5.87 -0.87
N ALA B 33 -3.36 -6.66 -1.07
CA ALA B 33 -3.55 -8.12 -1.28
C ALA B 33 -4.19 -8.82 -0.09
N SER B 34 -3.89 -8.28 1.10
CA SER B 34 -4.42 -8.77 2.36
C SER B 34 -5.80 -8.26 2.74
N GLU B 35 -6.31 -7.26 2.04
CA GLU B 35 -7.62 -6.69 2.40
C GLU B 35 -8.77 -7.37 1.69
N ASN B 36 -9.95 -7.25 2.30
CA ASN B 36 -11.21 -7.73 1.73
C ASN B 36 -12.37 -6.90 2.28
N LEU B 37 -13.60 -7.29 1.97
CA LEU B 37 -14.79 -6.60 2.45
C LEU B 37 -15.77 -7.58 3.03
N THR B 38 -16.10 -7.39 4.32
CA THR B 38 -17.02 -8.29 5.02
C THR B 38 -18.47 -7.95 4.75
N ASN B 39 -19.28 -8.98 4.57
CA ASN B 39 -20.74 -8.83 4.45
C ASN B 39 -21.38 -8.42 5.78
N GLY B 40 -22.63 -7.95 5.71
CA GLY B 40 -23.34 -7.46 6.88
C GLY B 40 -23.42 -8.48 8.00
N ALA B 41 -23.71 -9.74 7.64
CA ALA B 41 -23.81 -10.85 8.57
C ALA B 41 -22.59 -11.06 9.45
N VAL B 42 -21.42 -11.03 8.84
CA VAL B 42 -20.15 -11.05 9.58
C VAL B 42 -20.02 -9.86 10.52
N ARG B 43 -20.50 -8.69 10.10
CA ARG B 43 -20.49 -7.49 10.94
C ARG B 43 -21.59 -7.46 12.01
N GLU B 44 -22.69 -8.18 11.80
CA GLU B 44 -23.72 -8.41 12.84
C GLU B 44 -23.23 -9.26 14.00
N CYS B 45 -22.36 -10.23 13.69
CA CYS B 45 -21.73 -11.09 14.69
C CYS B 45 -20.70 -10.33 15.50
N LEU B 46 -19.87 -9.55 14.80
CA LEU B 46 -18.81 -8.75 15.44
C LEU B 46 -19.36 -7.72 16.45
N GLY B 47 -20.58 -7.20 16.23
CA GLY B 47 -21.26 -6.31 17.19
C GLY B 47 -22.31 -7.00 18.07
N ASN B 48 -22.24 -8.34 18.15
CA ASN B 48 -23.19 -9.12 18.90
C ASN B 48 -22.85 -9.04 20.38
N ARG B 49 -23.85 -9.21 21.24
CA ARG B 49 -23.65 -9.21 22.70
C ARG B 49 -22.85 -10.40 23.23
N VAL B 50 -22.59 -11.38 22.37
CA VAL B 50 -21.79 -12.53 22.73
C VAL B 50 -20.41 -12.16 23.31
N SER B 51 -19.85 -11.03 22.85
CA SER B 51 -18.56 -10.49 23.35
C SER B 51 -18.58 -10.04 24.83
N ASN B 52 -19.78 -9.87 25.41
CA ASN B 52 -19.94 -9.71 26.86
C ASN B 52 -19.43 -10.84 27.76
N LYS B 53 -19.26 -12.04 27.21
CA LYS B 53 -19.01 -13.22 28.03
C LYS B 53 -17.53 -13.53 28.17
N TYR B 54 -17.11 -13.77 29.40
CA TYR B 54 -15.78 -14.28 29.72
C TYR B 54 -15.85 -15.81 29.73
N SER B 55 -15.13 -16.45 28.83
CA SER B 55 -15.12 -17.91 28.73
C SER B 55 -13.73 -18.43 28.52
N GLU B 56 -12.86 -18.12 29.47
CA GLU B 56 -11.52 -18.66 29.47
C GLU B 56 -11.55 -20.17 29.54
N GLY B 57 -10.70 -20.78 28.75
CA GLY B 57 -10.59 -22.23 28.70
C GLY B 57 -11.12 -22.69 27.36
N TYR B 58 -11.72 -23.88 27.37
CA TYR B 58 -12.26 -24.48 26.14
C TYR B 58 -13.67 -24.95 26.34
N PRO B 59 -14.37 -25.33 25.26
CA PRO B 59 -15.73 -25.86 25.43
C PRO B 59 -15.72 -27.14 26.29
N LYS B 60 -16.66 -27.26 27.22
CA LYS B 60 -16.75 -28.43 28.12
C LYS B 60 -15.64 -28.52 29.19
N LYS B 61 -14.65 -27.63 29.12
CA LYS B 61 -13.54 -27.53 30.08
C LYS B 61 -13.31 -26.05 30.41
N ARG B 62 -14.42 -25.35 30.62
CA ARG B 62 -14.44 -23.93 30.85
C ARG B 62 -14.12 -23.71 32.32
N TYR B 63 -13.54 -22.55 32.62
CA TYR B 63 -13.30 -22.13 34.00
C TYR B 63 -14.58 -21.67 34.66
N TYR B 64 -15.45 -20.97 33.93
CA TYR B 64 -16.76 -20.52 34.45
C TYR B 64 -17.90 -21.22 33.73
N GLY B 65 -19.06 -21.25 34.37
CA GLY B 65 -20.29 -21.74 33.76
C GLY B 65 -21.06 -20.63 33.07
N GLY B 66 -22.26 -20.98 32.62
CA GLY B 66 -23.08 -20.08 31.82
C GLY B 66 -22.52 -19.94 30.40
N ASN B 67 -21.71 -20.92 30.00
CA ASN B 67 -21.01 -20.93 28.72
C ASN B 67 -21.55 -22.00 27.79
N ASP B 68 -22.87 -22.22 27.88
CA ASP B 68 -23.52 -23.31 27.16
C ASP B 68 -23.68 -22.91 25.72
N PHE B 69 -24.20 -21.70 25.51
CA PHE B 69 -24.39 -21.14 24.19
C PHE B 69 -23.08 -20.69 23.55
N ILE B 70 -22.14 -20.22 24.36
CA ILE B 70 -20.76 -19.95 23.91
C ILE B 70 -20.04 -21.23 23.47
N ASP B 71 -20.26 -22.32 24.21
CA ASP B 71 -19.66 -23.62 23.84
C ASP B 71 -20.20 -24.13 22.51
N LYS B 72 -21.51 -23.99 22.31
CA LYS B 72 -22.13 -24.38 21.05
C LYS B 72 -21.49 -23.63 19.88
N ILE B 73 -21.25 -22.32 20.05
CA ILE B 73 -20.67 -21.48 19.01
C ILE B 73 -19.25 -21.87 18.70
N GLU B 74 -18.39 -21.96 19.74
CA GLU B 74 -16.97 -22.32 19.56
C GLU B 74 -16.81 -23.71 18.95
N GLU B 75 -17.76 -24.62 19.21
CA GLU B 75 -17.71 -25.99 18.64
C GLU B 75 -18.21 -26.01 17.20
N LEU B 76 -19.27 -25.28 16.94
CA LEU B 76 -19.75 -25.07 15.56
C LEU B 76 -18.72 -24.38 14.65
N CYS B 77 -17.88 -23.53 15.25
CA CYS B 77 -16.81 -22.86 14.52
C CYS B 77 -15.69 -23.83 14.17
N GLN B 78 -15.29 -24.65 15.14
CA GLN B 78 -14.20 -25.63 14.93
C GLN B 78 -14.54 -26.65 13.86
N LYS B 79 -15.81 -27.05 13.85
CA LYS B 79 -16.36 -28.02 12.93
C LYS B 79 -16.27 -27.45 11.52
N ARG B 80 -16.91 -26.29 11.34
CA ARG B 80 -16.96 -25.63 10.04
C ARG B 80 -15.58 -25.39 9.46
N ALA B 81 -14.59 -25.16 10.32
CA ALA B 81 -13.19 -24.92 9.92
C ALA B 81 -12.51 -26.15 9.33
N LEU B 82 -12.73 -27.28 9.98
CA LEU B 82 -12.15 -28.55 9.56
C LEU B 82 -12.83 -29.04 8.26
N GLU B 83 -14.14 -28.88 8.22
CA GLU B 83 -14.94 -29.12 7.02
C GLU B 83 -14.48 -28.29 5.83
N ALA B 84 -14.31 -26.98 6.05
CA ALA B 84 -13.93 -26.04 4.99
C ALA B 84 -12.59 -26.42 4.37
N PHE B 85 -11.62 -26.75 5.22
CA PHE B 85 -10.31 -27.17 4.75
C PHE B 85 -10.19 -28.68 4.49
N ASN B 86 -11.31 -29.39 4.41
CA ASN B 86 -11.35 -30.78 3.93
C ASN B 86 -10.33 -31.68 4.66
N VAL B 87 -10.55 -31.74 5.97
CA VAL B 87 -9.73 -32.53 6.88
C VAL B 87 -10.68 -33.23 7.85
N SER B 88 -10.31 -34.46 8.20
CA SER B 88 -11.12 -35.26 9.12
C SER B 88 -10.84 -34.79 10.52
N ASP B 89 -11.89 -34.58 11.31
CA ASP B 89 -11.73 -34.16 12.70
C ASP B 89 -11.07 -35.22 13.58
N GLU B 90 -10.97 -36.44 13.08
CA GLU B 90 -10.23 -37.49 13.77
C GLU B 90 -8.74 -37.29 13.54
N GLU B 91 -8.35 -36.88 12.33
CA GLU B 91 -6.94 -36.64 11.96
C GLU B 91 -6.38 -35.24 12.32
N TRP B 92 -7.21 -34.22 12.22
CA TRP B 92 -6.80 -32.81 12.40
C TRP B 92 -7.64 -32.13 13.46
N GLY B 93 -6.97 -31.36 14.31
CA GLY B 93 -7.65 -30.45 15.23
C GLY B 93 -7.46 -29.00 14.81
N VAL B 94 -8.26 -28.13 15.43
CA VAL B 94 -8.16 -26.69 15.23
C VAL B 94 -8.41 -25.89 16.52
N ASN B 95 -7.59 -24.84 16.72
CA ASN B 95 -7.85 -23.79 17.76
C ASN B 95 -8.39 -22.49 17.12
N VAL B 96 -9.53 -22.01 17.61
CA VAL B 96 -10.24 -20.85 17.03
C VAL B 96 -10.14 -19.61 17.92
N GLN B 97 -9.28 -19.65 18.93
CA GLN B 97 -9.16 -18.54 19.86
C GLN B 97 -8.16 -17.45 19.51
N PRO B 98 -7.09 -17.74 18.71
CA PRO B 98 -6.12 -16.66 18.42
C PRO B 98 -6.75 -15.41 17.86
N LEU B 99 -6.30 -14.27 18.38
CA LEU B 99 -6.98 -13.02 18.10
C LEU B 99 -6.63 -12.46 16.75
N SER B 100 -5.47 -12.84 16.22
CA SER B 100 -5.02 -12.41 14.90
C SER B 100 -3.81 -13.24 14.44
N GLY B 101 -3.44 -13.05 13.19
CA GLY B 101 -2.42 -13.86 12.56
C GLY B 101 -1.08 -13.93 13.28
N SER B 102 -0.62 -12.80 13.80
CA SER B 102 0.69 -12.73 14.44
C SER B 102 0.69 -13.41 15.81
N ALA B 103 -0.40 -13.26 16.55
CA ALA B 103 -0.59 -13.97 17.80
C ALA B 103 -0.60 -15.49 17.58
N ALA B 104 -1.44 -15.93 16.65
CA ALA B 104 -1.55 -17.33 16.23
C ALA B 104 -0.22 -17.95 15.82
N ASN B 105 0.54 -17.29 14.98
CA ASN B 105 1.86 -17.81 14.61
C ASN B 105 2.83 -17.95 15.79
N VAL B 106 2.87 -16.97 16.70
CA VAL B 106 3.78 -17.02 17.87
C VAL B 106 3.40 -18.14 18.85
N GLN B 107 2.10 -18.27 19.07
CA GLN B 107 1.52 -19.28 19.91
C GLN B 107 1.86 -20.66 19.39
N ALA B 108 1.61 -20.88 18.09
CA ALA B 108 1.91 -22.16 17.47
C ALA B 108 3.41 -22.40 17.54
N LEU B 109 4.21 -21.41 17.20
CA LEU B 109 5.63 -21.59 17.25
C LEU B 109 6.06 -22.01 18.66
N TYR B 110 5.46 -21.37 19.67
CA TYR B 110 5.81 -21.69 21.04
C TYR B 110 5.54 -23.16 21.43
N ALA B 111 4.32 -23.61 21.08
CA ALA B 111 3.86 -24.97 21.30
C ALA B 111 4.85 -26.03 20.84
N LEU B 112 5.32 -25.90 19.60
CA LEU B 112 6.21 -26.88 18.97
C LEU B 112 7.64 -26.85 19.51
N VAL B 113 8.17 -25.65 19.74
CA VAL B 113 9.60 -25.49 20.05
C VAL B 113 9.93 -24.85 21.37
N GLY B 114 9.09 -23.91 21.82
CA GLY B 114 9.30 -23.25 23.10
C GLY B 114 10.41 -22.22 23.06
N VAL B 115 10.68 -21.63 24.23
CA VAL B 115 11.66 -20.53 24.34
C VAL B 115 13.04 -21.10 24.05
N LYS B 116 13.84 -20.27 23.38
CA LYS B 116 15.15 -20.65 22.83
C LYS B 116 15.09 -21.62 21.62
N GLY B 117 13.90 -22.09 21.25
CA GLY B 117 13.71 -23.03 20.15
C GLY B 117 14.24 -22.53 18.82
N LYS B 118 14.71 -23.47 17.99
CA LYS B 118 15.30 -23.14 16.68
C LYS B 118 14.21 -23.18 15.58
N ILE B 119 13.98 -22.03 14.94
CA ILE B 119 13.03 -21.95 13.80
C ILE B 119 13.67 -21.45 12.49
N MET B 120 13.06 -21.81 11.38
CA MET B 120 13.50 -21.35 10.06
C MET B 120 12.31 -20.74 9.33
N GLY B 121 12.56 -19.64 8.64
CA GLY B 121 11.51 -19.00 7.86
C GLY B 121 12.07 -18.27 6.67
N MET B 122 11.19 -17.91 5.73
CA MET B 122 11.57 -17.01 4.66
C MET B 122 11.66 -15.58 5.18
N HIS B 123 12.69 -14.89 4.70
CA HIS B 123 13.09 -13.53 5.07
C HIS B 123 12.04 -12.57 4.57
N LEU B 124 11.79 -11.53 5.36
CA LEU B 124 10.78 -10.51 5.01
C LEU B 124 10.95 -9.94 3.62
N CYS B 125 12.18 -9.51 3.33
CA CYS B 125 12.58 -9.00 1.99
C CYS B 125 12.25 -9.94 0.83
N SER B 126 12.34 -11.25 1.05
CA SER B 126 12.02 -12.25 0.04
C SER B 126 10.53 -12.61 -0.04
N GLY B 127 9.75 -12.24 0.98
CA GLY B 127 8.30 -12.44 0.97
C GLY B 127 7.69 -13.11 2.19
N GLY B 128 8.52 -13.50 3.17
CA GLY B 128 8.03 -13.99 4.45
C GLY B 128 7.38 -12.91 5.32
N HIS B 129 6.73 -13.35 6.41
CA HIS B 129 6.14 -12.47 7.39
C HIS B 129 7.10 -12.18 8.48
N LEU B 130 6.80 -11.14 9.25
CA LEU B 130 7.56 -10.74 10.42
C LEU B 130 7.58 -11.87 11.46
N THR B 131 6.44 -12.53 11.63
CA THR B 131 6.28 -13.63 12.58
C THR B 131 7.01 -14.91 12.18
N HIS B 132 7.76 -14.90 11.07
CA HIS B 132 8.53 -16.07 10.64
C HIS B 132 10.00 -15.97 11.03
N GLY B 133 10.29 -15.21 12.07
CA GLY B 133 11.63 -15.12 12.60
C GLY B 133 12.41 -13.91 12.13
N PHE B 134 11.72 -12.88 11.64
CA PHE B 134 12.40 -11.77 11.03
C PHE B 134 13.26 -10.97 12.00
N PHE B 135 14.51 -10.72 11.62
CA PHE B 135 15.38 -9.80 12.35
C PHE B 135 16.28 -9.03 11.38
N ASP B 136 17.03 -8.10 11.95
CA ASP B 136 18.00 -7.26 11.26
C ASP B 136 19.33 -7.35 12.00
N GLU B 137 20.42 -6.94 11.37
CA GLU B 137 21.71 -6.80 12.09
C GLU B 137 21.50 -5.94 13.35
N LYS B 138 20.83 -4.80 13.14
CA LYS B 138 20.59 -3.78 14.18
C LYS B 138 19.66 -4.19 15.33
N LYS B 139 18.68 -5.06 15.05
CA LYS B 139 17.64 -5.40 16.03
C LYS B 139 16.85 -6.67 15.68
N LYS B 140 16.49 -7.43 16.71
CA LYS B 140 15.52 -8.52 16.60
C LYS B 140 14.13 -7.92 16.54
N VAL B 141 13.65 -7.75 15.32
CA VAL B 141 12.49 -6.95 15.00
C VAL B 141 11.22 -7.65 15.49
N SER B 142 11.18 -8.98 15.31
CA SER B 142 10.02 -9.76 15.74
C SER B 142 10.35 -10.55 16.99
N ILE B 143 9.37 -10.71 17.86
CA ILE B 143 9.49 -11.61 19.01
C ILE B 143 9.94 -13.02 18.53
N THR B 144 9.48 -13.43 17.35
CA THR B 144 9.87 -14.68 16.76
C THR B 144 11.36 -14.80 16.49
N SER B 145 12.08 -13.69 16.38
CA SER B 145 13.53 -13.76 16.28
C SER B 145 14.23 -13.74 17.65
N ASP B 146 13.51 -13.34 18.69
CA ASP B 146 14.10 -13.07 20.00
C ASP B 146 13.71 -14.10 21.04
N MET B 147 12.46 -14.53 21.06
CA MET B 147 12.04 -15.58 21.98
C MET B 147 12.40 -16.96 21.43
N PHE B 148 12.69 -17.01 20.12
CA PHE B 148 13.22 -18.19 19.44
C PHE B 148 14.54 -17.77 18.79
N GLU B 149 15.31 -18.76 18.34
CA GLU B 149 16.53 -18.52 17.55
C GLU B 149 16.18 -18.81 16.12
N SER B 150 16.18 -17.77 15.28
CA SER B 150 15.65 -17.92 13.91
C SER B 150 16.73 -17.79 12.84
N LYS B 151 16.58 -18.56 11.78
CA LYS B 151 17.40 -18.45 10.60
C LYS B 151 16.50 -18.19 9.40
N LEU B 152 17.00 -17.39 8.45
CA LEU B 152 16.14 -16.93 7.37
C LEU B 152 16.68 -17.32 6.01
N TYR B 153 15.82 -17.95 5.19
CA TYR B 153 16.19 -18.35 3.82
C TYR B 153 15.65 -17.39 2.78
N LYS B 154 16.49 -17.09 1.78
CA LYS B 154 16.14 -16.14 0.72
C LYS B 154 15.63 -16.85 -0.50
N CYS B 155 14.82 -16.14 -1.28
CA CYS B 155 14.43 -16.54 -2.61
C CYS B 155 15.60 -16.20 -3.51
N ASN B 156 15.62 -16.77 -4.70
CA ASN B 156 16.66 -16.50 -5.71
C ASN B 156 16.39 -15.19 -6.45
N SER B 157 17.27 -14.82 -7.39
CA SER B 157 17.16 -13.53 -8.09
C SER B 157 15.89 -13.35 -8.95
N GLN B 158 15.25 -14.46 -9.33
CA GLN B 158 13.98 -14.44 -10.05
C GLN B 158 12.71 -14.44 -9.17
N GLY B 159 12.86 -14.38 -7.84
CA GLY B 159 11.69 -14.34 -6.91
C GLY B 159 11.15 -15.68 -6.39
N TYR B 160 11.81 -16.77 -6.76
CA TYR B 160 11.35 -18.11 -6.41
C TYR B 160 12.04 -18.65 -5.16
N VAL B 161 11.28 -19.39 -4.36
CA VAL B 161 11.86 -20.21 -3.30
C VAL B 161 12.90 -21.15 -3.90
N ASP B 162 14.13 -21.11 -3.39
CA ASP B 162 15.16 -22.03 -3.80
C ASP B 162 15.26 -23.08 -2.72
N LEU B 163 14.64 -24.24 -2.94
CA LEU B 163 14.67 -25.38 -2.01
C LEU B 163 16.09 -25.90 -1.71
N ASP B 164 16.99 -25.84 -2.69
CA ASP B 164 18.38 -26.27 -2.43
C ASP B 164 18.99 -25.45 -1.29
N ALA B 165 18.66 -24.17 -1.27
CA ALA B 165 19.13 -23.23 -0.24
C ALA B 165 18.52 -23.57 1.11
N VAL B 166 17.23 -23.90 1.10
CA VAL B 166 16.50 -24.31 2.31
C VAL B 166 17.15 -25.55 2.95
N ARG B 167 17.45 -26.56 2.13
CA ARG B 167 18.12 -27.77 2.60
C ARG B 167 19.53 -27.51 3.14
N GLU B 168 20.30 -26.68 2.46
CA GLU B 168 21.64 -26.30 2.91
C GLU B 168 21.58 -25.71 4.33
N MET B 169 20.56 -24.89 4.57
CA MET B 169 20.41 -24.21 5.85
C MET B 169 19.89 -25.20 6.89
N ALA B 170 18.82 -25.91 6.56
CA ALA B 170 18.22 -26.87 7.49
C ALA B 170 19.20 -27.97 7.99
N LEU B 171 20.14 -28.42 7.16
CA LEU B 171 21.11 -29.46 7.58
C LEU B 171 22.23 -28.91 8.48
N SER B 172 22.65 -27.68 8.28
CA SER B 172 23.66 -27.04 9.17
C SER B 172 23.05 -26.42 10.43
N PHE B 173 21.94 -25.69 10.27
CA PHE B 173 21.24 -25.03 11.39
C PHE B 173 20.39 -25.98 12.26
N LYS B 174 19.81 -27.02 11.65
CA LYS B 174 19.07 -28.10 12.35
C LYS B 174 17.84 -27.63 13.17
N PRO B 175 16.95 -26.86 12.57
CA PRO B 175 15.84 -26.32 13.35
C PRO B 175 14.78 -27.34 13.70
N LYS B 176 14.04 -27.10 14.78
CA LYS B 176 12.83 -27.89 15.12
C LYS B 176 11.63 -27.55 14.25
N VAL B 177 11.55 -26.35 13.67
CA VAL B 177 10.42 -25.97 12.78
C VAL B 177 10.93 -25.26 11.53
N ILE B 178 10.31 -25.55 10.39
CA ILE B 178 10.49 -24.76 9.19
C ILE B 178 9.16 -24.26 8.73
N ILE B 179 9.06 -22.94 8.49
CA ILE B 179 7.81 -22.31 8.07
C ILE B 179 7.79 -22.05 6.57
N CYS B 180 6.66 -22.33 5.94
CA CYS B 180 6.44 -21.94 4.55
C CYS B 180 5.04 -21.39 4.47
N GLY B 181 4.69 -20.80 3.31
CA GLY B 181 3.47 -19.98 3.19
C GLY B 181 3.85 -18.57 3.61
N TYR B 182 3.48 -17.59 2.78
CA TYR B 182 4.16 -16.30 2.81
C TYR B 182 3.23 -15.11 2.70
N THR B 183 3.79 -13.91 2.83
CA THR B 183 2.97 -12.68 2.86
C THR B 183 2.88 -12.04 1.48
N SER B 184 3.99 -12.00 0.75
CA SER B 184 3.97 -11.44 -0.59
C SER B 184 4.65 -12.34 -1.61
N TYR B 185 4.19 -13.57 -1.70
CA TYR B 185 4.74 -14.56 -2.59
C TYR B 185 3.71 -14.83 -3.67
N PRO B 186 4.01 -14.45 -4.94
CA PRO B 186 3.10 -14.61 -6.07
C PRO B 186 2.96 -16.03 -6.65
N ARG B 187 3.69 -17.04 -6.13
CA ARG B 187 3.59 -18.42 -6.62
C ARG B 187 3.18 -19.47 -5.56
N ASP B 188 2.75 -20.64 -6.05
CA ASP B 188 2.44 -21.78 -5.18
C ASP B 188 3.73 -22.32 -4.50
N ILE B 189 3.52 -23.09 -3.42
CA ILE B 189 4.62 -23.70 -2.66
C ILE B 189 4.69 -25.21 -2.91
N ASP B 190 5.91 -25.74 -3.00
CA ASP B 190 6.10 -27.20 -3.02
C ASP B 190 6.15 -27.75 -1.58
N TYR B 191 4.97 -28.04 -1.04
CA TYR B 191 4.87 -28.49 0.36
C TYR B 191 5.51 -29.84 0.54
N GLN B 192 5.31 -30.72 -0.44
CA GLN B 192 5.95 -32.05 -0.45
C GLN B 192 7.46 -31.96 -0.25
N GLN B 193 8.13 -31.07 -0.98
CA GLN B 193 9.58 -30.94 -0.85
C GLN B 193 10.02 -30.31 0.47
N PHE B 194 9.22 -29.41 1.02
CA PHE B 194 9.44 -28.90 2.37
C PHE B 194 9.35 -30.05 3.38
N ARG B 195 8.27 -30.81 3.26
CA ARG B 195 8.01 -32.01 4.08
C ARG B 195 9.16 -33.01 4.03
N GLN B 196 9.72 -33.20 2.84
CA GLN B 196 10.87 -34.06 2.63
C GLN B 196 12.11 -33.55 3.36
N ILE B 197 12.34 -32.24 3.30
CA ILE B 197 13.48 -31.64 4.01
C ILE B 197 13.27 -31.69 5.53
N CYS B 198 12.04 -31.48 5.97
CA CYS B 198 11.72 -31.50 7.39
C CYS B 198 12.06 -32.87 7.98
N ASP B 199 11.54 -33.94 7.37
CA ASP B 199 11.84 -35.35 7.75
C ASP B 199 13.36 -35.66 7.85
N GLU B 200 14.14 -35.04 6.98
CA GLU B 200 15.60 -35.19 6.97
C GLU B 200 16.29 -34.68 8.21
N VAL B 201 15.71 -33.65 8.81
CA VAL B 201 16.24 -32.98 10.00
C VAL B 201 15.35 -33.27 11.22
N ASN B 202 14.26 -34.03 11.03
CA ASN B 202 13.29 -34.28 12.10
C ASN B 202 12.65 -32.97 12.59
N ALA B 203 12.40 -32.07 11.65
CA ALA B 203 11.84 -30.75 11.93
C ALA B 203 10.36 -30.79 11.64
N TYR B 204 9.60 -29.99 12.38
CA TYR B 204 8.18 -29.77 12.11
C TYR B 204 8.00 -28.95 10.81
N LEU B 205 6.94 -29.27 10.08
CA LEU B 205 6.53 -28.49 8.90
C LEU B 205 5.36 -27.59 9.26
N PHE B 206 5.56 -26.27 9.12
CA PHE B 206 4.58 -25.25 9.47
C PHE B 206 4.25 -24.48 8.20
N ALA B 207 2.96 -24.41 7.88
CA ALA B 207 2.50 -23.69 6.71
C ALA B 207 1.54 -22.56 7.08
N ASP B 208 1.93 -21.31 6.79
CA ASP B 208 1.09 -20.14 7.04
C ASP B 208 0.42 -19.82 5.73
N ILE B 209 -0.88 -20.06 5.64
CA ILE B 209 -1.62 -19.93 4.38
C ILE B 209 -2.65 -18.77 4.38
N SER B 210 -2.40 -17.75 5.20
CA SER B 210 -3.30 -16.60 5.37
C SER B 210 -3.66 -15.88 4.09
N HIS B 211 -2.67 -15.72 3.22
CA HIS B 211 -2.90 -15.06 1.93
C HIS B 211 -3.68 -15.91 0.90
N ILE B 212 -3.52 -17.23 0.99
CA ILE B 212 -4.03 -18.13 -0.05
C ILE B 212 -5.09 -19.08 0.48
N SER B 213 -5.65 -18.78 1.64
CA SER B 213 -6.43 -19.77 2.40
C SER B 213 -7.58 -20.35 1.58
N SER B 214 -8.29 -19.49 0.88
CA SER B 214 -9.39 -19.87 0.04
C SER B 214 -8.94 -20.80 -1.09
N PHE B 215 -7.74 -20.60 -1.58
CA PHE B 215 -7.22 -21.44 -2.65
C PHE B 215 -6.98 -22.85 -2.17
N VAL B 216 -6.45 -23.00 -0.95
CA VAL B 216 -6.20 -24.31 -0.40
C VAL B 216 -7.53 -25.02 -0.17
N ALA B 217 -8.49 -24.29 0.39
CA ALA B 217 -9.80 -24.82 0.75
C ALA B 217 -10.64 -25.24 -0.43
N CYS B 218 -10.56 -24.48 -1.51
CA CYS B 218 -11.35 -24.76 -2.73
C CYS B 218 -10.61 -25.70 -3.66
N ASN B 219 -9.42 -26.15 -3.26
CA ASN B 219 -8.64 -27.14 -4.00
C ASN B 219 -8.19 -26.62 -5.37
N ILE B 220 -7.87 -25.32 -5.43
CA ILE B 220 -7.34 -24.68 -6.62
C ILE B 220 -5.81 -24.66 -6.56
N LEU B 221 -5.25 -24.75 -5.36
CA LEU B 221 -3.81 -24.74 -5.17
C LEU B 221 -3.35 -25.93 -4.34
N ASN B 222 -2.05 -26.11 -4.24
CA ASN B 222 -1.48 -27.22 -3.48
C ASN B 222 -2.04 -27.24 -2.06
N ASN B 223 -2.15 -28.44 -1.50
CA ASN B 223 -2.76 -28.65 -0.19
C ASN B 223 -1.67 -28.96 0.81
N PRO B 224 -1.45 -28.06 1.81
CA PRO B 224 -0.39 -28.39 2.75
C PRO B 224 -0.84 -29.34 3.86
N PHE B 225 -2.15 -29.58 3.95
CA PHE B 225 -2.69 -30.52 4.91
C PHE B 225 -2.17 -31.94 4.64
N LEU B 226 -1.87 -32.24 3.38
CA LEU B 226 -1.29 -33.50 2.99
C LEU B 226 0.10 -33.72 3.60
N HIS B 227 0.84 -32.64 3.86
CA HIS B 227 2.19 -32.75 4.40
C HIS B 227 2.52 -31.99 5.71
N ALA B 228 1.74 -30.99 6.10
CA ALA B 228 2.14 -30.12 7.23
C ALA B 228 1.73 -30.68 8.61
N ASP B 229 2.59 -30.47 9.61
CA ASP B 229 2.23 -30.73 11.01
C ASP B 229 1.35 -29.61 11.58
N VAL B 230 1.63 -28.36 11.20
CA VAL B 230 0.79 -27.22 11.59
C VAL B 230 0.41 -26.33 10.40
N VAL B 231 -0.84 -25.93 10.34
CA VAL B 231 -1.26 -24.94 9.37
C VAL B 231 -1.93 -23.77 10.07
N THR B 232 -1.40 -22.57 9.85
CA THR B 232 -2.05 -21.35 10.38
C THR B 232 -2.66 -20.55 9.25
N THR B 233 -3.75 -19.89 9.58
CA THR B 233 -4.33 -18.90 8.70
C THR B 233 -5.06 -17.79 9.45
N THR B 234 -4.97 -16.58 8.93
CA THR B 234 -5.89 -15.52 9.30
C THR B 234 -7.17 -15.80 8.60
N THR B 235 -8.22 -15.15 9.06
CA THR B 235 -9.55 -15.32 8.50
C THR B 235 -10.05 -14.07 7.75
N HIS B 236 -9.23 -13.01 7.68
CA HIS B 236 -9.69 -11.67 7.19
C HIS B 236 -9.24 -11.31 5.77
N LYS B 237 -8.42 -12.14 5.16
CA LYS B 237 -7.87 -11.80 3.87
C LYS B 237 -8.74 -12.42 2.81
N ILE B 238 -8.15 -13.25 1.94
CA ILE B 238 -8.90 -13.92 0.88
C ILE B 238 -10.13 -14.68 1.41
N LEU B 239 -10.00 -15.26 2.62
CA LEU B 239 -11.14 -15.93 3.29
C LEU B 239 -12.36 -15.03 3.54
N ARG B 240 -12.14 -13.73 3.70
CA ARG B 240 -13.22 -12.73 3.75
C ARG B 240 -13.98 -12.75 5.07
N GLY B 241 -13.33 -13.20 6.13
CA GLY B 241 -13.95 -13.24 7.44
C GLY B 241 -13.58 -12.03 8.27
N PRO B 242 -13.79 -12.11 9.58
CA PRO B 242 -13.34 -11.05 10.48
C PRO B 242 -11.85 -11.15 10.73
N ARG B 243 -11.35 -10.24 11.56
CA ARG B 243 -9.96 -10.24 11.93
C ARG B 243 -9.78 -11.25 13.06
N SER B 244 -9.30 -12.43 12.69
CA SER B 244 -9.02 -13.51 13.63
C SER B 244 -8.04 -14.48 13.01
N ALA B 245 -7.69 -15.51 13.77
CA ALA B 245 -6.82 -16.52 13.24
C ALA B 245 -7.26 -17.93 13.70
N LEU B 246 -6.83 -18.90 12.90
CA LEU B 246 -7.03 -20.33 13.15
C LEU B 246 -5.67 -20.98 13.21
N ILE B 247 -5.51 -21.91 14.15
CA ILE B 247 -4.35 -22.83 14.19
C ILE B 247 -4.85 -24.27 14.02
N PHE B 248 -4.37 -24.92 12.95
CA PHE B 248 -4.61 -26.33 12.66
C PHE B 248 -3.38 -27.17 13.00
N PHE B 249 -3.61 -28.32 13.64
CA PHE B 249 -2.54 -29.25 14.07
C PHE B 249 -2.83 -30.67 13.59
N ASN B 250 -1.80 -31.39 13.21
CA ASN B 250 -1.95 -32.76 12.71
C ASN B 250 -1.81 -33.74 13.89
N LYS B 251 -2.96 -34.11 14.45
CA LYS B 251 -3.05 -35.02 15.60
C LYS B 251 -2.45 -36.39 15.29
N LYS B 252 -2.77 -36.90 14.11
CA LYS B 252 -2.34 -38.22 13.63
C LYS B 252 -0.83 -38.33 13.47
N ARG B 253 -0.21 -37.30 12.90
CA ARG B 253 1.24 -37.31 12.69
C ARG B 253 2.02 -37.09 13.98
N ASN B 254 1.44 -36.34 14.92
CA ASN B 254 2.05 -36.11 16.24
C ASN B 254 0.95 -36.06 17.32
N PRO B 255 0.74 -37.17 18.05
CA PRO B 255 -0.17 -37.11 19.19
C PRO B 255 0.46 -36.35 20.37
N GLY B 256 -0.38 -35.83 21.25
CA GLY B 256 0.09 -34.86 22.27
C GLY B 256 0.32 -33.41 21.76
N ILE B 257 0.03 -33.17 20.48
CA ILE B 257 0.15 -31.84 19.87
C ILE B 257 -1.08 -31.00 20.20
N GLU B 258 -2.25 -31.62 20.28
CA GLU B 258 -3.49 -30.91 20.60
C GLU B 258 -3.42 -30.14 21.92
N GLN B 259 -2.91 -30.79 22.97
CA GLN B 259 -2.76 -30.15 24.27
C GLN B 259 -1.72 -29.03 24.21
N LYS B 260 -0.60 -29.29 23.55
CA LYS B 260 0.49 -28.32 23.39
C LYS B 260 0.06 -26.97 22.76
N ILE B 261 -0.72 -27.07 21.70
CA ILE B 261 -1.26 -25.95 20.97
C ILE B 261 -2.32 -25.27 21.82
N ASN B 262 -3.21 -26.05 22.41
CA ASN B 262 -4.32 -25.47 23.13
C ASN B 262 -3.82 -24.71 24.35
N SER B 263 -2.84 -25.27 25.05
CA SER B 263 -2.24 -24.61 26.20
C SER B 263 -1.38 -23.38 25.83
N ALA B 264 -0.75 -23.37 24.64
CA ALA B 264 -0.02 -22.24 24.09
C ALA B 264 -0.90 -21.04 23.89
N VAL B 265 -2.04 -21.24 23.26
CA VAL B 265 -3.02 -20.20 23.10
C VAL B 265 -3.53 -19.76 24.46
N PHE B 266 -3.93 -20.72 25.29
CA PHE B 266 -4.40 -20.45 26.66
C PHE B 266 -4.02 -21.54 27.61
N PRO B 267 -3.46 -21.23 28.77
CA PRO B 267 -3.25 -19.87 29.25
C PRO B 267 -1.88 -19.29 29.01
N SER B 268 -1.06 -19.89 28.17
CA SER B 268 0.29 -19.38 28.01
C SER B 268 0.32 -17.92 27.51
N PHE B 269 -0.48 -17.61 26.50
CA PHE B 269 -0.41 -16.33 25.80
C PHE B 269 -1.66 -15.48 26.03
N GLN B 270 -2.83 -16.04 25.77
CA GLN B 270 -4.06 -15.26 25.86
C GLN B 270 -4.78 -15.53 27.14
N GLY B 271 -5.77 -14.69 27.41
CA GLY B 271 -6.77 -14.89 28.42
C GLY B 271 -8.08 -15.19 27.71
N GLY B 272 -9.10 -14.39 27.98
CA GLY B 272 -10.45 -14.72 27.52
C GLY B 272 -10.59 -14.64 26.02
N PRO B 273 -11.35 -15.57 25.41
CA PRO B 273 -11.59 -15.50 23.98
C PRO B 273 -12.54 -14.35 23.66
N HIS B 274 -12.54 -13.97 22.38
CA HIS B 274 -13.40 -12.90 21.89
C HIS B 274 -14.52 -13.52 21.10
N ASN B 275 -15.67 -13.67 21.75
CA ASN B 275 -16.71 -14.53 21.21
C ASN B 275 -17.40 -13.97 20.01
N ASN B 276 -17.41 -12.64 19.87
CA ASN B 276 -17.91 -11.99 18.65
C ASN B 276 -17.03 -12.39 17.45
N LYS B 277 -15.73 -12.48 17.65
CA LYS B 277 -14.84 -12.97 16.61
C LYS B 277 -15.22 -14.38 16.21
N ILE B 278 -15.28 -15.25 17.21
CA ILE B 278 -15.56 -16.66 16.98
C ILE B 278 -16.90 -16.84 16.24
N ALA B 279 -17.96 -16.19 16.69
CA ALA B 279 -19.23 -16.21 15.97
C ALA B 279 -19.08 -15.73 14.52
N ALA B 280 -18.33 -14.64 14.32
CA ALA B 280 -18.17 -14.06 13.01
C ALA B 280 -17.45 -15.02 12.05
N VAL B 281 -16.40 -15.63 12.56
CA VAL B 281 -15.64 -16.62 11.79
C VAL B 281 -16.52 -17.79 11.41
N ALA B 282 -17.29 -18.29 12.39
CA ALA B 282 -18.27 -19.35 12.13
C ALA B 282 -19.17 -18.97 10.95
N CYS B 283 -19.71 -17.76 10.97
CA CYS B 283 -20.58 -17.26 9.90
C CYS B 283 -19.94 -17.21 8.50
N GLN B 284 -18.64 -16.92 8.45
CA GLN B 284 -17.89 -16.98 7.18
C GLN B 284 -17.49 -18.38 6.76
N LEU B 285 -17.15 -19.25 7.70
CA LEU B 285 -16.79 -20.62 7.33
C LEU B 285 -17.99 -21.38 6.72
N LYS B 286 -19.22 -21.03 7.08
CA LYS B 286 -20.37 -21.57 6.36
C LYS B 286 -20.21 -21.21 4.89
N GLU B 287 -20.15 -19.90 4.62
CA GLU B 287 -19.94 -19.39 3.26
C GLU B 287 -18.72 -19.97 2.55
N VAL B 288 -17.61 -20.18 3.24
CA VAL B 288 -16.42 -20.76 2.59
C VAL B 288 -16.75 -22.08 1.90
N HIS B 289 -17.54 -22.93 2.56
CA HIS B 289 -17.83 -24.30 2.06
C HIS B 289 -18.90 -24.37 0.95
N SER B 290 -19.74 -23.35 0.85
CA SER B 290 -20.71 -23.23 -0.24
C SER B 290 -20.03 -23.17 -1.62
N PRO B 291 -20.76 -23.53 -2.70
CA PRO B 291 -20.15 -23.54 -4.03
C PRO B 291 -20.06 -22.13 -4.69
N ALA B 292 -20.88 -21.19 -4.23
CA ALA B 292 -20.80 -19.78 -4.63
C ALA B 292 -19.46 -19.09 -4.26
N PHE B 293 -18.84 -19.55 -3.17
CA PHE B 293 -17.58 -18.96 -2.72
C PHE B 293 -16.42 -19.53 -3.53
N LYS B 294 -16.52 -20.80 -3.93
CA LYS B 294 -15.60 -21.41 -4.93
C LYS B 294 -15.62 -20.59 -6.21
N GLU B 295 -16.82 -20.18 -6.62
CA GLU B 295 -16.97 -19.27 -7.77
C GLU B 295 -16.15 -17.99 -7.59
N TYR B 296 -16.38 -17.30 -6.46
CA TYR B 296 -15.65 -16.10 -6.09
C TYR B 296 -14.14 -16.31 -6.13
N THR B 297 -13.68 -17.37 -5.45
CA THR B 297 -12.25 -17.70 -5.34
C THR B 297 -11.60 -17.92 -6.71
N GLN B 298 -12.33 -18.60 -7.60
CA GLN B 298 -11.90 -18.80 -9.00
C GLN B 298 -11.80 -17.46 -9.67
N GLN B 299 -12.83 -16.64 -9.48
CA GLN B 299 -12.81 -15.29 -10.04
C GLN B 299 -11.57 -14.48 -9.62
N VAL B 300 -11.15 -14.63 -8.35
CA VAL B 300 -9.94 -13.96 -7.84
C VAL B 300 -8.72 -14.37 -8.66
N LEU B 301 -8.61 -15.66 -8.98
CA LEU B 301 -7.48 -16.13 -9.78
C LEU B 301 -7.61 -15.63 -11.22
N LEU B 302 -8.80 -15.75 -11.80
CA LEU B 302 -9.04 -15.29 -13.17
C LEU B 302 -8.58 -13.84 -13.30
N ASN B 303 -9.01 -13.01 -12.35
CA ASN B 303 -8.68 -11.59 -12.31
C ASN B 303 -7.20 -11.32 -12.14
N SER B 304 -6.56 -12.09 -11.26
CA SER B 304 -5.13 -11.93 -11.03
C SER B 304 -4.27 -12.26 -12.26
N LYS B 305 -4.65 -13.31 -12.98
CA LYS B 305 -4.01 -13.67 -14.25
C LYS B 305 -4.21 -12.56 -15.30
N ALA B 306 -5.45 -12.12 -15.48
CA ALA B 306 -5.73 -11.08 -16.46
C ALA B 306 -4.93 -9.80 -16.18
N LEU B 307 -4.83 -9.45 -14.89
CA LEU B 307 -4.13 -8.27 -14.47
C LEU B 307 -2.64 -8.35 -14.74
N ALA B 308 -2.05 -9.50 -14.44
CA ALA B 308 -0.62 -9.71 -14.72
C ALA B 308 -0.35 -9.61 -16.21
N LYS B 309 -1.21 -10.28 -16.97
CA LYS B 309 -1.14 -10.31 -18.44
C LYS B 309 -1.31 -8.90 -19.02
N ALA B 310 -2.24 -8.12 -18.47
CA ALA B 310 -2.44 -6.74 -18.93
C ALA B 310 -1.25 -5.86 -18.53
N LEU B 311 -0.72 -6.08 -17.33
CA LEU B 311 0.47 -5.34 -16.91
C LEU B 311 1.66 -5.68 -17.80
N ILE B 312 1.82 -6.97 -18.13
CA ILE B 312 2.87 -7.40 -19.05
C ILE B 312 2.65 -6.86 -20.47
N SER B 313 1.39 -6.77 -20.91
CA SER B 313 1.04 -6.14 -22.21
C SER B 313 1.46 -4.66 -22.31
N LYS B 314 1.55 -3.96 -21.15
CA LYS B 314 2.06 -2.58 -21.09
C LYS B 314 3.51 -2.51 -20.69
N GLN B 315 4.25 -3.59 -20.92
CA GLN B 315 5.68 -3.63 -20.63
C GLN B 315 6.01 -3.33 -19.17
N ILE B 316 5.23 -3.87 -18.24
CA ILE B 316 5.57 -3.78 -16.82
C ILE B 316 6.10 -5.14 -16.36
N ASP B 317 7.27 -5.14 -15.70
CA ASP B 317 7.91 -6.33 -15.17
C ASP B 317 7.30 -6.77 -13.83
N LEU B 318 7.00 -8.06 -13.73
CA LEU B 318 6.47 -8.68 -12.54
C LEU B 318 7.51 -9.65 -11.95
N VAL B 319 7.58 -9.72 -10.62
CA VAL B 319 8.50 -10.65 -9.94
C VAL B 319 7.96 -12.04 -10.16
N THR B 320 8.86 -12.97 -10.47
CA THR B 320 8.54 -14.30 -11.01
C THR B 320 7.91 -14.30 -12.41
N ASN B 321 7.72 -13.13 -13.03
CA ASN B 321 7.05 -12.95 -14.34
C ASN B 321 5.56 -13.37 -14.48
N GLY B 322 4.85 -13.36 -13.36
CA GLY B 322 3.45 -13.75 -13.34
C GLY B 322 2.97 -14.13 -11.96
N THR B 323 1.78 -14.71 -11.91
CA THR B 323 1.18 -15.11 -10.66
C THR B 323 0.47 -16.49 -10.77
N ASP B 324 0.52 -17.27 -9.70
CA ASP B 324 -0.32 -18.48 -9.56
C ASP B 324 -1.48 -18.26 -8.62
N ASN B 325 -1.61 -17.04 -8.09
CA ASN B 325 -2.64 -16.79 -7.10
C ASN B 325 -3.24 -15.40 -7.27
N HIS B 326 -3.79 -14.89 -6.17
CA HIS B 326 -4.36 -13.54 -6.03
C HIS B 326 -3.39 -12.35 -6.03
N LEU B 327 -2.07 -12.56 -6.06
CA LEU B 327 -1.15 -11.45 -5.85
C LEU B 327 -0.03 -11.34 -6.88
N ILE B 328 0.33 -10.09 -7.14
CA ILE B 328 1.35 -9.75 -8.11
C ILE B 328 2.31 -8.85 -7.38
N VAL B 329 3.58 -8.89 -7.77
CA VAL B 329 4.56 -7.93 -7.27
C VAL B 329 5.20 -7.26 -8.49
N VAL B 330 5.00 -5.95 -8.63
CA VAL B 330 5.57 -5.18 -9.73
C VAL B 330 6.97 -4.73 -9.39
N ASP B 331 7.91 -5.13 -10.25
CA ASP B 331 9.29 -4.64 -10.26
C ASP B 331 9.35 -3.31 -11.03
N LEU B 332 9.64 -2.23 -10.32
CA LEU B 332 9.59 -0.86 -10.89
C LEU B 332 10.97 -0.32 -11.33
N ARG B 333 12.04 -1.10 -11.17
CA ARG B 333 13.41 -0.66 -11.51
C ARG B 333 13.61 -0.01 -12.91
N LYS B 334 13.01 -0.54 -13.96
CA LYS B 334 13.16 0.03 -15.33
C LYS B 334 12.66 1.47 -15.45
N PHE B 335 11.75 1.86 -14.55
CA PHE B 335 11.21 3.21 -14.51
C PHE B 335 11.97 4.17 -13.57
N SER B 336 12.99 3.65 -12.87
CA SER B 336 13.82 4.46 -11.95
C SER B 336 13.00 5.23 -10.91
N ILE B 337 11.92 4.60 -10.44
CA ILE B 337 11.12 5.10 -9.32
C ILE B 337 11.12 4.04 -8.22
N THR B 338 10.75 4.45 -7.00
CA THR B 338 10.66 3.55 -5.86
C THR B 338 9.21 3.20 -5.62
N GLY B 339 8.99 2.04 -4.97
CA GLY B 339 7.67 1.65 -4.49
C GLY B 339 7.00 2.70 -3.61
N SER B 340 7.78 3.31 -2.71
CA SER B 340 7.28 4.43 -1.87
C SER B 340 6.70 5.58 -2.70
N LYS B 341 7.41 5.98 -3.75
CA LYS B 341 6.94 7.06 -4.62
C LYS B 341 5.59 6.72 -5.25
N LEU B 342 5.46 5.50 -5.79
CA LEU B 342 4.22 5.07 -6.46
C LEU B 342 3.07 4.86 -5.48
N GLN B 343 3.38 4.41 -4.27
CA GLN B 343 2.35 4.28 -3.23
C GLN B 343 1.72 5.66 -2.99
N GLU B 344 2.57 6.65 -2.75
CA GLU B 344 2.15 8.04 -2.57
C GLU B 344 1.30 8.49 -3.72
N THR B 345 1.80 8.27 -4.94
CA THR B 345 1.05 8.64 -6.14
C THR B 345 -0.31 7.94 -6.19
N CYS B 346 -0.35 6.66 -5.85
CA CYS B 346 -1.58 5.89 -5.94
C CYS B 346 -2.59 6.29 -4.85
N ASN B 347 -2.13 6.70 -3.66
CA ASN B 347 -3.09 7.24 -2.66
C ASN B 347 -3.72 8.56 -3.10
N ALA B 348 -2.97 9.37 -3.85
CA ALA B 348 -3.50 10.62 -4.41
C ALA B 348 -4.59 10.39 -5.46
N ILE B 349 -4.65 9.18 -6.02
CA ILE B 349 -5.66 8.84 -7.02
C ILE B 349 -6.67 7.82 -6.51
N ASN B 350 -6.67 7.62 -5.19
CA ASN B 350 -7.51 6.64 -4.50
C ASN B 350 -7.28 5.19 -4.94
N VAL B 351 -6.00 4.80 -4.99
CA VAL B 351 -5.62 3.43 -5.30
C VAL B 351 -4.76 2.94 -4.14
N SER B 352 -5.27 1.95 -3.43
CA SER B 352 -4.55 1.43 -2.28
C SER B 352 -3.74 0.28 -2.78
N LEU B 353 -2.45 0.38 -2.52
CA LEU B 353 -1.50 -0.67 -2.78
C LEU B 353 -0.38 -0.43 -1.79
N ASN B 354 0.58 -1.34 -1.72
CA ASN B 354 1.67 -1.14 -0.78
C ASN B 354 3.00 -1.41 -1.42
N LYS B 355 4.01 -0.70 -0.95
CA LYS B 355 5.37 -0.90 -1.39
C LYS B 355 5.84 -2.27 -0.94
N ASN B 356 6.65 -2.89 -1.77
CA ASN B 356 7.12 -4.21 -1.52
C ASN B 356 8.55 -4.39 -2.01
N THR B 357 9.36 -5.07 -1.22
CA THR B 357 10.71 -5.36 -1.63
C THR B 357 10.73 -6.35 -2.81
N ILE B 358 11.88 -6.38 -3.51
CA ILE B 358 12.11 -7.33 -4.58
C ILE B 358 13.48 -7.98 -4.33
N PRO B 359 13.84 -9.01 -5.11
CA PRO B 359 15.02 -9.79 -4.67
C PRO B 359 16.33 -9.01 -4.70
N SER B 360 16.44 -8.09 -5.67
CA SER B 360 17.58 -7.21 -5.81
C SER B 360 17.74 -6.20 -4.66
N ASP B 361 16.65 -5.89 -3.93
CA ASP B 361 16.74 -4.96 -2.80
C ASP B 361 17.61 -5.52 -1.70
N VAL B 362 18.53 -4.71 -1.23
CA VAL B 362 19.41 -5.10 -0.12
C VAL B 362 18.89 -4.58 1.23
N ASP B 363 17.99 -3.60 1.22
CA ASP B 363 17.42 -3.01 2.42
C ASP B 363 15.91 -2.88 2.26
N ALA B 364 15.18 -2.99 3.36
CA ALA B 364 13.73 -2.73 3.36
C ALA B 364 13.35 -1.23 3.38
N VAL B 365 14.34 -0.36 3.59
CA VAL B 365 14.13 1.11 3.61
C VAL B 365 13.64 1.70 2.29
N SER B 366 14.14 1.18 1.18
CA SER B 366 13.75 1.68 -0.13
C SER B 366 13.37 0.49 -1.00
N PRO B 367 12.13 0.01 -0.85
CA PRO B 367 11.74 -1.14 -1.65
C PRO B 367 11.46 -0.74 -3.10
N SER B 368 11.79 -1.64 -4.02
CA SER B 368 11.79 -1.30 -5.42
C SER B 368 10.54 -1.75 -6.16
N GLY B 369 9.54 -2.23 -5.42
CA GLY B 369 8.31 -2.69 -6.02
C GLY B 369 7.08 -2.32 -5.26
N VAL B 370 5.94 -2.68 -5.85
CA VAL B 370 4.66 -2.57 -5.19
C VAL B 370 3.95 -3.92 -5.29
N ARG B 371 3.06 -4.20 -4.34
CA ARG B 371 2.28 -5.42 -4.37
C ARG B 371 0.81 -5.09 -4.47
N ILE B 372 0.13 -5.77 -5.39
CA ILE B 372 -1.28 -5.62 -5.62
C ILE B 372 -1.92 -6.98 -5.46
N GLY B 373 -3.22 -6.98 -5.21
CA GLY B 373 -3.98 -8.22 -5.11
C GLY B 373 -5.39 -8.01 -5.59
N THR B 374 -6.05 -9.09 -5.97
CA THR B 374 -7.41 -8.99 -6.52
C THR B 374 -8.60 -9.32 -5.65
N PRO B 375 -8.41 -9.87 -4.42
CA PRO B 375 -9.59 -10.32 -3.67
C PRO B 375 -10.62 -9.24 -3.33
N ALA B 376 -10.18 -8.05 -2.97
CA ALA B 376 -11.11 -6.98 -2.59
C ALA B 376 -11.94 -6.51 -3.82
N MET B 377 -11.28 -6.27 -4.95
CA MET B 377 -11.98 -5.85 -6.18
C MET B 377 -12.88 -6.93 -6.77
N THR B 378 -12.46 -8.18 -6.63
CA THR B 378 -13.31 -9.29 -6.99
C THR B 378 -14.56 -9.34 -6.12
N THR B 379 -14.39 -9.04 -4.83
CA THR B 379 -15.56 -8.94 -3.95
C THR B 379 -16.53 -7.86 -4.44
N ARG B 380 -15.99 -6.74 -4.91
CA ARG B 380 -16.80 -5.64 -5.43
C ARG B 380 -17.39 -5.86 -6.84
N GLY B 381 -17.07 -7.00 -7.48
CA GLY B 381 -17.77 -7.45 -8.68
C GLY B 381 -17.02 -7.30 -10.01
N ALA B 382 -15.74 -6.95 -9.95
CA ALA B 382 -14.92 -6.80 -11.14
C ALA B 382 -14.64 -8.15 -11.81
N LYS B 383 -14.50 -8.11 -13.13
CA LYS B 383 -14.26 -9.29 -13.95
C LYS B 383 -12.96 -9.12 -14.73
N GLU B 384 -12.57 -10.14 -15.49
CA GLU B 384 -11.30 -10.08 -16.25
C GLU B 384 -11.16 -8.83 -17.12
N LYS B 385 -12.27 -8.45 -17.76
CA LYS B 385 -12.42 -7.23 -18.58
C LYS B 385 -12.05 -5.95 -17.83
N ASP B 386 -12.45 -5.90 -16.56
CA ASP B 386 -12.21 -4.73 -15.70
C ASP B 386 -10.75 -4.59 -15.26
N MET B 387 -9.93 -5.61 -15.54
CA MET B 387 -8.54 -5.61 -15.15
C MET B 387 -7.65 -4.78 -16.07
N GLU B 388 -8.06 -4.59 -17.32
CA GLU B 388 -7.29 -3.73 -18.24
C GLU B 388 -7.34 -2.27 -17.76
N PHE B 389 -8.51 -1.82 -17.33
CA PHE B 389 -8.66 -0.46 -16.79
C PHE B 389 -7.75 -0.25 -15.57
N ILE B 390 -7.73 -1.23 -14.67
CA ILE B 390 -6.87 -1.14 -13.47
C ILE B 390 -5.40 -1.12 -13.88
N ALA B 391 -5.04 -2.03 -14.78
CA ALA B 391 -3.69 -2.05 -15.31
C ALA B 391 -3.35 -0.71 -15.99
N ASP B 392 -4.30 -0.20 -16.77
CA ASP B 392 -4.18 1.13 -17.37
C ASP B 392 -3.98 2.24 -16.33
N VAL B 393 -4.79 2.22 -15.27
CA VAL B 393 -4.67 3.23 -14.21
C VAL B 393 -3.31 3.18 -13.54
N LEU B 394 -2.82 1.96 -13.28
CA LEU B 394 -1.49 1.77 -12.66
C LEU B 394 -0.36 2.20 -13.57
N ALA B 395 -0.49 1.93 -14.86
CA ALA B 395 0.47 2.44 -15.87
C ALA B 395 0.48 4.00 -15.95
N ARG B 396 -0.69 4.62 -15.91
CA ARG B 396 -0.77 6.10 -15.85
C ARG B 396 -0.18 6.60 -14.54
N ALA B 397 -0.40 5.90 -13.43
CA ALA B 397 0.20 6.31 -12.18
C ALA B 397 1.71 6.25 -12.29
N ILE B 398 2.24 5.20 -12.91
CA ILE B 398 3.70 5.05 -13.06
C ILE B 398 4.28 6.17 -13.91
N LYS B 399 3.56 6.53 -14.97
CA LYS B 399 4.01 7.62 -15.81
C LYS B 399 4.05 8.96 -15.05
N ILE B 400 2.93 9.28 -14.39
CA ILE B 400 2.82 10.52 -13.61
C ILE B 400 3.91 10.57 -12.55
N THR B 401 4.19 9.42 -11.95
CA THR B 401 5.23 9.29 -10.95
C THR B 401 6.60 9.58 -11.56
N VAL B 402 6.83 9.18 -12.82
CA VAL B 402 8.11 9.47 -13.47
C VAL B 402 8.19 10.97 -13.79
N ASP B 403 7.09 11.51 -14.33
CA ASP B 403 6.91 12.95 -14.60
C ASP B 403 7.22 13.82 -13.36
N LEU B 404 6.71 13.44 -12.19
CA LEU B 404 6.89 14.22 -10.95
C LEU B 404 8.28 14.09 -10.32
N GLN B 405 8.88 12.92 -10.49
CA GLN B 405 10.26 12.72 -10.06
C GLN B 405 11.24 13.56 -10.92
N GLU B 406 10.91 13.76 -12.20
CA GLU B 406 11.68 14.61 -13.10
C GLU B 406 11.60 16.10 -12.72
N GLN B 407 10.39 16.55 -12.39
CA GLN B 407 10.13 17.96 -12.07
C GLN B 407 10.59 18.39 -10.67
N TYR B 408 10.32 17.57 -9.66
CA TYR B 408 10.58 17.95 -8.27
C TYR B 408 11.79 17.27 -7.63
N GLY B 409 12.46 16.37 -8.34
CA GLY B 409 13.60 15.62 -7.80
C GLY B 409 13.22 14.27 -7.24
N LYS B 410 14.23 13.47 -6.91
CA LYS B 410 14.06 12.10 -6.38
C LYS B 410 13.95 12.01 -4.85
N LYS B 411 14.22 13.10 -4.15
CA LYS B 411 14.03 13.11 -2.70
C LYS B 411 12.55 13.00 -2.42
N LEU B 412 12.21 12.12 -1.47
CA LEU B 412 10.81 11.79 -1.16
C LEU B 412 10.05 13.00 -0.64
N VAL B 413 10.75 13.82 0.13
CA VAL B 413 10.27 15.12 0.65
C VAL B 413 9.77 16.01 -0.51
N ASP B 414 10.64 16.20 -1.49
CA ASP B 414 10.38 17.04 -2.66
C ASP B 414 9.25 16.50 -3.55
N PHE B 415 9.23 15.16 -3.74
CA PHE B 415 8.26 14.46 -4.60
C PHE B 415 6.83 14.72 -4.18
N LYS B 416 6.58 14.62 -2.88
CA LYS B 416 5.23 14.84 -2.34
C LYS B 416 4.73 16.27 -2.53
N LYS B 417 5.63 17.24 -2.60
CA LYS B 417 5.26 18.63 -2.91
C LYS B 417 4.61 18.74 -4.28
N GLY B 418 5.10 17.92 -5.21
CA GLY B 418 4.53 17.85 -6.56
C GLY B 418 3.10 17.33 -6.62
N LEU B 419 2.75 16.47 -5.68
CA LEU B 419 1.54 15.64 -5.76
C LEU B 419 0.23 16.41 -5.57
N PRO B 420 0.16 17.30 -4.56
CA PRO B 420 -1.08 18.06 -4.41
C PRO B 420 -1.32 19.05 -5.55
N GLY B 421 -2.55 19.05 -6.07
CA GLY B 421 -2.96 19.94 -7.15
C GLY B 421 -2.68 19.52 -8.59
N ASN B 422 -1.80 18.54 -8.80
CA ASN B 422 -1.45 18.07 -10.16
C ASN B 422 -2.72 17.68 -10.94
N ALA B 423 -2.89 18.32 -12.08
CA ALA B 423 -4.06 18.17 -12.94
C ALA B 423 -4.28 16.74 -13.40
N GLN B 424 -3.20 16.02 -13.72
CA GLN B 424 -3.32 14.62 -14.19
C GLN B 424 -3.88 13.68 -13.10
N LEU B 425 -3.38 13.85 -11.88
CA LEU B 425 -3.86 13.10 -10.73
C LEU B 425 -5.33 13.36 -10.45
N GLN B 426 -5.72 14.64 -10.43
CA GLN B 426 -7.11 15.03 -10.09
C GLN B 426 -8.05 14.32 -11.04
N GLN B 427 -7.75 14.47 -12.34
CA GLN B 427 -8.46 13.78 -13.43
C GLN B 427 -8.49 12.26 -13.25
N LEU B 428 -7.35 11.67 -12.92
CA LEU B 428 -7.21 10.22 -12.75
C LEU B 428 -7.92 9.72 -11.48
N LYS B 429 -7.78 10.48 -10.39
CA LYS B 429 -8.57 10.28 -9.16
C LYS B 429 -10.08 10.32 -9.41
N GLN B 430 -10.52 11.28 -10.22
CA GLN B 430 -11.93 11.43 -10.56
C GLN B 430 -12.46 10.20 -11.28
N GLU B 431 -11.70 9.67 -12.25
CA GLU B 431 -12.13 8.48 -13.02
C GLU B 431 -12.19 7.27 -12.10
N VAL B 432 -11.15 7.14 -11.28
CA VAL B 432 -11.08 6.10 -10.24
C VAL B 432 -12.29 6.18 -9.33
N VAL B 433 -12.56 7.37 -8.79
CA VAL B 433 -13.74 7.60 -7.96
C VAL B 433 -15.03 7.24 -8.68
N THR B 434 -15.18 7.61 -9.96
CA THR B 434 -16.47 7.36 -10.66
C THR B 434 -16.70 5.88 -10.87
N TRP B 435 -15.68 5.15 -11.32
CA TRP B 435 -15.84 3.71 -11.56
C TRP B 435 -15.99 2.91 -10.26
N ALA B 436 -15.05 3.15 -9.32
CA ALA B 436 -15.06 2.56 -7.96
C ALA B 436 -16.33 2.81 -7.16
N GLY B 437 -16.82 4.05 -7.23
CA GLY B 437 -18.00 4.48 -6.48
C GLY B 437 -19.28 3.73 -6.76
N ALA B 438 -19.41 3.19 -7.97
CA ALA B 438 -20.64 2.52 -8.42
C ALA B 438 -20.62 0.98 -8.32
N LEU B 439 -19.45 0.40 -8.07
CA LEU B 439 -19.32 -1.05 -7.90
C LEU B 439 -20.05 -1.54 -6.66
N PRO B 440 -20.69 -2.75 -6.72
CA PRO B 440 -21.35 -3.26 -5.52
C PRO B 440 -20.44 -3.23 -4.28
N PHE B 441 -21.05 -2.89 -3.15
CA PHE B 441 -20.34 -2.64 -1.90
C PHE B 441 -21.13 -3.36 -0.83
N PRO B 442 -20.55 -4.39 -0.19
CA PRO B 442 -21.25 -4.94 0.96
C PRO B 442 -21.14 -3.95 2.13
N MET C 1 32.39 39.48 -70.43
CA MET C 1 31.13 40.24 -70.80
C MET C 1 30.07 40.10 -69.69
N PHE C 2 30.45 40.60 -68.51
CA PHE C 2 29.64 40.44 -67.29
C PHE C 2 29.86 41.61 -66.33
N ASN C 3 28.88 41.84 -65.46
CA ASN C 3 29.01 42.79 -64.35
C ASN C 3 29.60 42.14 -63.09
N ASN C 4 30.63 42.76 -62.54
CA ASN C 4 31.29 42.27 -61.32
C ASN C 4 31.17 43.21 -60.10
N GLU C 5 30.32 44.24 -60.20
CA GLU C 5 30.08 45.15 -59.08
C GLU C 5 29.44 44.37 -57.91
N PRO C 6 29.85 44.66 -56.65
CA PRO C 6 29.28 43.91 -55.51
C PRO C 6 27.79 44.11 -55.30
N LEU C 7 27.21 43.20 -54.54
CA LEU C 7 25.77 43.12 -54.34
C LEU C 7 25.14 44.46 -53.97
N GLU C 8 25.79 45.18 -53.04
CA GLU C 8 25.34 46.50 -52.61
C GLU C 8 25.23 47.53 -53.74
N GLN C 9 26.20 47.53 -54.63
CA GLN C 9 26.16 48.44 -55.78
C GLN C 9 25.20 47.93 -56.86
N ILE C 10 25.36 46.66 -57.25
CA ILE C 10 24.60 46.09 -58.37
C ILE C 10 23.10 45.98 -58.13
N ASP C 11 22.71 45.67 -56.89
CA ASP C 11 21.31 45.55 -56.52
C ASP C 11 21.16 46.02 -55.08
N LYS C 12 21.06 47.33 -54.92
CA LYS C 12 20.88 47.95 -53.61
C LYS C 12 19.50 47.62 -53.01
N GLU C 13 18.47 47.48 -53.84
CA GLU C 13 17.14 47.20 -53.33
C GLU C 13 17.13 45.88 -52.56
N LEU C 14 17.58 44.82 -53.24
CA LEU C 14 17.68 43.49 -52.65
C LEU C 14 18.57 43.49 -51.43
N HIS C 15 19.72 44.16 -51.52
CA HIS C 15 20.71 44.22 -50.44
C HIS C 15 20.20 44.86 -49.15
N ASP C 16 19.24 45.79 -49.26
CA ASP C 16 18.70 46.46 -48.08
C ASP C 16 17.89 45.48 -47.29
N ILE C 17 17.04 44.73 -48.01
CA ILE C 17 16.15 43.75 -47.40
C ILE C 17 16.99 42.68 -46.69
N LEU C 18 18.06 42.24 -47.36
CA LEU C 18 18.93 41.21 -46.79
C LEU C 18 19.57 41.70 -45.52
N ALA C 19 19.95 42.98 -45.47
CA ALA C 19 20.49 43.58 -44.25
C ALA C 19 19.40 43.68 -43.18
N ASP C 20 18.18 43.98 -43.60
CA ASP C 20 17.03 43.97 -42.68
C ASP C 20 16.82 42.59 -42.05
N GLU C 21 16.89 41.56 -42.91
CA GLU C 21 16.77 40.15 -42.54
C GLU C 21 17.86 39.76 -41.55
N GLU C 22 19.10 40.11 -41.88
CA GLU C 22 20.23 39.92 -40.97
C GLU C 22 19.94 40.54 -39.58
N LYS C 23 19.41 41.75 -39.58
CA LYS C 23 19.08 42.50 -38.36
C LYS C 23 17.93 41.83 -37.56
N ARG C 24 16.88 41.38 -38.25
CA ARG C 24 15.79 40.69 -37.58
C ARG C 24 16.30 39.40 -36.92
N GLN C 25 17.04 38.58 -37.67
CA GLN C 25 17.60 37.31 -37.16
C GLN C 25 18.47 37.48 -35.91
N ARG C 26 19.28 38.52 -35.98
CA ARG C 26 20.12 38.96 -34.87
C ARG C 26 19.29 39.41 -33.67
N GLU C 27 18.08 39.92 -33.91
CA GLU C 27 17.26 40.49 -32.86
C GLU C 27 16.05 39.63 -32.47
N THR C 28 16.03 38.36 -32.88
CA THR C 28 14.89 37.48 -32.64
C THR C 28 15.32 36.36 -31.68
N ILE C 29 14.45 36.03 -30.73
CA ILE C 29 14.59 34.78 -29.96
C ILE C 29 13.93 33.69 -30.83
N ASN C 30 14.80 32.91 -31.51
CA ASN C 30 14.36 31.92 -32.47
C ASN C 30 14.16 30.57 -31.78
N LEU C 31 12.91 30.18 -31.64
CA LEU C 31 12.51 28.89 -31.09
C LEU C 31 11.94 27.95 -32.16
N ILE C 32 12.20 28.20 -33.45
CA ILE C 32 11.76 27.24 -34.47
C ILE C 32 12.64 25.97 -34.37
N ALA C 33 12.04 24.85 -34.08
CA ALA C 33 12.79 23.63 -33.73
C ALA C 33 13.65 23.15 -34.88
N SER C 34 13.23 23.48 -36.09
CA SER C 34 13.92 23.11 -37.34
C SER C 34 14.93 24.14 -37.83
N GLU C 35 15.08 25.26 -37.16
CA GLU C 35 15.97 26.30 -37.65
C GLU C 35 17.28 26.31 -36.91
N ASN C 36 18.28 26.90 -37.55
CA ASN C 36 19.61 27.00 -36.96
C ASN C 36 20.34 28.12 -37.65
N LEU C 37 21.59 28.36 -37.27
CA LEU C 37 22.41 29.39 -37.90
C LEU C 37 23.72 28.82 -38.39
N THR C 38 23.93 28.86 -39.70
CA THR C 38 25.14 28.35 -40.33
C THR C 38 26.31 29.26 -40.13
N ASN C 39 27.50 28.68 -39.96
CA ASN C 39 28.75 29.45 -39.81
C ASN C 39 29.24 29.99 -41.14
N GLY C 40 30.21 30.89 -41.09
CA GLY C 40 30.74 31.54 -42.30
C GLY C 40 31.31 30.57 -43.33
N ALA C 41 31.91 29.47 -42.85
CA ALA C 41 32.51 28.46 -43.71
C ALA C 41 31.47 27.72 -44.54
N VAL C 42 30.36 27.38 -43.91
CA VAL C 42 29.25 26.75 -44.61
C VAL C 42 28.73 27.68 -45.72
N ARG C 43 28.56 28.97 -45.40
CA ARG C 43 28.11 29.98 -46.39
C ARG C 43 29.13 30.37 -47.48
N GLU C 44 30.42 30.22 -47.21
CA GLU C 44 31.48 30.35 -48.24
C GLU C 44 31.39 29.25 -49.31
N CYS C 45 30.95 28.07 -48.89
CA CYS C 45 30.79 26.95 -49.80
C CYS C 45 29.52 27.12 -50.62
N LEU C 46 28.44 27.54 -49.96
CA LEU C 46 27.18 27.84 -50.66
C LEU C 46 27.35 28.96 -51.73
N GLY C 47 28.28 29.89 -51.53
CA GLY C 47 28.62 30.90 -52.56
C GLY C 47 29.82 30.56 -53.47
N ASN C 48 30.27 29.30 -53.43
CA ASN C 48 31.45 28.90 -54.17
C ASN C 48 31.11 28.66 -55.64
N ARG C 49 32.08 28.87 -56.52
CA ARG C 49 31.90 28.60 -57.97
C ARG C 49 31.72 27.13 -58.36
N VAL C 50 31.82 26.23 -57.40
CA VAL C 50 31.53 24.82 -57.65
C VAL C 50 30.10 24.55 -58.21
N SER C 51 29.16 25.46 -57.92
CA SER C 51 27.79 25.40 -58.47
C SER C 51 27.69 25.68 -59.96
N ASN C 52 28.76 26.19 -60.57
CA ASN C 52 28.84 26.30 -62.03
C ASN C 52 28.87 24.98 -62.80
N LYS C 53 29.11 23.86 -62.14
CA LYS C 53 29.40 22.60 -62.80
C LYS C 53 28.24 21.63 -62.85
N TYR C 54 27.92 21.20 -64.06
CA TYR C 54 27.01 20.06 -64.30
C TYR C 54 27.74 18.73 -64.09
N SER C 55 27.27 17.92 -63.15
CA SER C 55 27.83 16.60 -62.86
C SER C 55 26.74 15.56 -62.68
N GLU C 56 25.86 15.50 -63.66
CA GLU C 56 24.83 14.48 -63.64
C GLU C 56 25.51 13.11 -63.59
N GLY C 57 25.16 12.33 -62.60
CA GLY C 57 25.65 10.99 -62.48
C GLY C 57 26.14 10.78 -61.07
N TYR C 58 27.17 9.96 -60.92
CA TYR C 58 27.79 9.70 -59.62
C TYR C 58 29.27 9.80 -59.80
N PRO C 59 30.04 9.80 -58.70
CA PRO C 59 31.51 9.86 -58.83
C PRO C 59 32.06 8.72 -59.71
N LYS C 60 32.94 9.04 -60.66
CA LYS C 60 33.50 8.04 -61.59
C LYS C 60 32.47 7.42 -62.56
N LYS C 61 31.24 7.90 -62.51
CA LYS C 61 30.13 7.42 -63.34
C LYS C 61 29.37 8.63 -63.86
N ARG C 62 30.14 9.64 -64.23
CA ARG C 62 29.60 10.91 -64.68
C ARG C 62 29.16 10.74 -66.11
N TYR C 63 28.22 11.57 -66.52
CA TYR C 63 27.90 11.70 -67.92
C TYR C 63 28.99 12.51 -68.57
N TYR C 64 29.46 13.56 -67.90
CA TYR C 64 30.51 14.43 -68.48
C TYR C 64 31.81 14.35 -67.74
N GLY C 65 32.88 14.71 -68.43
CA GLY C 65 34.19 14.84 -67.83
C GLY C 65 34.33 16.23 -67.25
N GLY C 66 35.53 16.51 -66.76
CA GLY C 66 35.81 17.76 -66.11
C GLY C 66 35.26 17.72 -64.69
N ASN C 67 34.97 16.52 -64.19
CA ASN C 67 34.40 16.31 -62.88
C ASN C 67 35.38 15.65 -61.90
N ASP C 68 36.67 15.94 -62.06
CA ASP C 68 37.68 15.32 -61.19
C ASP C 68 37.63 15.93 -59.80
N PHE C 69 37.60 17.24 -59.75
CA PHE C 69 37.50 17.96 -58.48
C PHE C 69 36.10 17.88 -57.84
N ILE C 70 35.06 17.82 -58.66
CA ILE C 70 33.68 17.55 -58.18
C ILE C 70 33.56 16.17 -57.57
N ASP C 71 34.14 15.16 -58.22
CA ASP C 71 34.14 13.77 -57.70
C ASP C 71 34.82 13.63 -56.35
N LYS C 72 35.94 14.33 -56.17
CA LYS C 72 36.62 14.33 -54.87
C LYS C 72 35.67 14.85 -53.80
N ILE C 73 35.01 15.97 -54.11
CA ILE C 73 34.11 16.64 -53.17
C ILE C 73 32.92 15.78 -52.83
N GLU C 74 32.33 15.10 -53.82
CA GLU C 74 31.17 14.23 -53.56
C GLU C 74 31.56 13.02 -52.74
N GLU C 75 32.77 12.49 -52.99
CA GLU C 75 33.29 11.32 -52.21
C GLU C 75 33.64 11.71 -50.78
N LEU C 76 34.34 12.84 -50.64
CA LEU C 76 34.70 13.39 -49.33
C LEU C 76 33.48 13.58 -48.43
N CYS C 77 32.41 14.13 -49.04
CA CYS C 77 31.11 14.29 -48.40
C CYS C 77 30.49 12.96 -47.98
N GLN C 78 30.46 11.99 -48.90
CA GLN C 78 29.89 10.65 -48.60
C GLN C 78 30.64 9.94 -47.48
N LYS C 79 31.97 10.08 -47.49
CA LYS C 79 32.83 9.47 -46.48
C LYS C 79 32.51 10.09 -45.12
N ARG C 80 32.53 11.42 -45.09
CA ARG C 80 32.28 12.17 -43.84
C ARG C 80 30.92 11.92 -43.20
N ALA C 81 29.91 11.56 -44.00
CA ALA C 81 28.57 11.25 -43.49
C ALA C 81 28.51 9.91 -42.77
N LEU C 82 29.10 8.92 -43.38
CA LEU C 82 29.11 7.56 -42.83
C LEU C 82 29.91 7.52 -41.50
N GLU C 83 31.04 8.20 -41.50
CA GLU C 83 31.83 8.42 -40.30
C GLU C 83 31.01 9.16 -39.24
N ALA C 84 30.35 10.24 -39.64
CA ALA C 84 29.56 11.06 -38.71
C ALA C 84 28.48 10.28 -38.02
N PHE C 85 27.80 9.43 -38.77
CA PHE C 85 26.78 8.55 -38.20
C PHE C 85 27.27 7.16 -37.77
N ASN C 86 28.58 7.01 -37.61
CA ASN C 86 29.21 5.79 -37.03
C ASN C 86 28.70 4.52 -37.70
N VAL C 87 28.96 4.46 -39.01
CA VAL C 87 28.57 3.33 -39.83
C VAL C 87 29.73 3.03 -40.77
N SER C 88 29.88 1.74 -41.09
CA SER C 88 30.97 1.30 -41.95
C SER C 88 30.55 1.45 -43.39
N ASP C 89 31.47 1.97 -44.22
CA ASP C 89 31.19 2.14 -45.65
C ASP C 89 30.98 0.80 -46.41
N GLU C 90 31.29 -0.30 -45.74
CA GLU C 90 31.03 -1.64 -46.29
C GLU C 90 29.60 -2.06 -46.03
N GLU C 91 29.05 -1.75 -44.86
CA GLU C 91 27.65 -2.07 -44.48
C GLU C 91 26.56 -1.05 -44.92
N TRP C 92 26.93 0.23 -44.94
CA TRP C 92 25.96 1.31 -45.18
C TRP C 92 26.43 2.16 -46.32
N GLY C 93 25.50 2.51 -47.19
CA GLY C 93 25.75 3.54 -48.19
C GLY C 93 24.94 4.83 -47.98
N VAL C 94 25.48 5.93 -48.50
CA VAL C 94 24.77 7.21 -48.50
C VAL C 94 24.73 7.92 -49.86
N ASN C 95 23.54 8.47 -50.19
CA ASN C 95 23.35 9.40 -51.34
C ASN C 95 23.27 10.87 -50.83
N VAL C 96 24.15 11.72 -51.36
CA VAL C 96 24.32 13.12 -50.94
C VAL C 96 23.74 14.14 -51.94
N GLN C 97 22.98 13.66 -52.92
CA GLN C 97 22.42 14.51 -53.95
C GLN C 97 21.04 15.13 -53.69
N PRO C 98 20.21 14.54 -52.80
CA PRO C 98 18.90 15.18 -52.64
C PRO C 98 18.98 16.63 -52.20
N LEU C 99 18.17 17.45 -52.86
CA LEU C 99 18.24 18.90 -52.66
C LEU C 99 17.65 19.36 -51.34
N SER C 100 16.73 18.59 -50.77
CA SER C 100 16.07 18.93 -49.51
C SER C 100 15.37 17.70 -48.94
N GLY C 101 14.92 17.81 -47.71
CA GLY C 101 14.32 16.67 -47.05
C GLY C 101 13.13 16.02 -47.75
N SER C 102 12.28 16.83 -48.33
CA SER C 102 11.07 16.32 -48.97
C SER C 102 11.38 15.56 -50.26
N ALA C 103 12.32 16.09 -51.02
CA ALA C 103 12.79 15.39 -52.21
C ALA C 103 13.43 14.05 -51.82
N ALA C 104 14.31 14.07 -50.81
CA ALA C 104 14.98 12.86 -50.30
C ALA C 104 14.01 11.78 -49.87
N ASN C 105 12.96 12.12 -49.13
CA ASN C 105 11.97 11.13 -48.68
C ASN C 105 11.14 10.50 -49.81
N VAL C 106 10.59 11.33 -50.70
CA VAL C 106 9.86 10.83 -51.90
C VAL C 106 10.73 9.87 -52.73
N GLN C 107 11.96 10.30 -52.98
CA GLN C 107 12.94 9.52 -53.72
C GLN C 107 13.21 8.17 -53.03
N ALA C 108 13.54 8.23 -51.74
CA ALA C 108 13.83 7.01 -50.97
C ALA C 108 12.61 6.09 -50.96
N LEU C 109 11.42 6.66 -50.75
CA LEU C 109 10.21 5.89 -50.74
C LEU C 109 9.98 5.23 -52.09
N TYR C 110 10.22 5.96 -53.17
CA TYR C 110 9.97 5.45 -54.52
C TYR C 110 10.87 4.23 -54.83
N ALA C 111 12.13 4.35 -54.44
CA ALA C 111 13.12 3.29 -54.57
C ALA C 111 12.63 1.95 -53.94
N LEU C 112 12.09 2.04 -52.73
CA LEU C 112 11.62 0.88 -51.98
C LEU C 112 10.33 0.26 -52.53
N VAL C 113 9.36 1.09 -52.88
CA VAL C 113 8.03 0.60 -53.21
C VAL C 113 7.49 0.92 -54.59
N GLY C 114 7.99 1.98 -55.21
CA GLY C 114 7.53 2.39 -56.52
C GLY C 114 6.15 3.02 -56.48
N VAL C 115 5.64 3.34 -57.66
CA VAL C 115 4.30 3.92 -57.83
C VAL C 115 3.30 2.84 -57.43
N LYS C 116 2.17 3.28 -56.89
CA LYS C 116 1.12 2.42 -56.29
C LYS C 116 1.55 1.65 -55.00
N GLY C 117 2.83 1.73 -54.62
CA GLY C 117 3.34 1.09 -53.43
C GLY C 117 2.67 1.53 -52.14
N LYS C 118 2.71 0.64 -51.15
CA LYS C 118 2.02 0.82 -49.88
C LYS C 118 3.00 1.32 -48.83
N ILE C 119 2.69 2.47 -48.23
CA ILE C 119 3.47 3.00 -47.10
C ILE C 119 2.64 3.30 -45.84
N MET C 120 3.31 3.34 -44.70
CA MET C 120 2.72 3.77 -43.43
C MET C 120 3.60 4.84 -42.78
N GLY C 121 2.94 5.84 -42.22
CA GLY C 121 3.64 6.87 -41.46
C GLY C 121 2.78 7.42 -40.36
N MET C 122 3.41 8.22 -39.51
CA MET C 122 2.67 8.92 -38.48
C MET C 122 1.96 10.09 -39.13
N HIS C 123 0.71 10.28 -38.69
CA HIS C 123 -0.18 11.31 -39.20
C HIS C 123 0.41 12.67 -38.83
N LEU C 124 0.21 13.64 -39.72
CA LEU C 124 0.73 14.98 -39.55
C LEU C 124 0.31 15.60 -38.22
N CYS C 125 -1.01 15.58 -37.97
CA CYS C 125 -1.61 16.01 -36.69
C CYS C 125 -0.95 15.41 -35.45
N SER C 126 -0.57 14.14 -35.53
CA SER C 126 0.12 13.44 -34.43
C SER C 126 1.62 13.72 -34.32
N GLY C 127 2.21 14.35 -35.34
CA GLY C 127 3.64 14.67 -35.31
C GLY C 127 4.45 14.31 -36.54
N GLY C 128 3.86 13.62 -37.50
CA GLY C 128 4.55 13.23 -38.73
C GLY C 128 4.72 14.34 -39.74
N HIS C 129 5.56 14.09 -40.75
CA HIS C 129 5.79 15.05 -41.81
C HIS C 129 4.82 14.81 -42.92
N LEU C 130 4.68 15.82 -43.77
CA LEU C 130 3.85 15.76 -44.96
C LEU C 130 4.30 14.61 -45.87
N THR C 131 5.63 14.46 -46.00
CA THR C 131 6.30 13.43 -46.81
C THR C 131 6.14 11.99 -46.32
N HIS C 132 5.52 11.77 -45.15
CA HIS C 132 5.25 10.44 -44.64
C HIS C 132 3.86 9.93 -45.01
N GLY C 133 3.32 10.42 -46.12
CA GLY C 133 2.04 9.96 -46.62
C GLY C 133 0.84 10.80 -46.27
N PHE C 134 1.03 12.06 -45.90
CA PHE C 134 -0.07 12.86 -45.36
C PHE C 134 -1.13 13.23 -46.39
N PHE C 135 -2.38 12.98 -46.01
CA PHE C 135 -3.55 13.39 -46.78
C PHE C 135 -4.73 13.72 -45.89
N ASP C 136 -5.71 14.37 -46.52
CA ASP C 136 -7.01 14.68 -45.94
C ASP C 136 -8.06 13.89 -46.71
N GLU C 137 -9.19 13.58 -46.10
CA GLU C 137 -10.29 12.92 -46.86
C GLU C 137 -10.65 13.73 -48.12
N LYS C 138 -10.67 15.05 -47.96
CA LYS C 138 -10.91 16.02 -49.05
C LYS C 138 -9.89 15.93 -50.20
N LYS C 139 -8.61 15.77 -49.85
CA LYS C 139 -7.51 15.83 -50.82
C LYS C 139 -6.24 15.06 -50.39
N LYS C 140 -5.55 14.52 -51.38
CA LYS C 140 -4.23 13.91 -51.20
C LYS C 140 -3.15 14.99 -51.18
N VAL C 141 -2.86 15.48 -49.97
CA VAL C 141 -2.06 16.69 -49.76
C VAL C 141 -0.61 16.52 -50.19
N SER C 142 -0.02 15.37 -49.87
CA SER C 142 1.36 15.11 -50.27
C SER C 142 1.36 14.16 -51.43
N ILE C 143 2.34 14.29 -52.31
CA ILE C 143 2.57 13.33 -53.39
C ILE C 143 2.76 11.94 -52.81
N THR C 144 3.26 11.87 -51.57
CA THR C 144 3.45 10.61 -50.87
C THR C 144 2.15 9.89 -50.57
N SER C 145 1.02 10.60 -50.56
CA SER C 145 -0.29 9.96 -50.41
C SER C 145 -0.97 9.67 -51.75
N ASP C 146 -0.36 10.13 -52.85
CA ASP C 146 -0.97 10.06 -54.18
C ASP C 146 -0.19 9.15 -55.11
N MET C 147 1.12 9.30 -55.18
CA MET C 147 1.94 8.37 -55.95
C MET C 147 2.15 7.04 -55.20
N PHE C 148 1.82 7.04 -53.90
CA PHE C 148 1.74 5.85 -53.08
C PHE C 148 0.32 5.72 -52.49
N GLU C 149 -0.01 4.52 -52.01
CA GLU C 149 -1.22 4.28 -51.18
C GLU C 149 -0.70 4.34 -49.76
N SER C 150 -1.22 5.28 -48.97
CA SER C 150 -0.69 5.51 -47.63
C SER C 150 -1.75 5.36 -46.55
N LYS C 151 -1.30 4.86 -45.40
CA LYS C 151 -2.11 4.73 -44.20
C LYS C 151 -1.34 5.42 -43.07
N LEU C 152 -2.07 6.05 -42.15
CA LEU C 152 -1.43 6.91 -41.15
C LEU C 152 -1.79 6.50 -39.74
N TYR C 153 -0.77 6.31 -38.90
CA TYR C 153 -1.00 5.90 -37.49
C TYR C 153 -0.95 7.10 -36.54
N LYS C 154 -1.96 7.19 -35.67
CA LYS C 154 -2.09 8.28 -34.70
C LYS C 154 -1.32 7.95 -33.43
N CYS C 155 -1.03 9.00 -32.67
CA CYS C 155 -0.46 8.90 -31.33
C CYS C 155 -1.62 8.89 -30.37
N ASN C 156 -1.38 8.42 -29.16
CA ASN C 156 -2.42 8.32 -28.12
C ASN C 156 -2.74 9.71 -27.55
N SER C 157 -3.72 9.78 -26.65
CA SER C 157 -4.11 11.06 -26.03
C SER C 157 -2.98 11.77 -25.26
N GLN C 158 -1.98 11.02 -24.79
CA GLN C 158 -0.81 11.59 -24.10
C GLN C 158 0.31 12.04 -25.02
N GLY C 159 0.17 11.87 -26.34
CA GLY C 159 1.18 12.32 -27.30
C GLY C 159 2.27 11.31 -27.66
N TYR C 160 2.14 10.09 -27.19
CA TYR C 160 3.10 9.05 -27.49
C TYR C 160 2.64 8.20 -28.66
N VAL C 161 3.62 7.69 -29.41
CA VAL C 161 3.40 6.62 -30.37
C VAL C 161 2.82 5.42 -29.64
N ASP C 162 1.78 4.82 -30.19
CA ASP C 162 1.16 3.61 -29.66
C ASP C 162 1.52 2.46 -30.58
N LEU C 163 2.56 1.71 -30.22
CA LEU C 163 3.05 0.57 -31.05
C LEU C 163 1.97 -0.50 -31.28
N ASP C 164 1.07 -0.68 -30.34
CA ASP C 164 -0.06 -1.59 -30.56
C ASP C 164 -0.92 -1.16 -31.76
N ALA C 165 -1.13 0.15 -31.88
CA ALA C 165 -1.91 0.72 -32.96
C ALA C 165 -1.20 0.54 -34.29
N VAL C 166 0.13 0.70 -34.26
CA VAL C 166 0.99 0.51 -35.43
C VAL C 166 0.90 -0.93 -35.96
N ARG C 167 1.09 -1.90 -35.07
CA ARG C 167 0.93 -3.33 -35.38
C ARG C 167 -0.45 -3.66 -35.94
N GLU C 168 -1.48 -3.20 -35.24
CA GLU C 168 -2.86 -3.40 -35.65
C GLU C 168 -2.99 -3.01 -37.12
N MET C 169 -2.42 -1.86 -37.48
CA MET C 169 -2.48 -1.32 -38.83
C MET C 169 -1.53 -2.07 -39.77
N ALA C 170 -0.28 -2.24 -39.36
CA ALA C 170 0.70 -2.93 -40.20
C ALA C 170 0.27 -4.37 -40.63
N LEU C 171 -0.48 -5.07 -39.77
CA LEU C 171 -0.99 -6.41 -40.10
C LEU C 171 -2.22 -6.38 -41.02
N SER C 172 -3.13 -5.42 -40.83
CA SER C 172 -4.30 -5.30 -41.76
C SER C 172 -3.95 -4.61 -43.08
N PHE C 173 -3.14 -3.57 -43.04
CA PHE C 173 -2.76 -2.85 -44.25
C PHE C 173 -1.63 -3.51 -45.04
N LYS C 174 -0.75 -4.24 -44.36
CA LYS C 174 0.33 -4.97 -45.04
C LYS C 174 1.18 -4.03 -45.93
N PRO C 175 1.79 -3.02 -45.33
CA PRO C 175 2.59 -2.12 -46.15
C PRO C 175 3.97 -2.69 -46.47
N LYS C 176 4.63 -2.07 -47.45
CA LYS C 176 6.02 -2.38 -47.83
C LYS C 176 7.03 -1.53 -47.07
N VAL C 177 6.61 -0.34 -46.61
CA VAL C 177 7.47 0.52 -45.81
C VAL C 177 6.73 1.12 -44.62
N ILE C 178 7.40 1.16 -43.46
CA ILE C 178 6.89 1.88 -42.32
C ILE C 178 7.87 2.96 -41.97
N ILE C 179 7.36 4.18 -41.75
CA ILE C 179 8.19 5.34 -41.43
C ILE C 179 8.10 5.74 -39.95
N CYS C 180 9.25 6.04 -39.36
CA CYS C 180 9.29 6.63 -38.02
C CYS C 180 10.34 7.69 -38.06
N GLY C 181 10.44 8.49 -36.99
CA GLY C 181 11.28 9.68 -36.97
C GLY C 181 10.42 10.81 -37.52
N TYR C 182 10.36 11.92 -36.80
CA TYR C 182 9.19 12.82 -36.93
C TYR C 182 9.50 14.30 -36.98
N THR C 183 8.46 15.08 -37.23
CA THR C 183 8.63 16.53 -37.40
C THR C 183 8.42 17.26 -36.08
N SER C 184 7.38 16.90 -35.34
CA SER C 184 7.19 17.51 -34.03
C SER C 184 6.86 16.51 -32.93
N TYR C 185 7.75 15.55 -32.74
CA TYR C 185 7.62 14.54 -31.72
C TYR C 185 8.68 14.81 -30.66
N PRO C 186 8.26 15.10 -29.40
CA PRO C 186 9.18 15.45 -28.31
C PRO C 186 9.90 14.30 -27.61
N ARG C 187 9.64 13.04 -27.99
CA ARG C 187 10.31 11.89 -27.38
C ARG C 187 11.18 11.06 -28.34
N ASP C 188 12.04 10.23 -27.74
CA ASP C 188 12.85 9.26 -28.48
C ASP C 188 11.92 8.14 -29.03
N ILE C 189 12.46 7.36 -29.97
CA ILE C 189 11.68 6.35 -30.69
C ILE C 189 12.14 4.91 -30.34
N ASP C 190 11.19 3.98 -30.29
CA ASP C 190 11.54 2.55 -30.12
C ASP C 190 11.77 1.92 -31.50
N TYR C 191 12.98 2.06 -32.01
CA TYR C 191 13.27 1.57 -33.36
C TYR C 191 13.24 0.07 -33.41
N GLN C 192 13.72 -0.58 -32.33
CA GLN C 192 13.70 -2.05 -32.23
C GLN C 192 12.29 -2.64 -32.37
N GLN C 193 11.31 -1.98 -31.75
CA GLN C 193 9.93 -2.42 -31.85
C GLN C 193 9.37 -2.19 -33.23
N PHE C 194 9.76 -1.08 -33.87
CA PHE C 194 9.38 -0.83 -35.25
C PHE C 194 9.95 -1.91 -36.17
N ARG C 195 11.22 -2.24 -35.97
CA ARG C 195 11.92 -3.34 -36.67
C ARG C 195 11.21 -4.70 -36.51
N GLN C 196 10.75 -4.99 -35.30
CA GLN C 196 10.01 -6.22 -35.02
C GLN C 196 8.67 -6.25 -35.77
N ILE C 197 7.97 -5.12 -35.82
CA ILE C 197 6.71 -5.03 -36.56
C ILE C 197 6.95 -5.17 -38.06
N CYS C 198 8.02 -4.54 -38.53
CA CYS C 198 8.34 -4.55 -39.95
C CYS C 198 8.68 -5.97 -40.43
N ASP C 199 9.49 -6.70 -39.66
CA ASP C 199 9.77 -8.13 -39.89
C ASP C 199 8.49 -9.00 -39.92
N GLU C 200 7.50 -8.62 -39.13
CA GLU C 200 6.24 -9.36 -39.02
C GLU C 200 5.36 -9.27 -40.26
N VAL C 201 5.60 -8.23 -41.06
CA VAL C 201 4.85 -8.00 -42.30
C VAL C 201 5.79 -7.90 -43.53
N ASN C 202 7.10 -8.09 -43.31
CA ASN C 202 8.10 -8.05 -44.38
C ASN C 202 8.21 -6.64 -45.01
N ALA C 203 8.17 -5.63 -44.13
CA ALA C 203 8.23 -4.24 -44.54
C ALA C 203 9.61 -3.71 -44.32
N TYR C 204 10.01 -2.76 -45.16
CA TYR C 204 11.19 -1.96 -44.91
C TYR C 204 10.94 -1.04 -43.70
N LEU C 205 12.01 -0.77 -42.96
CA LEU C 205 11.98 0.16 -41.84
C LEU C 205 12.67 1.44 -42.28
N PHE C 206 11.91 2.53 -42.27
CA PHE C 206 12.34 3.83 -42.77
C PHE C 206 12.36 4.75 -41.55
N ALA C 207 13.50 5.34 -41.28
CA ALA C 207 13.65 6.29 -40.18
C ALA C 207 14.08 7.68 -40.70
N ASP C 208 13.25 8.71 -40.44
CA ASP C 208 13.54 10.09 -40.82
C ASP C 208 13.96 10.81 -39.56
N ILE C 209 15.26 11.08 -39.46
CA ILE C 209 15.87 11.64 -38.24
C ILE C 209 16.31 13.10 -38.42
N SER C 210 15.69 13.80 -39.36
CA SER C 210 15.97 15.21 -39.68
C SER C 210 15.98 16.16 -38.50
N HIS C 211 15.01 15.95 -37.59
CA HIS C 211 14.94 16.76 -36.38
C HIS C 211 15.94 16.42 -35.29
N ILE C 212 16.35 15.15 -35.25
CA ILE C 212 17.16 14.62 -34.16
C ILE C 212 18.52 14.07 -34.59
N SER C 213 18.95 14.45 -35.80
CA SER C 213 20.14 13.85 -36.42
C SER C 213 21.39 13.95 -35.57
N SER C 214 21.57 15.09 -34.92
CA SER C 214 22.70 15.34 -34.07
C SER C 214 22.70 14.39 -32.88
N PHE C 215 21.53 14.15 -32.32
CA PHE C 215 21.43 13.25 -31.19
C PHE C 215 21.80 11.83 -31.58
N VAL C 216 21.45 11.42 -32.79
CA VAL C 216 21.78 10.10 -33.26
C VAL C 216 23.29 10.04 -33.48
N ALA C 217 23.84 11.05 -34.13
CA ALA C 217 25.26 11.11 -34.42
C ALA C 217 26.18 11.04 -33.20
N CYS C 218 25.83 11.79 -32.16
CA CYS C 218 26.65 11.92 -30.95
C CYS C 218 26.32 10.85 -29.90
N ASN C 219 25.37 9.97 -30.20
CA ASN C 219 25.02 8.83 -29.34
C ASN C 219 24.26 9.19 -28.04
N ILE C 220 23.55 10.34 -28.07
CA ILE C 220 22.67 10.76 -26.99
C ILE C 220 21.29 10.06 -27.07
N LEU C 221 20.80 9.80 -28.27
CA LEU C 221 19.51 9.10 -28.42
C LEU C 221 19.64 7.76 -29.14
N ASN C 222 18.57 6.97 -29.13
CA ASN C 222 18.56 5.68 -29.82
C ASN C 222 19.08 5.81 -31.25
N ASN C 223 19.78 4.77 -31.69
CA ASN C 223 20.41 4.73 -33.02
C ASN C 223 19.53 3.89 -33.92
N PRO C 224 18.92 4.51 -34.95
CA PRO C 224 18.08 3.72 -35.81
C PRO C 224 18.89 2.91 -36.85
N PHE C 225 20.19 3.21 -36.97
CA PHE C 225 21.09 2.44 -37.84
C PHE C 225 21.23 0.96 -37.44
N LEU C 226 21.01 0.65 -36.16
CA LEU C 226 21.03 -0.73 -35.70
C LEU C 226 19.86 -1.54 -36.25
N HIS C 227 18.77 -0.86 -36.64
CA HIS C 227 17.54 -1.55 -37.09
C HIS C 227 16.98 -1.17 -38.45
N ALA C 228 17.28 0.03 -38.96
CA ALA C 228 16.61 0.53 -40.17
C ALA C 228 17.29 0.12 -41.48
N ASP C 229 16.46 -0.22 -42.46
CA ASP C 229 16.91 -0.40 -43.85
C ASP C 229 17.30 0.92 -44.53
N VAL C 230 16.53 1.98 -44.25
CA VAL C 230 16.79 3.32 -44.81
C VAL C 230 16.67 4.38 -43.72
N VAL C 231 17.67 5.27 -43.65
CA VAL C 231 17.58 6.42 -42.77
C VAL C 231 17.70 7.68 -43.62
N THR C 232 16.73 8.59 -43.48
CA THR C 232 16.84 9.94 -44.12
C THR C 232 17.05 11.05 -43.10
N THR C 233 17.72 12.09 -43.53
CA THR C 233 17.94 13.26 -42.70
C THR C 233 18.19 14.49 -43.56
N THR C 234 17.67 15.63 -43.11
CA THR C 234 18.05 16.89 -43.68
C THR C 234 19.32 17.27 -42.97
N THR C 235 20.03 18.24 -43.54
CA THR C 235 21.28 18.76 -43.00
C THR C 235 21.19 20.18 -42.38
N HIS C 236 20.01 20.81 -42.43
CA HIS C 236 19.86 22.26 -42.08
C HIS C 236 19.35 22.57 -40.67
N LYS C 237 18.89 21.54 -39.97
CA LYS C 237 18.30 21.72 -38.67
C LYS C 237 19.38 21.56 -37.58
N ILE C 238 19.19 20.61 -36.67
CA ILE C 238 20.07 20.41 -35.53
C ILE C 238 21.50 20.10 -36.00
N LEU C 239 21.61 19.48 -37.17
CA LEU C 239 22.92 19.28 -37.82
C LEU C 239 23.69 20.57 -38.13
N ARG C 240 22.99 21.67 -38.35
CA ARG C 240 23.61 23.00 -38.52
C ARG C 240 24.32 23.19 -39.87
N GLY C 241 23.90 22.42 -40.87
CA GLY C 241 24.48 22.51 -42.21
C GLY C 241 23.65 23.34 -43.16
N PRO C 242 23.89 23.19 -44.46
CA PRO C 242 23.09 23.87 -45.45
C PRO C 242 21.77 23.18 -45.65
N ARG C 243 20.94 23.77 -46.51
CA ARG C 243 19.67 23.16 -46.88
C ARG C 243 19.94 22.08 -47.90
N SER C 244 19.97 20.85 -47.41
CA SER C 244 20.14 19.69 -48.25
C SER C 244 19.65 18.45 -47.52
N ALA C 245 19.78 17.30 -48.17
CA ALA C 245 19.43 16.08 -47.49
C ALA C 245 20.37 14.89 -47.83
N LEU C 246 20.25 13.86 -46.97
CA LEU C 246 21.00 12.60 -47.06
C LEU C 246 20.04 11.43 -47.09
N ILE C 247 20.37 10.40 -47.88
CA ILE C 247 19.68 9.11 -47.84
C ILE C 247 20.70 8.02 -47.50
N PHE C 248 20.44 7.32 -46.40
CA PHE C 248 21.23 6.19 -45.95
C PHE C 248 20.46 4.91 -46.23
N PHE C 249 21.17 3.91 -46.76
CA PHE C 249 20.59 2.61 -47.07
C PHE C 249 21.49 1.50 -46.49
N ASN C 250 20.85 0.44 -46.02
CA ASN C 250 21.55 -0.68 -45.39
C ASN C 250 21.82 -1.77 -46.43
N LYS C 251 23.00 -1.70 -47.03
CA LYS C 251 23.44 -2.66 -48.06
C LYS C 251 23.39 -4.14 -47.61
N LYS C 252 23.86 -4.40 -46.39
CA LYS C 252 23.88 -5.74 -45.78
C LYS C 252 22.52 -6.40 -45.70
N ARG C 253 21.54 -5.64 -45.23
CA ARG C 253 20.20 -6.17 -44.99
C ARG C 253 19.42 -6.38 -46.30
N ASN C 254 19.72 -5.57 -47.32
CA ASN C 254 19.02 -5.65 -48.62
C ASN C 254 19.97 -5.29 -49.76
N PRO C 255 20.87 -6.22 -50.16
CA PRO C 255 21.74 -5.90 -51.30
C PRO C 255 20.94 -5.58 -52.56
N GLY C 256 21.54 -4.80 -53.46
CA GLY C 256 20.83 -4.25 -54.61
C GLY C 256 19.97 -3.01 -54.29
N ILE C 257 19.94 -2.62 -53.01
CA ILE C 257 19.32 -1.38 -52.55
C ILE C 257 20.10 -0.14 -52.99
N GLU C 258 21.42 -0.25 -53.06
CA GLU C 258 22.25 0.89 -53.43
C GLU C 258 21.91 1.45 -54.81
N GLN C 259 21.68 0.55 -55.77
CA GLN C 259 21.36 0.94 -57.13
C GLN C 259 19.93 1.50 -57.18
N LYS C 260 19.01 0.87 -56.48
CA LYS C 260 17.63 1.36 -56.32
C LYS C 260 17.51 2.82 -55.83
N ILE C 261 18.28 3.14 -54.80
CA ILE C 261 18.32 4.48 -54.23
C ILE C 261 19.04 5.45 -55.16
N ASN C 262 20.16 5.03 -55.74
CA ASN C 262 20.93 5.95 -56.57
C ASN C 262 20.19 6.32 -57.84
N SER C 263 19.47 5.36 -58.44
CA SER C 263 18.73 5.65 -59.64
C SER C 263 17.48 6.49 -59.31
N ALA C 264 16.86 6.26 -58.16
CA ALA C 264 15.75 7.06 -57.65
C ALA C 264 16.05 8.55 -57.56
N VAL C 265 17.21 8.88 -57.00
CA VAL C 265 17.65 10.25 -56.93
C VAL C 265 17.95 10.79 -58.32
N PHE C 266 18.84 10.10 -59.04
CA PHE C 266 19.13 10.40 -60.44
C PHE C 266 19.25 9.14 -61.28
N PRO C 267 18.55 9.03 -62.41
CA PRO C 267 17.80 10.10 -63.06
C PRO C 267 16.29 10.01 -62.88
N SER C 268 15.83 9.27 -61.90
CA SER C 268 14.40 9.15 -61.77
C SER C 268 13.72 10.52 -61.45
N PHE C 269 14.30 11.28 -60.50
CA PHE C 269 13.71 12.49 -59.93
C PHE C 269 14.52 13.76 -60.22
N GLN C 270 15.82 13.73 -60.03
CA GLN C 270 16.63 14.93 -60.21
C GLN C 270 17.45 14.86 -61.47
N GLY C 271 18.04 16.00 -61.83
CA GLY C 271 19.05 16.10 -62.86
C GLY C 271 20.38 16.42 -62.20
N GLY C 272 20.98 17.55 -62.54
CA GLY C 272 22.29 17.91 -62.03
C GLY C 272 22.31 18.10 -60.52
N PRO C 273 23.39 17.63 -59.85
CA PRO C 273 23.47 17.93 -58.42
C PRO C 273 23.87 19.37 -58.21
N HIS C 274 23.65 19.84 -57.00
CA HIS C 274 24.00 21.19 -56.61
C HIS C 274 25.27 21.09 -55.82
N ASN C 275 26.37 21.37 -56.48
CA ASN C 275 27.68 21.06 -55.91
C ASN C 275 28.07 21.95 -54.75
N ASN C 276 27.57 23.18 -54.73
CA ASN C 276 27.75 24.06 -53.56
C ASN C 276 27.10 23.52 -52.27
N LYS C 277 25.94 22.89 -52.42
CA LYS C 277 25.31 22.20 -51.30
C LYS C 277 26.22 21.07 -50.79
N ILE C 278 26.69 20.25 -51.72
CA ILE C 278 27.50 19.10 -51.43
C ILE C 278 28.76 19.51 -50.69
N ALA C 279 29.45 20.52 -51.23
CA ALA C 279 30.59 21.12 -50.56
C ALA C 279 30.21 21.61 -49.16
N ALA C 280 29.08 22.33 -49.04
CA ALA C 280 28.67 22.85 -47.74
C ALA C 280 28.38 21.77 -46.72
N VAL C 281 27.75 20.69 -47.16
CA VAL C 281 27.50 19.52 -46.31
C VAL C 281 28.81 18.89 -45.85
N ALA C 282 29.78 18.80 -46.76
CA ALA C 282 31.08 18.24 -46.41
C ALA C 282 31.72 19.08 -45.32
N CYS C 283 31.66 20.40 -45.47
CA CYS C 283 32.20 21.32 -44.47
C CYS C 283 31.59 21.18 -43.07
N GLN C 284 30.28 20.90 -43.03
CA GLN C 284 29.58 20.76 -41.78
C GLN C 284 29.75 19.38 -41.17
N LEU C 285 29.77 18.35 -42.01
CA LEU C 285 29.98 16.99 -41.51
C LEU C 285 31.34 16.86 -40.79
N LYS C 286 32.38 17.57 -41.24
CA LYS C 286 33.64 17.60 -40.50
C LYS C 286 33.42 18.06 -39.08
N GLU C 287 32.73 19.20 -38.95
CA GLU C 287 32.37 19.74 -37.65
C GLU C 287 31.48 18.77 -36.82
N VAL C 288 30.54 18.07 -37.46
CA VAL C 288 29.70 17.14 -36.73
C VAL C 288 30.53 16.13 -35.96
N HIS C 289 31.65 15.69 -36.54
CA HIS C 289 32.46 14.61 -35.94
C HIS C 289 33.43 15.06 -34.82
N SER C 290 33.59 16.37 -34.64
CA SER C 290 34.46 16.89 -33.60
C SER C 290 33.79 16.78 -32.25
N PRO C 291 34.58 16.74 -31.16
CA PRO C 291 33.97 16.66 -29.82
C PRO C 291 33.34 18.01 -29.36
N ALA C 292 33.74 19.12 -29.99
CA ALA C 292 33.12 20.43 -29.77
C ALA C 292 31.64 20.51 -30.20
N PHE C 293 31.27 19.78 -31.26
CA PHE C 293 29.90 19.71 -31.72
C PHE C 293 29.07 18.80 -30.80
N LYS C 294 29.69 17.75 -30.26
CA LYS C 294 29.04 16.93 -29.22
C LYS C 294 28.70 17.80 -28.00
N GLU C 295 29.64 18.66 -27.62
CA GLU C 295 29.40 19.61 -26.52
C GLU C 295 28.13 20.45 -26.80
N TYR C 296 28.08 21.05 -28.00
CA TYR C 296 26.96 21.81 -28.47
C TYR C 296 25.64 21.04 -28.40
N THR C 297 25.64 19.84 -28.98
CA THR C 297 24.48 18.96 -29.01
C THR C 297 23.97 18.66 -27.60
N GLN C 298 24.91 18.41 -26.67
CA GLN C 298 24.57 18.13 -25.26
C GLN C 298 23.88 19.34 -24.73
N GLN C 299 24.51 20.50 -24.98
CA GLN C 299 24.00 21.79 -24.53
C GLN C 299 22.57 22.08 -25.05
N VAL C 300 22.30 21.63 -26.28
CA VAL C 300 20.96 21.69 -26.87
C VAL C 300 19.97 20.93 -26.01
N LEU C 301 20.35 19.71 -25.60
CA LEU C 301 19.45 18.91 -24.76
C LEU C 301 19.33 19.50 -23.35
N LEU C 302 20.45 19.91 -22.75
CA LEU C 302 20.44 20.53 -21.41
C LEU C 302 19.42 21.68 -21.42
N ASN C 303 19.59 22.60 -22.36
CA ASN C 303 18.68 23.75 -22.57
C ASN C 303 17.20 23.35 -22.69
N SER C 304 16.94 22.29 -23.45
CA SER C 304 15.57 21.85 -23.71
C SER C 304 14.89 21.32 -22.45
N LYS C 305 15.63 20.54 -21.68
CA LYS C 305 15.14 20.04 -20.39
C LYS C 305 14.83 21.21 -19.46
N ALA C 306 15.80 22.14 -19.37
CA ALA C 306 15.66 23.27 -18.47
C ALA C 306 14.46 24.11 -18.84
N LEU C 307 14.27 24.32 -20.15
CA LEU C 307 13.12 25.03 -20.68
C LEU C 307 11.79 24.39 -20.33
N ALA C 308 11.72 23.07 -20.43
CA ALA C 308 10.49 22.32 -20.10
C ALA C 308 10.16 22.45 -18.61
N LYS C 309 11.20 22.25 -17.81
CA LYS C 309 11.12 22.33 -16.36
C LYS C 309 10.69 23.73 -15.93
N ALA C 310 11.25 24.77 -16.56
CA ALA C 310 10.85 26.15 -16.27
C ALA C 310 9.42 26.44 -16.69
N LEU C 311 9.00 25.91 -17.84
CA LEU C 311 7.63 26.12 -18.31
C LEU C 311 6.64 25.44 -17.39
N ILE C 312 6.98 24.24 -16.92
CA ILE C 312 6.16 23.51 -15.93
C ILE C 312 6.13 24.23 -14.57
N SER C 313 7.26 24.80 -14.15
CA SER C 313 7.30 25.68 -12.94
C SER C 313 6.27 26.86 -13.01
N LYS C 314 6.00 27.36 -14.22
CA LYS C 314 4.96 28.38 -14.46
C LYS C 314 3.61 27.80 -14.86
N GLN C 315 3.34 26.55 -14.48
CA GLN C 315 2.01 25.96 -14.66
C GLN C 315 1.58 25.81 -16.14
N ILE C 316 2.55 25.61 -17.04
CA ILE C 316 2.29 25.42 -18.48
C ILE C 316 2.46 23.94 -18.89
N ASP C 317 1.43 23.40 -19.52
CA ASP C 317 1.38 21.99 -19.90
C ASP C 317 2.10 21.66 -21.22
N LEU C 318 2.95 20.63 -21.18
CA LEU C 318 3.68 20.13 -22.34
C LEU C 318 3.10 18.78 -22.78
N VAL C 319 3.14 18.52 -24.09
CA VAL C 319 2.64 17.26 -24.65
C VAL C 319 3.70 16.21 -24.30
N THR C 320 3.23 15.07 -23.82
CA THR C 320 4.05 14.05 -23.16
C THR C 320 4.60 14.50 -21.81
N ASN C 321 4.19 15.66 -21.30
CA ASN C 321 4.71 16.24 -20.04
C ASN C 321 6.23 16.48 -19.92
N GLY C 322 6.89 16.61 -21.06
CA GLY C 322 8.34 16.82 -21.09
C GLY C 322 8.94 16.51 -22.45
N THR C 323 10.27 16.57 -22.49
CA THR C 323 11.01 16.27 -23.68
C THR C 323 12.21 15.30 -23.43
N ASP C 324 12.54 14.51 -24.44
CA ASP C 324 13.80 13.76 -24.45
C ASP C 324 14.80 14.40 -25.39
N ASN C 325 14.37 15.37 -26.18
CA ASN C 325 15.21 15.90 -27.23
C ASN C 325 15.24 17.44 -27.17
N HIS C 326 15.44 18.04 -28.33
CA HIS C 326 15.55 19.48 -28.54
C HIS C 326 14.21 20.22 -28.68
N LEU C 327 13.08 19.52 -28.50
CA LEU C 327 11.82 20.12 -28.79
C LEU C 327 10.70 19.85 -27.81
N ILE C 328 9.86 20.85 -27.67
CA ILE C 328 8.77 20.87 -26.73
C ILE C 328 7.55 21.26 -27.52
N VAL C 329 6.39 20.82 -27.05
CA VAL C 329 5.12 21.26 -27.60
C VAL C 329 4.21 21.66 -26.45
N VAL C 330 3.87 22.94 -26.41
CA VAL C 330 3.04 23.53 -25.39
C VAL C 330 1.60 23.30 -25.76
N ASP C 331 0.88 22.65 -24.86
CA ASP C 331 -0.59 22.49 -24.89
C ASP C 331 -1.20 23.73 -24.24
N LEU C 332 -1.92 24.53 -25.03
CA LEU C 332 -2.46 25.83 -24.58
C LEU C 332 -3.94 25.80 -24.14
N ARG C 333 -4.60 24.64 -24.19
CA ARG C 333 -6.03 24.54 -23.86
C ARG C 333 -6.49 25.19 -22.55
N LYS C 334 -5.72 25.07 -21.46
CA LYS C 334 -6.11 25.64 -20.16
C LYS C 334 -6.21 27.17 -20.16
N PHE C 335 -5.56 27.82 -21.14
CA PHE C 335 -5.60 29.25 -21.30
C PHE C 335 -6.66 29.72 -22.31
N SER C 336 -7.32 28.78 -22.98
CA SER C 336 -8.38 29.10 -23.95
C SER C 336 -7.93 30.07 -25.04
N ILE C 337 -6.66 29.93 -25.46
CA ILE C 337 -6.12 30.59 -26.63
C ILE C 337 -5.63 29.53 -27.60
N THR C 338 -5.66 29.84 -28.90
CA THR C 338 -5.11 28.96 -29.94
C THR C 338 -3.60 29.19 -30.04
N GLY C 339 -2.91 28.25 -30.70
CA GLY C 339 -1.50 28.44 -31.07
C GLY C 339 -1.32 29.53 -32.11
N SER C 340 -2.31 29.64 -33.02
CA SER C 340 -2.39 30.69 -34.06
C SER C 340 -2.26 32.06 -33.42
N LYS C 341 -3.07 32.29 -32.39
CA LYS C 341 -3.02 33.53 -31.63
C LYS C 341 -1.64 33.81 -31.00
N LEU C 342 -1.05 32.80 -30.35
CA LEU C 342 0.22 33.01 -29.60
C LEU C 342 1.39 33.26 -30.53
N GLN C 343 1.39 32.58 -31.69
CA GLN C 343 2.36 32.84 -32.76
C GLN C 343 2.33 34.32 -33.18
N GLU C 344 1.13 34.82 -33.48
CA GLU C 344 0.96 36.24 -33.83
C GLU C 344 1.56 37.12 -32.75
N THR C 345 1.16 36.90 -31.50
CA THR C 345 1.72 37.64 -30.35
C THR C 345 3.26 37.55 -30.28
N CYS C 346 3.79 36.35 -30.51
CA CYS C 346 5.23 36.10 -30.43
C CYS C 346 6.01 36.73 -31.60
N ASN C 347 5.46 36.72 -32.82
CA ASN C 347 6.08 37.50 -33.93
C ASN C 347 6.07 39.02 -33.62
N ALA C 348 5.07 39.52 -32.89
CA ALA C 348 5.07 40.94 -32.49
C ALA C 348 6.16 41.30 -31.47
N ILE C 349 6.62 40.33 -30.69
CA ILE C 349 7.69 40.58 -29.72
C ILE C 349 9.06 40.04 -30.14
N ASN C 350 9.21 39.69 -31.43
CA ASN C 350 10.41 39.05 -31.99
C ASN C 350 10.77 37.67 -31.39
N VAL C 351 9.76 36.81 -31.24
CA VAL C 351 9.94 35.44 -30.80
C VAL C 351 9.40 34.55 -31.92
N SER C 352 10.31 33.82 -32.54
CA SER C 352 9.96 32.95 -33.62
C SER C 352 9.60 31.57 -33.06
N LEU C 353 8.35 31.19 -33.28
CA LEU C 353 7.89 29.86 -33.00
C LEU C 353 6.74 29.56 -33.96
N ASN C 354 6.22 28.34 -33.89
CA ASN C 354 5.15 27.93 -34.80
C ASN C 354 4.05 27.19 -34.10
N LYS C 355 2.84 27.39 -34.59
CA LYS C 355 1.69 26.66 -34.12
C LYS C 355 1.79 25.18 -34.47
N ASN C 356 1.28 24.35 -33.59
CA ASN C 356 1.39 22.93 -33.72
C ASN C 356 0.14 22.25 -33.17
N THR C 357 -0.24 21.14 -33.78
CA THR C 357 -1.41 20.41 -33.33
C THR C 357 -1.08 19.61 -32.04
N ILE C 358 -2.12 19.27 -31.28
CA ILE C 358 -1.98 18.43 -30.10
C ILE C 358 -2.94 17.26 -30.27
N PRO C 359 -2.82 16.19 -29.44
CA PRO C 359 -3.59 14.98 -29.70
C PRO C 359 -5.10 15.17 -29.72
N SER C 360 -5.59 16.08 -28.89
CA SER C 360 -7.02 16.38 -28.82
C SER C 360 -7.51 17.06 -30.12
N ASP C 361 -6.62 17.74 -30.84
CA ASP C 361 -7.00 18.45 -32.07
C ASP C 361 -7.56 17.54 -33.15
N VAL C 362 -8.70 17.96 -33.70
CA VAL C 362 -9.35 17.26 -34.80
C VAL C 362 -9.03 17.92 -36.16
N ASP C 363 -8.56 19.17 -36.15
CA ASP C 363 -8.26 19.89 -37.38
C ASP C 363 -6.91 20.57 -37.35
N ALA C 364 -6.24 20.56 -38.50
CA ALA C 364 -5.00 21.31 -38.70
C ALA C 364 -5.23 22.82 -38.81
N VAL C 365 -6.50 23.21 -38.96
CA VAL C 365 -6.90 24.61 -39.14
C VAL C 365 -6.73 25.44 -37.89
N SER C 366 -7.06 24.87 -36.74
CA SER C 366 -6.99 25.60 -35.47
C SER C 366 -6.21 24.78 -34.43
N PRO C 367 -4.88 24.71 -34.57
CA PRO C 367 -4.08 23.94 -33.63
C PRO C 367 -3.98 24.57 -32.23
N SER C 368 -3.96 23.71 -31.23
CA SER C 368 -4.06 24.14 -29.85
C SER C 368 -2.69 24.15 -29.13
N GLY C 369 -1.62 24.23 -29.91
CA GLY C 369 -0.30 24.31 -29.35
C GLY C 369 0.66 25.08 -30.20
N VAL C 370 1.85 25.26 -29.62
CA VAL C 370 2.96 25.87 -30.28
C VAL C 370 4.13 24.93 -30.08
N ARG C 371 5.07 24.92 -31.02
CA ARG C 371 6.24 24.13 -30.91
C ARG C 371 7.46 25.01 -30.84
N ILE C 372 8.37 24.65 -29.94
CA ILE C 372 9.60 25.37 -29.68
C ILE C 372 10.80 24.40 -29.66
N GLY C 373 11.96 24.94 -30.01
CA GLY C 373 13.17 24.17 -30.00
C GLY C 373 14.33 25.01 -29.58
N THR C 374 15.36 24.35 -29.05
CA THR C 374 16.57 25.00 -28.57
C THR C 374 17.76 25.09 -29.48
N PRO C 375 17.77 24.40 -30.65
CA PRO C 375 19.03 24.41 -31.42
C PRO C 375 19.58 25.77 -31.80
N ALA C 376 18.70 26.66 -32.27
CA ALA C 376 19.17 27.98 -32.71
C ALA C 376 19.74 28.79 -31.55
N MET C 377 18.99 28.84 -30.45
CA MET C 377 19.42 29.63 -29.27
C MET C 377 20.69 29.09 -28.64
N THR C 378 20.84 27.76 -28.69
CA THR C 378 22.03 27.10 -28.19
C THR C 378 23.22 27.45 -29.07
N THR C 379 23.00 27.54 -30.37
CA THR C 379 24.03 28.04 -31.29
C THR C 379 24.44 29.49 -30.93
N ARG C 380 23.47 30.30 -30.53
CA ARG C 380 23.79 31.67 -30.10
C ARG C 380 24.39 31.80 -28.69
N GLY C 381 24.77 30.70 -28.05
CA GLY C 381 25.55 30.74 -26.81
C GLY C 381 24.74 30.73 -25.51
N ALA C 382 23.41 30.61 -25.61
CA ALA C 382 22.54 30.59 -24.45
C ALA C 382 22.71 29.30 -23.66
N LYS C 383 22.66 29.43 -22.34
CA LYS C 383 22.84 28.32 -21.41
C LYS C 383 21.56 27.99 -20.66
N GLU C 384 21.64 27.00 -19.78
CA GLU C 384 20.47 26.49 -19.05
C GLU C 384 19.77 27.56 -18.21
N LYS C 385 20.58 28.47 -17.67
CA LYS C 385 20.13 29.65 -16.88
C LYS C 385 19.34 30.66 -17.71
N ASP C 386 19.65 30.75 -19.00
CA ASP C 386 18.93 31.64 -19.92
C ASP C 386 17.52 31.16 -20.28
N MET C 387 17.19 29.92 -19.92
CA MET C 387 15.91 29.34 -20.27
C MET C 387 14.77 29.85 -19.40
N GLU C 388 15.08 30.31 -18.19
CA GLU C 388 14.03 30.87 -17.32
C GLU C 388 13.51 32.18 -17.92
N PHE C 389 14.41 32.97 -18.47
CA PHE C 389 14.04 34.20 -19.21
C PHE C 389 13.19 33.89 -20.44
N ILE C 390 13.56 32.86 -21.21
CA ILE C 390 12.74 32.45 -22.38
C ILE C 390 11.36 31.98 -21.95
N ALA C 391 11.34 31.10 -20.96
CA ALA C 391 10.10 30.66 -20.35
C ALA C 391 9.30 31.83 -19.75
N ASP C 392 9.98 32.77 -19.07
CA ASP C 392 9.33 34.00 -18.58
C ASP C 392 8.70 34.79 -19.73
N VAL C 393 9.49 35.04 -20.78
CA VAL C 393 9.00 35.73 -22.00
C VAL C 393 7.77 35.07 -22.62
N LEU C 394 7.77 33.75 -22.71
CA LEU C 394 6.60 33.02 -23.27
C LEU C 394 5.40 33.00 -22.34
N ALA C 395 5.64 32.90 -21.03
CA ALA C 395 4.54 33.08 -20.06
C ALA C 395 3.89 34.49 -20.16
N ARG C 396 4.72 35.50 -20.34
CA ARG C 396 4.21 36.88 -20.52
C ARG C 396 3.45 37.01 -21.83
N ALA C 397 3.91 36.33 -22.88
CA ALA C 397 3.20 36.33 -24.16
C ALA C 397 1.86 35.67 -24.02
N ILE C 398 1.83 34.54 -23.32
CA ILE C 398 0.58 33.81 -23.13
C ILE C 398 -0.45 34.67 -22.40
N LYS C 399 0.00 35.37 -21.36
CA LYS C 399 -0.90 36.23 -20.60
C LYS C 399 -1.40 37.41 -21.45
N ILE C 400 -0.50 38.08 -22.18
CA ILE C 400 -0.89 39.20 -23.05
C ILE C 400 -1.89 38.75 -24.09
N THR C 401 -1.65 37.57 -24.65
CA THR C 401 -2.53 36.94 -25.60
C THR C 401 -3.93 36.70 -25.00
N VAL C 402 -3.98 36.26 -23.73
CA VAL C 402 -5.28 36.09 -23.06
C VAL C 402 -5.99 37.45 -22.86
N ASP C 403 -5.20 38.45 -22.42
CA ASP C 403 -5.64 39.85 -22.26
C ASP C 403 -6.24 40.43 -23.55
N LEU C 404 -5.56 40.24 -24.68
CA LEU C 404 -6.03 40.73 -25.99
C LEU C 404 -7.25 39.97 -26.54
N GLN C 405 -7.39 38.72 -26.17
CA GLN C 405 -8.56 37.94 -26.55
C GLN C 405 -9.80 38.35 -25.73
N GLU C 406 -9.56 38.78 -24.49
CA GLU C 406 -10.60 39.34 -23.61
C GLU C 406 -11.13 40.68 -24.17
N GLN C 407 -10.22 41.53 -24.64
CA GLN C 407 -10.56 42.86 -25.12
C GLN C 407 -11.14 42.89 -26.53
N TYR C 408 -10.56 42.15 -27.46
CA TYR C 408 -10.96 42.20 -28.88
C TYR C 408 -11.76 41.02 -29.40
N GLY C 409 -11.84 39.93 -28.64
CA GLY C 409 -12.60 38.74 -29.04
C GLY C 409 -11.77 37.62 -29.64
N LYS C 410 -12.38 36.45 -29.69
CA LYS C 410 -11.70 35.20 -30.09
C LYS C 410 -11.51 35.03 -31.61
N LYS C 411 -12.26 35.77 -32.42
CA LYS C 411 -12.04 35.80 -33.86
C LYS C 411 -10.64 36.35 -34.14
N LEU C 412 -9.90 35.69 -35.03
CA LEU C 412 -8.48 35.99 -35.26
C LEU C 412 -8.25 37.35 -35.93
N VAL C 413 -9.20 37.75 -36.78
CA VAL C 413 -9.17 39.08 -37.43
C VAL C 413 -9.16 40.19 -36.37
N ASP C 414 -10.10 40.10 -35.45
CA ASP C 414 -10.25 41.05 -34.34
C ASP C 414 -9.01 41.08 -33.43
N PHE C 415 -8.48 39.89 -33.10
CA PHE C 415 -7.32 39.74 -32.22
C PHE C 415 -6.09 40.48 -32.73
N LYS C 416 -5.84 40.41 -34.03
CA LYS C 416 -4.67 41.08 -34.61
C LYS C 416 -4.78 42.60 -34.54
N LYS C 417 -6.00 43.15 -34.59
CA LYS C 417 -6.20 44.61 -34.47
C LYS C 417 -5.68 45.13 -33.13
N GLY C 418 -5.84 44.32 -32.08
CA GLY C 418 -5.28 44.63 -30.77
C GLY C 418 -3.76 44.67 -30.68
N LEU C 419 -3.09 44.02 -31.63
CA LEU C 419 -1.66 43.75 -31.57
C LEU C 419 -0.75 44.99 -31.68
N PRO C 420 -0.92 45.81 -32.74
CA PRO C 420 -0.04 46.96 -32.87
C PRO C 420 -0.30 48.02 -31.79
N GLY C 421 0.79 48.54 -31.23
CA GLY C 421 0.73 49.61 -30.23
C GLY C 421 0.64 49.21 -28.77
N ASN C 422 0.31 47.94 -28.49
CA ASN C 422 0.13 47.46 -27.12
C ASN C 422 1.40 47.71 -26.33
N ALA C 423 1.27 48.48 -25.25
CA ALA C 423 2.39 48.89 -24.41
C ALA C 423 3.21 47.71 -23.89
N GLN C 424 2.50 46.64 -23.50
CA GLN C 424 3.14 45.46 -22.88
C GLN C 424 3.99 44.71 -23.92
N LEU C 425 3.47 44.63 -25.14
CA LEU C 425 4.19 44.02 -26.25
C LEU C 425 5.41 44.83 -26.66
N GLN C 426 5.24 46.14 -26.77
CA GLN C 426 6.36 47.06 -27.10
C GLN C 426 7.46 46.97 -26.05
N GLN C 427 7.04 46.91 -24.79
CA GLN C 427 7.93 46.66 -23.66
C GLN C 427 8.64 45.32 -23.81
N LEU C 428 7.88 44.27 -24.11
CA LEU C 428 8.44 42.92 -24.20
C LEU C 428 9.37 42.73 -25.40
N LYS C 429 8.99 43.30 -26.55
CA LYS C 429 9.87 43.36 -27.73
C LYS C 429 11.24 43.98 -27.43
N GLN C 430 11.25 45.09 -26.68
CA GLN C 430 12.51 45.74 -26.37
C GLN C 430 13.42 44.90 -25.47
N GLU C 431 12.82 44.10 -24.57
CA GLU C 431 13.60 43.23 -23.69
C GLU C 431 14.15 42.07 -24.52
N VAL C 432 13.33 41.58 -25.45
CA VAL C 432 13.73 40.52 -26.37
C VAL C 432 14.90 41.00 -27.23
N VAL C 433 14.69 42.12 -27.93
CA VAL C 433 15.70 42.76 -28.78
C VAL C 433 17.00 43.07 -28.01
N THR C 434 16.89 43.60 -26.79
CA THR C 434 18.11 43.95 -26.02
C THR C 434 18.92 42.71 -25.71
N TRP C 435 18.22 41.65 -25.30
CA TRP C 435 18.89 40.40 -24.91
C TRP C 435 19.39 39.60 -26.13
N ALA C 436 18.51 39.41 -27.13
CA ALA C 436 18.83 38.69 -28.38
C ALA C 436 19.94 39.35 -29.20
N GLY C 437 19.87 40.67 -29.30
CA GLY C 437 20.79 41.44 -30.13
C GLY C 437 22.23 41.46 -29.71
N ALA C 438 22.49 41.04 -28.46
CA ALA C 438 23.87 40.99 -27.91
C ALA C 438 24.49 39.59 -27.90
N LEU C 439 23.75 38.58 -28.33
CA LEU C 439 24.24 37.20 -28.27
C LEU C 439 25.13 36.94 -29.47
N PRO C 440 26.16 36.06 -29.34
CA PRO C 440 27.04 35.71 -30.45
C PRO C 440 26.25 35.29 -31.70
N PHE C 441 26.68 35.78 -32.85
CA PHE C 441 25.92 35.60 -34.09
C PHE C 441 26.90 35.20 -35.17
N PRO C 442 26.84 33.93 -35.65
CA PRO C 442 27.65 33.56 -36.79
C PRO C 442 27.08 34.20 -38.04
N1 PLG D . -5.24 -8.33 33.69
C2 PLG D . -5.98 -8.48 34.81
C2A PLG D . -5.56 -7.86 36.11
C3 PLG D . -7.22 -9.25 34.77
O3 PLG D . -8.02 -9.44 35.82
C4 PLG D . -7.63 -9.86 33.52
C4A PLG D . -8.94 -10.67 33.50
C5 PLG D . -6.72 -9.63 32.36
C6 PLG D . -5.56 -8.88 32.48
C5A PLG D . -7.21 -10.27 31.11
OP4 PLG D . -6.81 -9.92 29.82
P PLG D . -7.71 -10.66 28.71
OP1 PLG D . -6.58 -11.16 27.83
OP2 PLG D . -8.47 -11.80 29.37
OP3 PLG D . -8.65 -9.62 28.17
C PLG D . -11.23 -12.06 35.19
O PLG D . -12.37 -12.51 35.09
OXT PLG D . -10.98 -11.14 35.98
CA PLG D . -10.13 -12.65 34.34
N PLG D . -8.96 -11.81 34.36
C2 8AO E . -7.09 -15.36 39.11
C3 8AO E . -7.88 -16.44 39.33
C4 8AO E . -8.61 -17.15 38.19
C5 8AO E . -8.12 -16.67 36.84
C6 8AO E . -7.24 -15.51 36.67
C8 8AO E . -8.08 -16.89 40.52
C10 8AO E . -8.31 -17.12 35.42
C12 8AO E . -9.08 -18.28 34.84
C13 8AO E . -10.11 -16.79 38.31
C14 8AO E . -10.99 -17.72 37.52
C15 8AO E . -8.33 -18.65 38.35
C16 8AO E . -9.06 -19.39 39.31
C17 8AO E . -8.86 -20.75 39.49
C18 8AO E . -7.90 -21.41 38.73
C19 8AO E . -7.16 -20.71 37.78
C20 8AO E . -7.37 -19.34 37.59
O52 8AO E . -2.15 -24.23 35.42
S44 8AO E . -3.30 -23.86 34.64
O51 8AO E . -2.85 -23.08 33.54
C56 8AO E . -4.01 -25.16 33.86
C57 8AO E . -4.70 -26.19 34.74
C62 8AO E . -4.27 -26.52 36.03
C61 8AO E . -4.95 -27.49 36.78
C60 8AO E . -6.07 -28.13 36.25
C59 8AO E . -6.51 -27.80 34.96
C58 8AO E . -5.82 -26.84 34.21
C41 8AO E . -4.33 -22.98 35.50
C40 8AO E . -5.14 -22.02 34.88
C39 8AO E . -6.06 -21.29 35.62
C42 8AO E . -4.45 -23.19 36.87
C43 8AO E . -5.36 -22.44 37.60
C32 8AO E . -6.17 -21.48 36.98
C33 8AO E . -9.64 -21.50 40.51
F49 8AO E . -10.74 -20.88 40.93
F48 8AO E . -8.82 -21.60 41.53
F47 8AO E . -9.94 -22.71 40.05
C34 8AO E . -10.47 -15.33 38.02
N9 8AO E . -8.24 -17.29 41.59
N7 8AO E . -6.45 -14.71 40.10
N54 8AO E . -7.60 -16.25 34.66
N11 8AO E . -6.92 -15.24 35.38
O1 8AO E . -6.85 -14.81 37.77
CL CL F . -13.58 -7.49 17.52
N1 PLG G . 0.80 -14.21 8.49
C2 PLG G . 1.07 -13.94 7.19
C2A PLG G . 1.75 -14.92 6.26
C3 PLG G . 0.67 -12.63 6.64
O3 PLG G . 0.90 -12.29 5.38
C4 PLG G . 0.02 -11.66 7.51
C4A PLG G . -0.40 -10.31 6.91
C5 PLG G . -0.21 -12.09 8.92
C6 PLG G . 0.19 -13.36 9.35
C5A PLG G . -0.92 -11.06 9.74
OP4 PLG G . -1.30 -11.26 11.05
P PLG G . -2.12 -10.05 11.69
OP1 PLG G . -1.72 -8.80 10.90
OP2 PLG G . -1.56 -10.11 13.10
OP3 PLG G . -3.59 -10.41 11.52
C PLG G . -0.30 -8.08 4.75
O PLG G . -0.30 -9.09 4.00
OXT PLG G . -0.78 -7.03 4.35
CA PLG G . 0.29 -8.06 6.15
N PLG G . 0.65 -9.36 6.67
C2 8AO H . 6.46 -8.55 4.07
C3 8AO H . 6.52 -7.25 3.66
C4 8AO H . 5.80 -6.11 4.37
C5 8AO H . 5.16 -6.61 5.64
C6 8AO H . 5.11 -8.01 6.05
C8 8AO H . 7.19 -6.95 2.61
C10 8AO H . 4.43 -5.94 6.76
C12 8AO H . 4.12 -4.49 7.01
C13 8AO H . 4.66 -5.65 3.42
C14 8AO H . 4.09 -4.27 3.75
C15 8AO H . 6.86 -5.05 4.69
C16 8AO H . 7.26 -4.14 3.67
C17 8AO H . 8.24 -3.18 3.90
C18 8AO H . 8.83 -3.09 5.15
C19 8AO H . 8.47 -3.95 6.17
C20 8AO H . 7.49 -4.94 5.96
O52 8AO H . 12.62 -3.66 11.19
S44 8AO H . 11.46 -2.83 11.13
O51 8AO H . 10.63 -3.00 12.29
C56 8AO H . 11.95 -1.22 11.25
C57 8AO H . 12.41 -0.53 9.95
C62 8AO H . 13.75 -0.19 9.74
C61 8AO H . 14.14 0.43 8.54
C60 8AO H . 13.17 0.73 7.55
C59 8AO H . 11.84 0.40 7.76
C58 8AO H . 11.47 -0.21 8.95
C41 8AO H . 10.59 -3.19 9.82
C40 8AO H . 9.20 -3.32 9.84
C39 8AO H . 8.50 -3.58 8.67
C42 8AO H . 11.26 -3.32 8.61
C43 8AO H . 10.56 -3.58 7.45
C32 8AO H . 9.18 -3.73 7.47
C33 8AO H . 8.64 -2.22 2.79
F49 8AO H . 7.78 -2.20 1.79
F48 8AO H . 9.79 -2.55 2.26
F47 8AO H . 8.73 -1.00 3.30
C34 8AO H . 3.52 -6.66 3.24
N9 8AO H . 7.80 -6.68 1.66
N7 8AO H . 7.07 -9.56 3.43
N54 8AO H . 4.10 -6.93 7.60
N11 8AO H . 4.49 -8.23 7.22
O1 8AO H . 5.68 -8.96 5.26
N1 PLG I . 11.34 15.48 -42.80
C2 PLG I . 10.99 15.76 -41.52
C2A PLG I . 10.77 14.69 -40.48
C3 PLG I . 10.80 17.17 -41.13
O3 PLG I . 10.45 17.52 -39.90
C4 PLG I . 10.98 18.23 -42.10
C4A PLG I . 10.80 19.67 -41.64
C5 PLG I . 11.37 17.78 -43.47
C6 PLG I . 11.52 16.42 -43.75
C5A PLG I . 11.54 18.86 -44.49
OP4 PLG I . 12.52 18.82 -45.45
P PLG I . 12.57 20.11 -46.42
OP1 PLG I . 11.90 19.53 -47.65
OP2 PLG I . 11.75 21.20 -45.73
OP3 PLG I . 14.06 20.44 -46.55
C PLG I . 9.81 21.90 -39.71
O PLG I . 9.91 23.12 -39.44
OXT PLG I . 10.11 21.03 -38.88
CA PLG I . 9.28 21.53 -41.08
N PLG I . 9.47 20.13 -41.35
C2 8AO J . 3.87 18.80 -38.87
C3 8AO J . 3.21 19.97 -38.60
C4 8AO J . 3.43 21.24 -39.45
C5 8AO J . 4.28 20.97 -40.66
C6 8AO J . 4.96 19.69 -40.87
C8 8AO J . 2.39 20.07 -37.65
C10 8AO J . 4.72 21.75 -41.86
C12 8AO J . 4.39 23.14 -42.31
C13 8AO J . 4.20 22.25 -38.57
C14 8AO J . 4.19 23.67 -39.13
C15 8AO J . 2.02 21.72 -39.85
C16 8AO J . 1.25 22.41 -38.90
C17 8AO J . -0.03 22.85 -39.19
C18 8AO J . -0.58 22.60 -40.43
C19 8AO J . 0.12 21.89 -41.40
C20 8AO J . 1.43 21.47 -41.13
O52 8AO J . -3.72 20.17 -46.40
S44 8AO J . -2.95 21.39 -46.44
O51 8AO J . -2.11 21.42 -47.60
C56 8AO J . -4.01 22.70 -46.63
C57 8AO J . -4.59 23.35 -45.36
C62 8AO J . -5.70 22.81 -44.70
C61 8AO J . -6.22 23.42 -43.54
C60 8AO J . -5.64 24.61 -43.05
C59 8AO J . -4.56 25.17 -43.71
C58 8AO J . -4.04 24.55 -44.86
C41 8AO J . -2.07 21.49 -45.10
C40 8AO J . -0.74 21.94 -45.10
C39 8AO J . -0.02 22.07 -43.91
C42 8AO J . -2.65 21.17 -43.87
C43 8AO J . -1.93 21.30 -42.70
C32 8AO J . -0.60 21.73 -42.71
C33 8AO J . -0.83 23.58 -38.14
F49 8AO J . -0.17 23.95 -37.06
F48 8AO J . -1.73 22.73 -37.68
F47 8AO J . -1.42 24.62 -38.70
C34 8AO J . 5.64 21.84 -38.18
N9 8AO J . 1.63 20.17 -36.74
N7 8AO J . 3.69 17.69 -38.14
N54 8AO J . 5.52 20.92 -42.57
N11 8AO J . 5.68 19.65 -42.02
O1 8AO J . 4.81 18.69 -39.97
CL CL K . 21.85 26.50 -52.75
#